data_6FOF
#
_entry.id   6FOF
#
_cell.length_a   93.851
_cell.length_b   98.195
_cell.length_c   237.814
_cell.angle_alpha   90.000
_cell.angle_beta   90.000
_cell.angle_gamma   90.000
#
_symmetry.space_group_name_H-M   'P 21 21 21'
#
loop_
_entity.id
_entity.type
_entity.pdbx_description
1 polymer Galectin-3,Galectin-3
2 branched beta-D-galactopyranose-(1-4)-beta-D-glucopyranose
3 non-polymer 'SULFATE ION'
4 water water
#
_entity_poly.entity_id   1
_entity_poly.type   'polypeptide(L)'
_entity_poly.pdbx_seq_one_letter_code
;ADNFSLHDALSGSGNPNPQGWPGVYPGPPSGPGAYPSSGQPSATGAYPATGPYGAPAGPLIVPYNLPLPGGVVPRMLITI
LGTVKPNANRIALDFQRGNDVAFHFNPRFNENNRRVIVCNTKLDNNWGREERQSVFPFESGKPFKIQVLVEPDHFKVAVN
DAHLLQYNHRVKKLNEISKLGISGDIDLTSASYTMI
;
_entity_poly.pdbx_strand_id   C,D,E,G,A,B,F,H,I,J,K,L
#
loop_
_chem_comp.id
_chem_comp.type
_chem_comp.name
_chem_comp.formula
BGC D-saccharide, beta linking beta-D-glucopyranose 'C6 H12 O6'
GAL D-saccharide, beta linking beta-D-galactopyranose 'C6 H12 O6'
SO4 non-polymer 'SULFATE ION' 'O4 S -2'
#
# COMPACT_ATOMS: atom_id res chain seq x y z
N PRO A 59 -34.05 36.93 -6.25
CA PRO A 59 -33.00 35.94 -6.52
C PRO A 59 -33.19 35.26 -7.88
N LEU A 60 -32.50 34.13 -8.10
CA LEU A 60 -32.77 33.29 -9.26
C LEU A 60 -33.76 32.19 -8.82
N ILE A 61 -34.79 31.94 -9.63
CA ILE A 61 -35.79 30.90 -9.34
C ILE A 61 -35.42 29.66 -10.14
N VAL A 62 -35.54 28.50 -9.52
CA VAL A 62 -35.29 27.23 -10.19
C VAL A 62 -36.64 26.65 -10.53
N PRO A 63 -36.89 26.12 -11.73
CA PRO A 63 -35.94 26.07 -12.85
C PRO A 63 -35.77 27.42 -13.55
N TYR A 64 -34.53 27.68 -13.95
CA TYR A 64 -34.11 28.96 -14.43
C TYR A 64 -33.70 28.84 -15.88
N ASN A 65 -34.04 29.83 -16.68
CA ASN A 65 -33.53 29.92 -18.02
C ASN A 65 -32.42 31.01 -18.06
N LEU A 66 -31.20 30.63 -18.46
CA LEU A 66 -30.13 31.60 -18.82
C LEU A 66 -30.18 31.81 -20.32
N PRO A 67 -30.51 33.01 -20.78
CA PRO A 67 -30.56 33.19 -22.24
C PRO A 67 -29.15 33.22 -22.86
N LEU A 68 -29.02 32.63 -24.04
CA LEU A 68 -27.77 32.72 -24.79
C LEU A 68 -28.17 33.13 -26.19
N PRO A 69 -28.69 34.37 -26.32
CA PRO A 69 -29.12 34.88 -27.62
C PRO A 69 -27.86 35.18 -28.36
N GLY A 70 -27.77 34.83 -29.63
CA GLY A 70 -26.43 34.75 -30.25
C GLY A 70 -25.53 33.59 -29.78
N GLY A 71 -26.10 32.60 -29.11
CA GLY A 71 -25.58 31.26 -29.18
C GLY A 71 -24.41 30.89 -28.29
N VAL A 72 -23.85 29.70 -28.56
CA VAL A 72 -22.62 29.32 -27.92
C VAL A 72 -21.48 29.33 -28.93
N VAL A 73 -20.33 29.73 -28.44
CA VAL A 73 -19.29 30.16 -29.31
C VAL A 73 -18.01 29.68 -28.62
N PRO A 74 -17.03 29.19 -29.38
CA PRO A 74 -15.78 28.75 -28.74
C PRO A 74 -15.16 29.77 -27.72
N ARG A 75 -14.47 29.25 -26.70
CA ARG A 75 -13.86 30.05 -25.63
C ARG A 75 -14.90 30.62 -24.61
N MET A 76 -16.18 30.31 -24.79
CA MET A 76 -17.22 30.70 -23.86
C MET A 76 -17.21 29.76 -22.68
N LEU A 77 -17.28 30.34 -21.47
CA LEU A 77 -17.25 29.60 -20.23
C LEU A 77 -18.43 29.98 -19.39
N ILE A 78 -19.40 29.07 -19.28
CA ILE A 78 -20.56 29.23 -18.41
C ILE A 78 -20.21 28.78 -16.98
N THR A 79 -20.61 29.56 -15.98
CA THR A 79 -20.36 29.26 -14.58
C THR A 79 -21.69 29.35 -13.84
N ILE A 80 -22.10 28.28 -13.16
CA ILE A 80 -23.33 28.23 -12.41
C ILE A 80 -22.94 27.98 -10.96
N LEU A 81 -23.35 28.88 -10.06
CA LEU A 81 -23.14 28.72 -8.64
C LEU A 81 -24.44 28.49 -7.92
N GLY A 82 -24.37 27.69 -6.87
CA GLY A 82 -25.54 27.44 -6.05
C GLY A 82 -25.22 26.41 -4.98
N THR A 83 -26.30 25.83 -4.42
CA THR A 83 -26.24 24.88 -3.33
C THR A 83 -27.15 23.71 -3.62
N VAL A 84 -26.67 22.51 -3.38
CA VAL A 84 -27.51 21.32 -3.57
C VAL A 84 -28.45 21.26 -2.39
N LYS A 85 -29.72 21.07 -2.63
CA LYS A 85 -30.68 20.95 -1.54
C LYS A 85 -30.41 19.68 -0.71
N PRO A 86 -30.99 19.60 0.50
CA PRO A 86 -30.93 18.35 1.26
C PRO A 86 -31.69 17.26 0.53
N ASN A 87 -31.23 16.01 0.64
CA ASN A 87 -31.93 14.89 0.00
C ASN A 87 -32.17 15.09 -1.47
N ALA A 88 -31.17 15.60 -2.17
CA ALA A 88 -31.29 15.83 -3.59
C ALA A 88 -31.52 14.52 -4.33
N ASN A 89 -32.41 14.57 -5.32
CA ASN A 89 -32.54 13.52 -6.26
C ASN A 89 -31.79 13.72 -7.60
N ARG A 90 -31.86 14.93 -8.15
CA ARG A 90 -31.37 15.20 -9.51
C ARG A 90 -30.96 16.65 -9.70
N ILE A 91 -30.19 16.88 -10.76
CA ILE A 91 -29.87 18.22 -11.26
C ILE A 91 -29.90 18.08 -12.79
N ALA A 92 -30.29 19.13 -13.50
CA ALA A 92 -30.22 19.10 -14.98
C ALA A 92 -29.80 20.46 -15.54
N LEU A 93 -28.85 20.40 -16.50
CA LEU A 93 -28.52 21.49 -17.39
C LEU A 93 -28.94 21.08 -18.78
N ASP A 94 -29.78 21.91 -19.40
CA ASP A 94 -30.34 21.64 -20.74
C ASP A 94 -30.01 22.78 -21.74
N PHE A 95 -29.06 22.57 -22.64
CA PHE A 95 -28.75 23.55 -23.68
C PHE A 95 -29.67 23.28 -24.85
N GLN A 96 -30.57 24.25 -25.07
CA GLN A 96 -31.71 24.12 -25.97
C GLN A 96 -31.52 24.78 -27.33
N ARG A 97 -32.08 24.14 -28.35
CA ARG A 97 -32.04 24.66 -29.71
C ARG A 97 -33.33 24.40 -30.43
N GLY A 98 -34.19 25.40 -30.54
CA GLY A 98 -35.48 25.22 -31.16
C GLY A 98 -36.13 24.10 -30.39
N ASN A 99 -36.49 23.01 -31.07
CA ASN A 99 -37.25 21.90 -30.46
C ASN A 99 -36.34 20.80 -29.88
N ASP A 100 -35.01 21.00 -29.98
CA ASP A 100 -33.98 20.03 -29.54
C ASP A 100 -33.27 20.44 -28.26
N VAL A 101 -32.65 19.46 -27.60
CA VAL A 101 -31.81 19.73 -26.47
C VAL A 101 -30.45 19.33 -26.93
N ALA A 102 -29.60 20.29 -27.29
CA ALA A 102 -28.31 19.95 -27.86
C ALA A 102 -27.40 19.26 -26.88
N PHE A 103 -27.59 19.52 -25.59
CA PHE A 103 -26.69 18.98 -24.53
C PHE A 103 -27.40 19.07 -23.16
N HIS A 104 -27.75 17.90 -22.65
CA HIS A 104 -28.41 17.62 -21.38
C HIS A 104 -27.31 17.02 -20.55
N PHE A 105 -27.06 17.62 -19.37
CA PHE A 105 -26.06 17.16 -18.39
C PHE A 105 -26.87 16.87 -17.15
N ASN A 106 -26.92 15.61 -16.69
CA ASN A 106 -27.96 15.26 -15.69
C ASN A 106 -27.38 14.38 -14.63
N PRO A 107 -26.80 15.00 -13.57
CA PRO A 107 -26.43 14.28 -12.36
C PRO A 107 -27.66 13.73 -11.65
N ARG A 108 -27.58 12.45 -11.34
CA ARG A 108 -28.62 11.74 -10.62
C ARG A 108 -27.97 11.18 -9.38
N PHE A 109 -28.61 11.44 -8.25
CA PHE A 109 -28.08 11.15 -6.94
C PHE A 109 -28.31 9.72 -6.48
N ASN A 110 -29.33 9.11 -7.09
CA ASN A 110 -29.67 7.74 -6.89
C ASN A 110 -30.31 7.03 -8.14
N GLU A 111 -29.50 6.35 -8.94
CA GLU A 111 -29.99 5.26 -9.83
C GLU A 111 -29.59 3.86 -9.30
N ASN A 112 -30.51 3.12 -8.72
CA ASN A 112 -30.20 1.84 -8.11
C ASN A 112 -29.01 1.97 -7.14
N ASN A 113 -29.00 2.97 -6.28
CA ASN A 113 -27.94 3.21 -5.28
C ASN A 113 -26.53 3.50 -5.88
N ARG A 114 -26.50 4.04 -7.10
CA ARG A 114 -25.32 4.65 -7.66
C ARG A 114 -25.61 6.08 -8.03
N ARG A 115 -24.58 6.89 -7.98
CA ARG A 115 -24.65 8.27 -8.40
C ARG A 115 -24.04 8.19 -9.78
N VAL A 116 -24.68 8.84 -10.73
CA VAL A 116 -24.22 8.83 -12.11
C VAL A 116 -24.59 10.17 -12.76
N ILE A 117 -23.74 10.66 -13.63
CA ILE A 117 -24.03 11.80 -14.48
C ILE A 117 -24.35 11.18 -15.82
N VAL A 118 -25.51 11.55 -16.37
CA VAL A 118 -25.95 11.13 -17.67
C VAL A 118 -25.94 12.32 -18.61
N CYS A 119 -25.25 12.19 -19.75
CA CYS A 119 -25.28 13.23 -20.80
C CYS A 119 -25.92 12.74 -22.10
N ASN A 120 -26.70 13.59 -22.76
CA ASN A 120 -27.34 13.19 -24.00
C ASN A 120 -27.79 14.41 -24.81
N THR A 121 -28.37 14.11 -25.96
CA THR A 121 -28.98 15.05 -26.89
C THR A 121 -30.37 14.58 -27.28
N LYS A 122 -31.35 15.50 -27.25
CA LYS A 122 -32.72 15.20 -27.60
C LYS A 122 -33.08 15.92 -28.88
N LEU A 123 -33.47 15.17 -29.91
CA LEU A 123 -33.86 15.72 -31.21
C LEU A 123 -35.37 15.52 -31.29
N ASP A 124 -36.08 16.66 -31.24
CA ASP A 124 -37.53 16.75 -31.06
C ASP A 124 -37.96 15.91 -29.86
N ASN A 125 -38.59 14.76 -30.06
CA ASN A 125 -39.02 13.90 -28.95
C ASN A 125 -38.11 12.70 -28.59
N ASN A 126 -37.00 12.52 -29.33
CA ASN A 126 -36.07 11.39 -29.11
C ASN A 126 -34.70 11.69 -28.47
N TRP A 127 -34.51 11.16 -27.28
CA TRP A 127 -33.13 10.97 -26.70
C TRP A 127 -32.26 10.08 -27.54
N GLY A 128 -30.97 10.43 -27.63
CA GLY A 128 -30.00 9.67 -28.38
C GLY A 128 -29.16 8.74 -27.49
N ARG A 129 -27.92 8.49 -27.90
CA ARG A 129 -27.03 7.64 -27.14
C ARG A 129 -26.62 8.30 -25.81
N GLU A 130 -26.85 7.61 -24.71
CA GLU A 130 -26.44 8.09 -23.40
C GLU A 130 -24.94 7.94 -23.24
N GLU A 131 -24.35 8.93 -22.57
CA GLU A 131 -22.96 8.94 -22.18
C GLU A 131 -23.00 9.13 -20.68
N ARG A 132 -22.50 8.10 -20.00
CA ARG A 132 -22.64 7.93 -18.59
C ARG A 132 -21.28 8.02 -18.00
N GLN A 133 -21.21 8.64 -16.83
CA GLN A 133 -19.96 9.00 -16.16
C GLN A 133 -20.27 8.78 -14.69
N SER A 134 -19.34 8.19 -13.92
CA SER A 134 -19.61 7.94 -12.51
C SER A 134 -18.90 8.95 -11.57
N VAL A 135 -18.04 9.82 -12.11
CA VAL A 135 -17.46 10.95 -11.33
C VAL A 135 -18.58 11.94 -10.94
N PHE A 136 -18.59 12.40 -9.71
CA PHE A 136 -19.80 12.97 -9.12
C PHE A 136 -19.43 13.79 -7.88
N PRO A 137 -18.91 15.00 -8.07
CA PRO A 137 -18.47 15.74 -6.87
C PRO A 137 -19.54 16.41 -6.02
N PHE A 138 -20.82 16.37 -6.42
CA PHE A 138 -21.88 17.05 -5.69
C PHE A 138 -22.17 16.32 -4.39
N GLU A 139 -22.48 17.05 -3.32
CA GLU A 139 -22.98 16.45 -2.11
C GLU A 139 -24.22 17.23 -1.66
N SER A 140 -25.21 16.49 -1.15
CA SER A 140 -26.43 17.08 -0.58
C SER A 140 -26.14 18.17 0.44
N GLY A 141 -26.84 19.30 0.30
CA GLY A 141 -26.67 20.43 1.22
C GLY A 141 -25.46 21.31 1.07
N LYS A 142 -24.54 20.99 0.14
CA LYS A 142 -23.29 21.73 0.03
C LYS A 142 -23.23 22.62 -1.23
N PRO A 143 -22.45 23.71 -1.18
CA PRO A 143 -22.35 24.56 -2.35
C PRO A 143 -21.60 23.92 -3.55
N PHE A 144 -22.00 24.27 -4.78
CA PHE A 144 -21.32 23.76 -5.98
C PHE A 144 -20.99 24.88 -6.97
N LYS A 145 -20.07 24.57 -7.88
CA LYS A 145 -19.73 25.39 -9.03
C LYS A 145 -19.70 24.47 -10.25
N ILE A 146 -20.51 24.76 -11.25
CA ILE A 146 -20.48 24.03 -12.55
C ILE A 146 -19.96 25.00 -13.60
N GLN A 147 -18.89 24.61 -14.27
CA GLN A 147 -18.32 25.36 -15.38
C GLN A 147 -18.40 24.54 -16.68
N VAL A 148 -18.88 25.18 -17.76
CA VAL A 148 -19.01 24.57 -19.06
C VAL A 148 -18.23 25.43 -20.04
N LEU A 149 -17.15 24.87 -20.58
CA LEU A 149 -16.31 25.54 -21.54
C LEU A 149 -16.69 25.05 -22.91
N VAL A 150 -16.93 25.98 -23.84
CA VAL A 150 -17.30 25.61 -25.22
C VAL A 150 -16.06 25.57 -26.11
N GLU A 151 -15.87 24.45 -26.78
CA GLU A 151 -14.79 24.27 -27.73
C GLU A 151 -15.41 23.99 -29.10
N PRO A 152 -14.63 24.12 -30.17
CA PRO A 152 -15.22 23.88 -31.51
C PRO A 152 -15.88 22.50 -31.70
N ASP A 153 -15.33 21.49 -31.03
CA ASP A 153 -15.73 20.08 -31.23
C ASP A 153 -16.42 19.42 -30.03
N HIS A 154 -16.27 20.02 -28.85
CA HIS A 154 -16.95 19.49 -27.69
C HIS A 154 -17.24 20.55 -26.64
N PHE A 155 -18.08 20.20 -25.67
CA PHE A 155 -18.22 20.94 -24.42
C PHE A 155 -17.27 20.24 -23.40
N LYS A 156 -16.61 21.00 -22.53
CA LYS A 156 -15.86 20.50 -21.35
C LYS A 156 -16.69 20.87 -20.13
N VAL A 157 -16.81 19.96 -19.16
CA VAL A 157 -17.52 20.27 -17.95
C VAL A 157 -16.66 19.98 -16.77
N ALA A 158 -16.65 20.91 -15.83
CA ALA A 158 -15.92 20.82 -14.56
C ALA A 158 -16.82 21.27 -13.39
N VAL A 159 -16.85 20.46 -12.33
CA VAL A 159 -17.60 20.74 -11.12
C VAL A 159 -16.59 21.00 -10.00
N ASN A 160 -16.85 22.01 -9.19
CA ASN A 160 -15.92 22.43 -8.12
C ASN A 160 -14.46 22.40 -8.55
N ASP A 161 -14.18 22.96 -9.73
CA ASP A 161 -12.82 23.13 -10.26
C ASP A 161 -12.15 21.83 -10.78
N ALA A 162 -12.80 20.68 -10.59
CA ALA A 162 -12.32 19.41 -11.12
C ALA A 162 -13.01 19.07 -12.50
N HIS A 163 -12.21 19.07 -13.57
CA HIS A 163 -12.62 18.58 -14.87
C HIS A 163 -13.31 17.21 -14.74
N LEU A 164 -14.47 17.12 -15.34
CA LEU A 164 -15.34 15.98 -15.17
C LEU A 164 -15.42 15.13 -16.41
N LEU A 165 -15.65 15.79 -17.56
CA LEU A 165 -15.91 15.14 -18.84
C LEU A 165 -15.94 16.09 -20.06
N GLN A 166 -15.95 15.47 -21.23
CA GLN A 166 -16.14 16.07 -22.55
C GLN A 166 -17.38 15.43 -23.21
N TYR A 167 -18.19 16.25 -23.89
CA TYR A 167 -19.30 15.77 -24.67
C TYR A 167 -19.17 16.36 -26.06
N ASN A 168 -18.96 15.50 -27.08
CA ASN A 168 -18.84 15.93 -28.46
C ASN A 168 -20.13 16.55 -28.97
N HIS A 169 -20.01 17.68 -29.66
CA HIS A 169 -21.17 18.30 -30.27
C HIS A 169 -21.90 17.32 -31.18
N ARG A 170 -23.19 17.17 -30.99
CA ARG A 170 -24.05 16.42 -31.92
C ARG A 170 -24.85 17.42 -32.73
N VAL A 171 -25.37 18.44 -32.04
CA VAL A 171 -25.92 19.62 -32.67
C VAL A 171 -24.75 20.52 -33.08
N LYS A 172 -24.54 20.66 -34.39
CA LYS A 172 -23.32 21.32 -34.97
C LYS A 172 -23.46 22.82 -35.10
N LYS A 173 -24.68 23.30 -35.30
CA LYS A 173 -24.97 24.72 -35.41
C LYS A 173 -25.02 25.43 -34.06
N LEU A 174 -23.85 25.66 -33.50
CA LEU A 174 -23.69 26.21 -32.13
C LEU A 174 -24.32 27.57 -31.94
N ASN A 175 -24.27 28.39 -33.00
CA ASN A 175 -24.98 29.67 -33.04
C ASN A 175 -26.51 29.64 -32.78
N GLU A 176 -27.19 28.51 -32.98
CA GLU A 176 -28.68 28.44 -32.72
C GLU A 176 -29.09 28.01 -31.29
N ILE A 177 -28.13 27.49 -30.53
CA ILE A 177 -28.33 27.09 -29.14
C ILE A 177 -28.60 28.37 -28.32
N SER A 178 -29.88 28.66 -28.13
CA SER A 178 -30.37 29.91 -27.56
C SER A 178 -30.42 30.03 -26.08
N LYS A 179 -30.57 28.92 -25.39
CA LYS A 179 -31.09 28.89 -24.01
C LYS A 179 -30.36 27.84 -23.23
N LEU A 180 -30.03 28.12 -21.97
CA LEU A 180 -29.57 27.11 -21.03
C LEU A 180 -30.59 27.01 -19.92
N GLY A 181 -31.26 25.87 -19.83
CA GLY A 181 -32.15 25.53 -18.69
C GLY A 181 -31.38 24.93 -17.52
N ILE A 182 -31.60 25.46 -16.32
CA ILE A 182 -30.98 24.95 -15.10
C ILE A 182 -32.11 24.50 -14.17
N SER A 183 -32.27 23.18 -13.95
CA SER A 183 -33.30 22.63 -13.04
C SER A 183 -32.80 21.59 -12.05
N GLY A 184 -33.72 21.17 -11.19
CA GLY A 184 -33.52 20.11 -10.22
C GLY A 184 -33.36 20.62 -8.78
N ASP A 185 -32.73 19.81 -7.92
CA ASP A 185 -32.78 20.00 -6.49
C ASP A 185 -31.61 20.88 -6.04
N ILE A 186 -31.73 22.16 -6.38
CA ILE A 186 -30.73 23.16 -6.09
C ILE A 186 -31.38 24.48 -5.77
N ASP A 187 -30.61 25.29 -5.03
CA ASP A 187 -30.86 26.69 -4.90
C ASP A 187 -29.70 27.31 -5.69
N LEU A 188 -30.06 28.26 -6.54
CA LEU A 188 -29.17 28.89 -7.50
C LEU A 188 -28.80 30.26 -7.00
N THR A 189 -27.51 30.57 -7.01
CA THR A 189 -26.99 31.88 -6.63
C THR A 189 -26.62 32.73 -7.85
N SER A 190 -25.94 32.18 -8.85
CA SER A 190 -25.72 32.94 -10.07
C SER A 190 -25.49 32.04 -11.25
N ALA A 191 -25.87 32.56 -12.42
CA ALA A 191 -25.73 31.94 -13.70
C ALA A 191 -25.15 32.99 -14.62
N SER A 192 -23.91 32.80 -15.04
CA SER A 192 -23.29 33.76 -15.93
C SER A 192 -22.28 33.13 -16.81
N TYR A 193 -21.81 33.90 -17.79
CA TYR A 193 -20.79 33.42 -18.68
C TYR A 193 -19.78 34.47 -19.06
N THR A 194 -18.64 33.97 -19.49
CA THR A 194 -17.54 34.80 -19.86
C THR A 194 -17.20 34.52 -21.33
N MET A 195 -16.87 35.57 -22.12
CA MET A 195 -16.39 35.41 -23.50
C MET A 195 -15.01 35.98 -23.54
N ILE A 196 -14.10 35.21 -24.12
CA ILE A 196 -12.66 35.39 -23.85
C ILE A 196 -11.94 35.50 -25.19
N TYR B 47 -38.81 40.43 -13.28
CA TYR B 47 -40.18 39.87 -13.12
C TYR B 47 -40.47 38.87 -11.93
N PRO B 48 -39.43 38.38 -11.17
CA PRO B 48 -39.81 37.52 -10.00
C PRO B 48 -40.33 38.33 -8.75
N ALA B 49 -41.55 38.02 -8.33
CA ALA B 49 -42.19 38.70 -7.18
C ALA B 49 -41.62 38.22 -5.83
N THR B 50 -40.72 39.01 -5.26
CA THR B 50 -40.29 38.83 -3.86
C THR B 50 -41.30 39.46 -2.90
N GLY B 51 -41.22 39.03 -1.65
CA GLY B 51 -42.00 39.63 -0.59
C GLY B 51 -42.14 38.76 0.63
N PRO B 52 -42.95 39.20 1.59
CA PRO B 52 -43.07 38.49 2.87
C PRO B 52 -44.06 37.30 2.89
N TYR B 53 -44.76 37.02 1.78
CA TYR B 53 -45.83 35.98 1.76
C TYR B 53 -45.38 34.57 1.33
N GLY B 54 -44.13 34.45 0.87
CA GLY B 54 -43.48 33.14 0.67
C GLY B 54 -42.20 33.24 -0.12
N ALA B 55 -41.71 32.09 -0.62
CA ALA B 55 -40.47 32.06 -1.39
C ALA B 55 -40.61 32.90 -2.67
N PRO B 56 -39.48 33.42 -3.23
CA PRO B 56 -39.60 34.20 -4.48
C PRO B 56 -40.39 33.47 -5.60
N ALA B 57 -41.31 34.21 -6.23
CA ALA B 57 -42.32 33.67 -7.15
C ALA B 57 -42.02 34.03 -8.61
N GLY B 58 -42.05 33.01 -9.47
CA GLY B 58 -41.83 33.20 -10.92
C GLY B 58 -43.03 33.82 -11.64
N PRO B 59 -42.76 34.64 -12.67
CA PRO B 59 -43.85 35.29 -13.44
C PRO B 59 -44.71 34.25 -14.25
N LEU B 60 -45.84 34.71 -14.83
CA LEU B 60 -46.79 33.85 -15.60
C LEU B 60 -46.33 33.74 -17.04
N ILE B 61 -45.21 33.04 -17.14
CA ILE B 61 -44.48 32.90 -18.35
C ILE B 61 -43.97 31.49 -18.28
N VAL B 62 -44.05 30.84 -19.41
CA VAL B 62 -43.63 29.46 -19.60
C VAL B 62 -42.11 29.33 -19.63
N PRO B 63 -41.53 28.31 -18.97
CA PRO B 63 -42.22 27.23 -18.26
C PRO B 63 -42.54 27.57 -16.81
N TYR B 64 -43.72 27.20 -16.34
CA TYR B 64 -44.23 27.69 -15.08
C TYR B 64 -44.70 26.56 -14.21
N ASN B 65 -44.40 26.65 -12.91
CA ASN B 65 -44.93 25.74 -11.88
C ASN B 65 -46.09 26.37 -11.12
N LEU B 66 -47.27 25.74 -11.17
CA LEU B 66 -48.41 26.07 -10.31
C LEU B 66 -48.41 25.21 -9.05
N PRO B 67 -48.05 25.79 -7.88
CA PRO B 67 -48.04 24.96 -6.67
C PRO B 67 -49.44 24.41 -6.28
N LEU B 68 -49.48 23.14 -5.89
CA LEU B 68 -50.68 22.51 -5.39
C LEU B 68 -50.42 22.08 -3.94
N PRO B 69 -50.54 23.03 -2.99
CA PRO B 69 -50.45 22.61 -1.56
C PRO B 69 -51.65 21.76 -1.17
N GLY B 70 -51.42 20.76 -0.33
CA GLY B 70 -52.38 19.65 -0.14
C GLY B 70 -52.38 18.61 -1.27
N GLY B 71 -51.67 18.89 -2.37
CA GLY B 71 -51.71 18.08 -3.56
C GLY B 71 -53.07 18.06 -4.24
N VAL B 72 -53.43 16.93 -4.85
CA VAL B 72 -54.71 16.82 -5.55
C VAL B 72 -55.65 15.87 -4.80
N VAL B 73 -56.95 16.12 -4.99
CA VAL B 73 -58.00 15.40 -4.31
C VAL B 73 -59.25 15.37 -5.22
N PRO B 74 -60.10 14.32 -5.12
CA PRO B 74 -61.25 14.34 -6.04
C PRO B 74 -62.19 15.52 -5.82
N ARG B 75 -62.80 15.94 -6.93
CA ARG B 75 -63.62 17.14 -7.10
C ARG B 75 -62.82 18.45 -7.27
N MET B 76 -61.49 18.37 -7.28
CA MET B 76 -60.62 19.49 -7.73
C MET B 76 -60.60 19.87 -9.23
N LEU B 77 -60.62 21.17 -9.54
CA LEU B 77 -60.77 21.66 -10.91
C LEU B 77 -59.73 22.72 -11.27
N ILE B 78 -58.75 22.32 -12.07
CA ILE B 78 -57.70 23.24 -12.45
C ILE B 78 -58.10 23.97 -13.74
N THR B 79 -57.99 25.29 -13.76
CA THR B 79 -58.29 26.04 -14.99
C THR B 79 -57.06 26.78 -15.54
N ILE B 80 -56.83 26.65 -16.85
CA ILE B 80 -55.68 27.27 -17.47
C ILE B 80 -56.12 28.02 -18.69
N LEU B 81 -55.75 29.30 -18.77
CA LEU B 81 -56.14 30.16 -19.85
C LEU B 81 -54.90 30.72 -20.45
N GLY B 82 -54.94 30.88 -21.76
CA GLY B 82 -53.79 31.35 -22.47
C GLY B 82 -54.09 31.38 -23.93
N THR B 83 -53.08 31.65 -24.72
CA THR B 83 -53.14 31.66 -26.16
C THR B 83 -51.96 30.82 -26.66
N VAL B 84 -52.23 30.05 -27.71
CA VAL B 84 -51.21 29.24 -28.35
C VAL B 84 -50.38 30.23 -29.14
N LYS B 85 -49.06 30.12 -29.10
CA LYS B 85 -48.21 30.98 -29.91
C LYS B 85 -48.37 30.68 -31.39
N PRO B 86 -47.95 31.61 -32.24
CA PRO B 86 -47.91 31.21 -33.63
C PRO B 86 -46.81 30.14 -33.86
N ASN B 87 -47.08 29.22 -34.78
CA ASN B 87 -46.15 28.13 -35.11
C ASN B 87 -45.87 27.25 -33.93
N ALA B 88 -46.93 26.93 -33.19
CA ALA B 88 -46.71 26.08 -32.06
C ALA B 88 -46.11 24.72 -32.46
N ASN B 89 -45.15 24.25 -31.68
CA ASN B 89 -44.66 22.87 -31.83
C ASN B 89 -45.36 21.96 -30.81
N ARG B 90 -45.47 22.41 -29.56
CA ARG B 90 -45.93 21.55 -28.47
C ARG B 90 -46.55 22.35 -27.35
N ILE B 91 -47.30 21.67 -26.48
CA ILE B 91 -47.81 22.22 -25.24
C ILE B 91 -47.58 21.10 -24.26
N ALA B 92 -47.35 21.38 -22.97
CA ALA B 92 -47.29 20.30 -22.00
C ALA B 92 -47.78 20.72 -20.64
N LEU B 93 -48.55 19.83 -20.03
CA LEU B 93 -48.89 19.89 -18.61
C LEU B 93 -48.28 18.73 -17.87
N ASP B 94 -47.62 19.00 -16.75
CA ASP B 94 -46.85 17.97 -16.06
C ASP B 94 -47.25 17.97 -14.58
N PHE B 95 -48.18 17.13 -14.17
CA PHE B 95 -48.50 16.97 -12.75
C PHE B 95 -47.44 16.15 -12.00
N GLN B 96 -46.73 16.77 -11.07
CA GLN B 96 -45.51 16.20 -10.45
C GLN B 96 -45.69 15.73 -9.01
N ARG B 97 -45.10 14.57 -8.67
CA ARG B 97 -45.03 14.02 -7.33
C ARG B 97 -43.63 13.56 -7.14
N GLY B 98 -42.96 14.18 -6.18
CA GLY B 98 -41.60 13.83 -5.85
C GLY B 98 -40.84 13.86 -7.14
N ASN B 99 -40.38 12.68 -7.52
CA ASN B 99 -39.48 12.52 -8.64
C ASN B 99 -40.21 11.95 -9.85
N ASP B 100 -41.53 11.80 -9.75
CA ASP B 100 -42.37 11.27 -10.81
C ASP B 100 -43.19 12.39 -11.47
N VAL B 101 -43.70 12.11 -12.66
CA VAL B 101 -44.75 12.93 -13.28
C VAL B 101 -45.96 12.02 -13.31
N ALA B 102 -46.96 12.33 -12.50
CA ALA B 102 -48.13 11.46 -12.38
C ALA B 102 -48.98 11.49 -13.64
N PHE B 103 -48.99 12.64 -14.31
CA PHE B 103 -49.83 12.82 -15.48
C PHE B 103 -49.24 13.91 -16.38
N HIS B 104 -48.86 13.47 -17.57
CA HIS B 104 -48.20 14.28 -18.56
C HIS B 104 -49.26 14.41 -19.65
N PHE B 105 -49.62 15.63 -20.03
CA PHE B 105 -50.61 15.87 -21.07
C PHE B 105 -49.87 16.69 -22.11
N ASN B 106 -49.71 16.18 -23.33
CA ASN B 106 -48.74 16.71 -24.27
C ASN B 106 -49.31 16.80 -25.72
N PRO B 107 -49.98 17.93 -26.00
CA PRO B 107 -50.40 18.21 -27.38
C PRO B 107 -49.17 18.40 -28.24
N ARG B 108 -49.06 17.67 -29.35
CA ARG B 108 -47.97 17.86 -30.32
C ARG B 108 -48.58 18.25 -31.64
N PHE B 109 -48.09 19.34 -32.20
CA PHE B 109 -48.65 19.95 -33.40
C PHE B 109 -48.13 19.38 -34.72
N ASN B 110 -47.01 18.65 -34.66
CA ASN B 110 -46.50 17.92 -35.78
C ASN B 110 -45.67 16.74 -35.33
N GLU B 111 -46.25 15.55 -35.30
CA GLU B 111 -45.50 14.33 -35.16
C GLU B 111 -45.67 13.60 -36.51
N ASN B 112 -44.75 13.85 -37.40
CA ASN B 112 -44.79 13.34 -38.78
C ASN B 112 -46.05 13.82 -39.49
N ASN B 113 -46.22 15.12 -39.57
CA ASN B 113 -47.40 15.84 -40.10
C ASN B 113 -48.79 15.36 -39.62
N ARG B 114 -48.86 14.81 -38.41
CA ARG B 114 -50.12 14.57 -37.72
C ARG B 114 -50.07 15.32 -36.38
N ARG B 115 -51.24 15.72 -35.92
CA ARG B 115 -51.44 16.33 -34.64
C ARG B 115 -51.90 15.22 -33.73
N VAL B 116 -51.37 15.18 -32.50
CA VAL B 116 -51.64 14.07 -31.64
C VAL B 116 -51.44 14.63 -30.25
N ILE B 117 -52.26 14.18 -29.32
CA ILE B 117 -52.05 14.40 -27.94
C ILE B 117 -51.53 13.07 -27.35
N VAL B 118 -50.42 13.16 -26.62
CA VAL B 118 -49.84 12.07 -25.89
C VAL B 118 -49.99 12.25 -24.37
N CYS B 119 -50.62 11.29 -23.68
CA CYS B 119 -50.66 11.25 -22.24
C CYS B 119 -49.79 10.10 -21.70
N ASN B 120 -49.13 10.30 -20.56
CA ASN B 120 -48.31 9.23 -20.00
C ASN B 120 -47.93 9.55 -18.52
N THR B 121 -47.17 8.66 -17.92
CA THR B 121 -46.70 8.81 -16.57
C THR B 121 -45.19 8.51 -16.60
N LYS B 122 -44.44 9.25 -15.77
CA LYS B 122 -43.00 9.10 -15.68
C LYS B 122 -42.73 8.73 -14.25
N LEU B 123 -42.27 7.48 -14.02
CA LEU B 123 -41.72 7.03 -12.74
C LEU B 123 -40.19 7.10 -12.85
N ASP B 124 -39.60 7.81 -11.88
CA ASP B 124 -38.51 8.82 -12.05
C ASP B 124 -37.83 9.04 -13.40
N ASN B 125 -37.01 8.13 -13.95
CA ASN B 125 -36.50 8.40 -15.28
C ASN B 125 -37.23 7.67 -16.37
N ASN B 126 -38.25 6.88 -16.05
CA ASN B 126 -38.94 6.02 -17.05
C ASN B 126 -40.40 6.40 -17.42
N TRP B 127 -40.60 6.80 -18.67
CA TRP B 127 -41.95 6.84 -19.28
C TRP B 127 -42.58 5.46 -19.47
N GLY B 128 -43.87 5.37 -19.16
CA GLY B 128 -44.59 4.13 -19.27
C GLY B 128 -45.38 4.07 -20.56
N ARG B 129 -46.52 3.37 -20.50
CA ARG B 129 -47.37 3.14 -21.66
C ARG B 129 -47.92 4.48 -22.13
N GLU B 130 -47.68 4.80 -23.39
CA GLU B 130 -48.24 6.02 -24.01
C GLU B 130 -49.73 5.88 -24.37
N GLU B 131 -50.50 6.92 -24.11
CA GLU B 131 -51.89 6.97 -24.54
C GLU B 131 -51.98 8.10 -25.56
N ARG B 132 -52.29 7.74 -26.80
CA ARG B 132 -52.34 8.65 -27.92
C ARG B 132 -53.76 8.88 -28.39
N GLN B 133 -54.13 10.13 -28.65
CA GLN B 133 -55.44 10.43 -29.12
C GLN B 133 -55.27 11.49 -30.21
N SER B 134 -56.24 11.57 -31.11
CA SER B 134 -56.13 12.33 -32.35
C SER B 134 -56.94 13.65 -32.42
N VAL B 135 -58.01 13.72 -31.62
CA VAL B 135 -58.78 14.92 -31.42
C VAL B 135 -57.89 15.99 -30.77
N PHE B 136 -57.82 17.17 -31.38
CA PHE B 136 -56.82 18.16 -31.12
C PHE B 136 -57.46 19.52 -31.33
N PRO B 137 -58.05 20.08 -30.26
CA PRO B 137 -58.77 21.34 -30.43
C PRO B 137 -57.88 22.55 -30.64
N PHE B 138 -56.61 22.50 -30.25
CA PHE B 138 -55.77 23.70 -30.23
C PHE B 138 -55.44 24.14 -31.63
N GLU B 139 -55.18 25.44 -31.78
CA GLU B 139 -54.87 26.03 -33.10
C GLU B 139 -53.89 27.18 -32.91
N SER B 140 -52.94 27.32 -33.83
CA SER B 140 -51.87 28.34 -33.69
C SER B 140 -52.47 29.73 -33.53
N GLY B 141 -51.91 30.52 -32.60
CA GLY B 141 -52.37 31.88 -32.31
C GLY B 141 -53.83 32.03 -31.88
N LYS B 142 -54.39 31.04 -31.17
CA LYS B 142 -55.80 31.05 -30.74
C LYS B 142 -55.91 30.88 -29.21
N PRO B 143 -56.82 31.64 -28.57
CA PRO B 143 -56.98 31.38 -27.15
C PRO B 143 -57.49 29.98 -26.90
N PHE B 144 -57.28 29.50 -25.69
CA PHE B 144 -57.78 28.23 -25.28
C PHE B 144 -58.01 28.24 -23.80
N LYS B 145 -58.88 27.34 -23.37
CA LYS B 145 -59.11 27.04 -21.98
C LYS B 145 -58.94 25.53 -21.81
N ILE B 146 -58.04 25.12 -20.92
CA ILE B 146 -57.93 23.71 -20.53
C ILE B 146 -58.50 23.58 -19.16
N GLN B 147 -59.39 22.62 -18.94
CA GLN B 147 -59.81 22.34 -17.58
C GLN B 147 -59.41 20.92 -17.24
N VAL B 148 -58.98 20.71 -16.00
CA VAL B 148 -58.70 19.39 -15.48
C VAL B 148 -59.52 19.15 -14.22
N LEU B 149 -60.53 18.29 -14.31
CA LEU B 149 -61.31 17.85 -13.18
C LEU B 149 -60.69 16.56 -12.63
N VAL B 150 -60.42 16.55 -11.32
CA VAL B 150 -59.93 15.39 -10.64
C VAL B 150 -61.06 14.54 -10.10
N GLU B 151 -61.06 13.26 -10.47
CA GLU B 151 -62.02 12.27 -9.98
C GLU B 151 -61.21 11.17 -9.32
N PRO B 152 -61.86 10.26 -8.59
CA PRO B 152 -61.06 9.28 -7.85
C PRO B 152 -60.39 8.21 -8.71
N ASP B 153 -61.00 7.87 -9.84
CA ASP B 153 -60.48 6.86 -10.79
C ASP B 153 -59.52 7.42 -11.84
N HIS B 154 -59.62 8.74 -12.10
CA HIS B 154 -59.00 9.35 -13.27
C HIS B 154 -59.02 10.87 -13.27
N PHE B 155 -58.20 11.43 -14.15
CA PHE B 155 -58.24 12.81 -14.57
C PHE B 155 -59.18 12.95 -15.78
N LYS B 156 -60.09 13.93 -15.79
CA LYS B 156 -60.83 14.31 -17.00
C LYS B 156 -60.31 15.61 -17.47
N VAL B 157 -60.08 15.73 -18.76
CA VAL B 157 -59.57 16.95 -19.34
C VAL B 157 -60.58 17.49 -20.33
N ALA B 158 -60.92 18.77 -20.22
CA ALA B 158 -61.79 19.44 -21.18
C ALA B 158 -61.07 20.63 -21.77
N VAL B 159 -61.35 20.94 -23.03
CA VAL B 159 -60.73 22.07 -23.71
C VAL B 159 -61.84 22.91 -24.37
N ASN B 160 -61.71 24.22 -24.26
CA ASN B 160 -62.73 25.17 -24.77
C ASN B 160 -64.18 24.75 -24.46
N ASP B 161 -64.45 24.41 -23.20
CA ASP B 161 -65.79 23.96 -22.72
C ASP B 161 -66.31 22.59 -23.19
N ALA B 162 -65.51 21.83 -23.96
CA ALA B 162 -65.95 20.50 -24.39
C ALA B 162 -64.93 19.44 -23.95
N HIS B 163 -65.47 18.32 -23.46
CA HIS B 163 -64.71 17.17 -22.97
C HIS B 163 -63.80 16.61 -24.08
N LEU B 164 -62.58 16.20 -23.73
CA LEU B 164 -61.58 15.74 -24.68
C LEU B 164 -61.14 14.31 -24.35
N LEU B 165 -60.64 14.05 -23.15
CA LEU B 165 -60.16 12.71 -22.79
C LEU B 165 -60.14 12.47 -21.32
N GLN B 166 -59.98 11.18 -20.97
CA GLN B 166 -59.85 10.68 -19.59
C GLN B 166 -58.50 10.02 -19.44
N TYR B 167 -57.89 10.10 -18.26
CA TYR B 167 -56.62 9.41 -17.97
C TYR B 167 -56.63 8.76 -16.60
N ASN B 168 -56.65 7.43 -16.54
CA ASN B 168 -56.68 6.74 -15.25
C ASN B 168 -55.39 6.92 -14.49
N HIS B 169 -55.54 7.04 -13.17
CA HIS B 169 -54.43 7.30 -12.26
C HIS B 169 -53.48 6.12 -12.23
N ARG B 170 -52.22 6.34 -12.54
CA ARG B 170 -51.19 5.31 -12.33
C ARG B 170 -50.49 5.60 -11.00
N VAL B 171 -50.16 6.87 -10.75
CA VAL B 171 -49.79 7.33 -9.42
C VAL B 171 -51.04 7.49 -8.54
N LYS B 172 -51.13 6.67 -7.48
CA LYS B 172 -52.36 6.50 -6.64
C LYS B 172 -52.48 7.49 -5.47
N LYS B 173 -51.35 7.85 -4.88
CA LYS B 173 -51.34 8.81 -3.78
C LYS B 173 -51.54 10.24 -4.26
N LEU B 174 -52.80 10.60 -4.51
CA LEU B 174 -53.10 11.90 -5.13
C LEU B 174 -52.63 13.07 -4.28
N ASN B 175 -52.85 12.96 -2.96
CA ASN B 175 -52.36 13.97 -1.99
C ASN B 175 -50.88 14.36 -2.17
N GLU B 176 -50.05 13.45 -2.66
CA GLU B 176 -48.61 13.70 -2.82
C GLU B 176 -48.24 14.51 -4.10
N ILE B 177 -49.15 14.68 -5.04
CA ILE B 177 -48.87 15.43 -6.28
C ILE B 177 -48.72 16.94 -5.97
N SER B 178 -47.49 17.43 -5.95
CA SER B 178 -47.15 18.74 -5.36
C SER B 178 -47.44 19.91 -6.25
N LYS B 179 -47.11 19.78 -7.53
CA LYS B 179 -46.99 20.91 -8.46
C LYS B 179 -47.68 20.57 -9.78
N LEU B 180 -47.84 21.58 -10.65
CA LEU B 180 -48.28 21.42 -12.01
C LEU B 180 -47.38 22.24 -12.91
N GLY B 181 -46.59 21.57 -13.74
CA GLY B 181 -45.76 22.24 -14.75
C GLY B 181 -46.62 22.56 -15.94
N ILE B 182 -46.34 23.70 -16.58
CA ILE B 182 -47.09 24.20 -17.74
C ILE B 182 -46.05 24.79 -18.64
N SER B 183 -45.81 24.16 -19.78
CA SER B 183 -44.75 24.59 -20.67
C SER B 183 -45.15 24.47 -22.12
N GLY B 184 -44.25 24.90 -23.00
CA GLY B 184 -44.44 24.81 -24.41
C GLY B 184 -44.76 26.16 -25.01
N ASP B 185 -45.42 26.12 -26.14
CA ASP B 185 -45.61 27.26 -27.01
C ASP B 185 -46.97 27.90 -26.74
N ILE B 186 -47.14 28.33 -25.49
CA ILE B 186 -48.29 29.10 -25.08
C ILE B 186 -47.91 30.36 -24.31
N ASP B 187 -48.65 31.44 -24.57
CA ASP B 187 -48.65 32.63 -23.71
C ASP B 187 -49.73 32.38 -22.71
N LEU B 188 -49.38 32.55 -21.45
CA LEU B 188 -50.22 32.09 -20.35
C LEU B 188 -50.87 33.30 -19.69
N THR B 189 -52.14 33.17 -19.35
CA THR B 189 -52.99 34.26 -18.90
C THR B 189 -53.48 34.02 -17.47
N SER B 190 -53.84 32.80 -17.13
CA SER B 190 -54.11 32.48 -15.75
C SER B 190 -54.08 30.98 -15.51
N ALA B 191 -54.02 30.63 -14.24
CA ALA B 191 -53.75 29.30 -13.81
C ALA B 191 -54.17 29.18 -12.37
N SER B 192 -55.25 28.44 -12.13
CA SER B 192 -55.86 28.33 -10.81
C SER B 192 -56.71 27.09 -10.57
N TYR B 193 -57.04 26.87 -9.33
CA TYR B 193 -57.74 25.68 -8.89
C TYR B 193 -58.81 26.08 -7.90
N THR B 194 -59.85 25.29 -7.85
CA THR B 194 -60.90 25.50 -6.92
C THR B 194 -61.63 24.19 -6.81
N MET B 195 -62.25 23.92 -5.66
CA MET B 195 -63.06 22.71 -5.47
C MET B 195 -64.46 22.94 -6.00
N ILE B 196 -65.12 21.86 -6.41
CA ILE B 196 -66.51 21.87 -6.89
C ILE B 196 -67.25 20.72 -6.23
N PRO C 59 -24.55 -27.25 -34.54
CA PRO C 59 -24.96 -26.89 -33.18
C PRO C 59 -26.39 -26.30 -33.11
N LEU C 60 -26.66 -25.51 -32.06
CA LEU C 60 -27.91 -24.75 -31.94
C LEU C 60 -27.76 -23.43 -32.68
N ILE C 61 -28.82 -23.05 -33.38
CA ILE C 61 -28.85 -21.85 -34.22
C ILE C 61 -29.33 -20.64 -33.40
N VAL C 62 -28.67 -19.50 -33.59
CA VAL C 62 -28.97 -18.27 -32.87
C VAL C 62 -29.56 -17.30 -33.88
N PRO C 63 -30.68 -16.63 -33.59
CA PRO C 63 -31.34 -16.64 -32.26
C PRO C 63 -32.10 -17.95 -31.99
N TYR C 64 -32.10 -18.37 -30.72
CA TYR C 64 -32.56 -19.68 -30.31
C TYR C 64 -33.63 -19.57 -29.24
N ASN C 65 -34.61 -20.46 -29.35
CA ASN C 65 -35.67 -20.52 -28.41
C ASN C 65 -35.57 -21.78 -27.52
N LEU C 66 -35.50 -21.58 -26.21
CA LEU C 66 -35.58 -22.70 -25.27
C LEU C 66 -36.95 -22.70 -24.65
N PRO C 67 -37.79 -23.66 -25.03
CA PRO C 67 -39.09 -23.80 -24.34
C PRO C 67 -38.94 -24.03 -22.88
N LEU C 68 -39.79 -23.41 -22.09
CA LEU C 68 -39.99 -23.73 -20.70
C LEU C 68 -41.49 -23.90 -20.42
N PRO C 69 -42.16 -24.83 -21.11
CA PRO C 69 -43.60 -24.97 -20.82
C PRO C 69 -43.87 -25.34 -19.34
N GLY C 70 -45.00 -24.93 -18.78
CA GLY C 70 -45.12 -25.00 -17.32
C GLY C 70 -44.02 -24.28 -16.54
N GLY C 71 -43.46 -23.22 -17.14
CA GLY C 71 -42.98 -22.07 -16.37
C GLY C 71 -41.60 -22.18 -15.78
N VAL C 72 -41.18 -21.12 -15.11
CA VAL C 72 -40.04 -21.26 -14.23
C VAL C 72 -40.57 -21.46 -12.85
N VAL C 73 -39.80 -22.20 -12.06
CA VAL C 73 -40.27 -22.63 -10.76
C VAL C 73 -39.07 -22.60 -9.82
N PRO C 74 -39.27 -22.35 -8.53
CA PRO C 74 -38.07 -22.25 -7.69
C PRO C 74 -37.17 -23.50 -7.72
N ARG C 75 -35.89 -23.30 -7.40
CA ARG C 75 -34.82 -24.31 -7.54
C ARG C 75 -34.43 -24.74 -8.97
N MET C 76 -35.07 -24.16 -9.99
CA MET C 76 -34.74 -24.39 -11.40
C MET C 76 -33.39 -23.78 -11.77
N LEU C 77 -32.62 -24.44 -12.63
CA LEU C 77 -31.29 -23.96 -13.04
C LEU C 77 -31.10 -24.02 -14.55
N ILE C 78 -31.14 -22.86 -15.21
CA ILE C 78 -30.89 -22.80 -16.64
C ILE C 78 -29.39 -22.67 -16.93
N THR C 79 -28.87 -23.56 -17.77
CA THR C 79 -27.47 -23.57 -18.17
C THR C 79 -27.33 -23.37 -19.67
N ILE C 80 -26.54 -22.36 -20.07
CA ILE C 80 -26.32 -21.98 -21.47
C ILE C 80 -24.77 -22.04 -21.64
N LEU C 81 -24.30 -22.95 -22.50
CA LEU C 81 -22.90 -23.11 -22.86
C LEU C 81 -22.60 -22.65 -24.28
N GLY C 82 -21.45 -21.99 -24.48
CA GLY C 82 -21.07 -21.64 -25.85
C GLY C 82 -19.81 -20.84 -25.99
N THR C 83 -19.59 -20.32 -27.18
CA THR C 83 -18.42 -19.54 -27.44
C THR C 83 -18.82 -18.17 -27.93
N VAL C 84 -18.24 -17.15 -27.32
CA VAL C 84 -18.50 -15.76 -27.72
C VAL C 84 -17.80 -15.57 -29.04
N LYS C 85 -18.46 -14.96 -30.01
CA LYS C 85 -17.81 -14.64 -31.28
C LYS C 85 -16.60 -13.68 -31.15
N PRO C 86 -15.81 -13.55 -32.22
CA PRO C 86 -14.80 -12.50 -32.19
C PRO C 86 -15.48 -11.21 -32.57
N ASN C 87 -15.00 -10.08 -32.07
CA ASN C 87 -15.64 -8.79 -32.32
C ASN C 87 -17.11 -8.75 -31.86
N ALA C 88 -17.39 -9.49 -30.79
CA ALA C 88 -18.73 -9.51 -30.23
C ALA C 88 -19.15 -8.11 -29.82
N ASN C 89 -20.38 -7.73 -30.17
CA ASN C 89 -21.03 -6.53 -29.65
C ASN C 89 -22.00 -6.77 -28.46
N ARG C 90 -22.83 -7.82 -28.54
CA ARG C 90 -23.87 -8.04 -27.53
C ARG C 90 -24.28 -9.50 -27.33
N ILE C 91 -24.84 -9.79 -26.15
CA ILE C 91 -25.48 -11.08 -25.86
C ILE C 91 -26.80 -10.76 -25.20
N ALA C 92 -27.86 -11.53 -25.43
CA ALA C 92 -29.10 -11.34 -24.68
C ALA C 92 -29.78 -12.64 -24.30
N LEU C 93 -30.15 -12.76 -23.03
CA LEU C 93 -31.11 -13.78 -22.59
C LEU C 93 -32.41 -13.02 -22.29
N ASP C 94 -33.50 -13.49 -22.92
CA ASP C 94 -34.86 -12.93 -22.79
C ASP C 94 -35.90 -13.94 -22.26
N PHE C 95 -36.15 -13.93 -20.98
CA PHE C 95 -37.24 -14.80 -20.46
C PHE C 95 -38.60 -14.14 -20.77
N GLN C 96 -39.44 -14.81 -21.58
CA GLN C 96 -40.74 -14.27 -22.07
C GLN C 96 -41.96 -14.86 -21.39
N ARG C 97 -42.88 -13.96 -21.10
CA ARG C 97 -44.19 -14.27 -20.63
C ARG C 97 -45.19 -13.54 -21.49
N GLY C 98 -45.84 -14.25 -22.39
CA GLY C 98 -46.91 -13.70 -23.18
C GLY C 98 -46.39 -12.54 -23.99
N ASN C 99 -46.91 -11.33 -23.72
CA ASN C 99 -46.50 -10.16 -24.50
C ASN C 99 -45.32 -9.44 -23.90
N ASP C 100 -44.82 -9.94 -22.76
CA ASP C 100 -43.80 -9.28 -21.97
C ASP C 100 -42.46 -10.00 -22.02
N VAL C 101 -41.41 -9.34 -21.52
CA VAL C 101 -40.11 -9.98 -21.26
C VAL C 101 -39.91 -9.84 -19.80
N ALA C 102 -39.98 -10.94 -19.07
CA ALA C 102 -39.90 -10.90 -17.62
C ALA C 102 -38.51 -10.51 -17.15
N PHE C 103 -37.50 -11.00 -17.87
CA PHE C 103 -36.11 -10.88 -17.47
C PHE C 103 -35.22 -10.95 -18.69
N HIS C 104 -34.57 -9.80 -18.88
CA HIS C 104 -33.70 -9.45 -20.00
C HIS C 104 -32.34 -9.32 -19.39
N PHE C 105 -31.43 -10.18 -19.80
CA PHE C 105 -30.04 -10.16 -19.34
C PHE C 105 -29.24 -9.80 -20.55
N ASN C 106 -28.64 -8.61 -20.59
CA ASN C 106 -28.04 -8.09 -21.83
C ASN C 106 -26.59 -7.63 -21.62
N PRO C 107 -25.62 -8.55 -21.82
CA PRO C 107 -24.22 -8.05 -21.79
C PRO C 107 -23.86 -7.23 -22.99
N ARG C 108 -23.32 -6.04 -22.76
CA ARG C 108 -22.91 -5.18 -23.88
C ARG C 108 -21.41 -5.01 -23.87
N PHE C 109 -20.74 -5.44 -24.95
CA PHE C 109 -19.27 -5.45 -25.03
C PHE C 109 -18.66 -4.08 -25.27
N ASN C 110 -19.45 -3.15 -25.82
CA ASN C 110 -19.02 -1.79 -25.98
C ASN C 110 -20.15 -0.76 -25.84
N GLU C 111 -20.29 -0.16 -24.67
CA GLU C 111 -21.13 1.05 -24.53
C GLU C 111 -20.23 2.24 -24.22
N ASN C 112 -19.85 2.98 -25.23
CA ASN C 112 -18.93 4.09 -25.09
C ASN C 112 -17.67 3.60 -24.42
N ASN C 113 -17.13 2.50 -24.92
CA ASN C 113 -15.93 1.83 -24.46
C ASN C 113 -15.90 1.35 -23.00
N ARG C 114 -17.08 1.10 -22.45
CA ARG C 114 -17.27 0.25 -21.27
C ARG C 114 -18.00 -1.01 -21.67
N ARG C 115 -17.80 -2.04 -20.87
CA ARG C 115 -18.54 -3.23 -20.98
C ARG C 115 -19.52 -3.03 -19.87
N VAL C 116 -20.75 -3.49 -20.09
CA VAL C 116 -21.77 -3.37 -19.07
C VAL C 116 -22.76 -4.51 -19.24
N ILE C 117 -23.37 -4.96 -18.15
CA ILE C 117 -24.54 -5.85 -18.28
C ILE C 117 -25.75 -5.04 -17.89
N VAL C 118 -26.74 -5.03 -18.76
CA VAL C 118 -27.98 -4.38 -18.44
C VAL C 118 -29.07 -5.40 -18.22
N CYS C 119 -29.83 -5.28 -17.12
CA CYS C 119 -31.00 -6.14 -16.85
C CYS C 119 -32.26 -5.32 -16.76
N ASN C 120 -33.37 -5.83 -17.27
CA ASN C 120 -34.63 -5.07 -17.24
C ASN C 120 -35.84 -5.96 -17.52
N THR C 121 -37.02 -5.36 -17.40
CA THR C 121 -38.28 -5.97 -17.73
C THR C 121 -39.03 -5.16 -18.83
N LYS C 122 -39.48 -5.84 -19.88
CA LYS C 122 -40.36 -5.21 -20.86
C LYS C 122 -41.82 -5.61 -20.63
N LEU C 123 -42.69 -4.62 -20.39
CA LEU C 123 -44.18 -4.80 -20.36
C LEU C 123 -44.83 -4.31 -21.66
N ASP C 124 -45.19 -5.29 -22.49
CA ASP C 124 -45.65 -5.06 -23.84
C ASP C 124 -44.55 -4.27 -24.62
N ASN C 125 -44.65 -2.95 -24.76
CA ASN C 125 -43.69 -2.20 -25.58
C ASN C 125 -42.71 -1.36 -24.76
N ASN C 126 -42.88 -1.34 -23.42
CA ASN C 126 -42.19 -0.39 -22.55
C ASN C 126 -41.19 -1.11 -21.67
N TRP C 127 -39.90 -0.85 -21.89
CA TRP C 127 -38.83 -1.22 -20.93
C TRP C 127 -38.99 -0.43 -19.64
N GLY C 128 -38.70 -1.05 -18.51
CA GLY C 128 -38.75 -0.41 -17.20
C GLY C 128 -37.39 0.11 -16.72
N ARG C 129 -37.25 0.16 -15.43
CA ARG C 129 -36.03 0.67 -14.81
C ARG C 129 -34.89 -0.28 -15.13
N GLU C 130 -33.81 0.27 -15.67
CA GLU C 130 -32.59 -0.47 -16.04
C GLU C 130 -31.75 -0.72 -14.82
N GLU C 131 -31.21 -1.93 -14.69
CA GLU C 131 -30.23 -2.28 -13.64
C GLU C 131 -28.93 -2.60 -14.37
N ARG C 132 -27.87 -1.90 -13.99
CA ARG C 132 -26.62 -1.90 -14.68
C ARG C 132 -25.55 -2.42 -13.76
N GLN C 133 -24.70 -3.28 -14.30
CA GLN C 133 -23.61 -3.91 -13.58
C GLN C 133 -22.39 -3.81 -14.49
N SER C 134 -21.21 -3.59 -13.91
CA SER C 134 -19.96 -3.52 -14.67
C SER C 134 -19.16 -4.84 -14.66
N VAL C 135 -19.50 -5.77 -13.75
CA VAL C 135 -18.83 -7.08 -13.70
C VAL C 135 -19.20 -7.82 -14.95
N PHE C 136 -18.19 -8.33 -15.63
CA PHE C 136 -18.34 -8.77 -17.01
C PHE C 136 -17.29 -9.86 -17.31
N PRO C 137 -17.61 -11.14 -17.05
CA PRO C 137 -16.55 -12.17 -17.25
C PRO C 137 -16.33 -12.66 -18.70
N PHE C 138 -17.12 -12.21 -19.66
CA PHE C 138 -17.04 -12.69 -21.06
C PHE C 138 -15.84 -12.11 -21.77
N GLU C 139 -15.38 -12.84 -22.77
CA GLU C 139 -14.22 -12.41 -23.53
C GLU C 139 -14.47 -12.77 -24.97
N SER C 140 -14.14 -11.88 -25.91
CA SER C 140 -14.31 -12.20 -27.33
C SER C 140 -13.57 -13.51 -27.65
N GLY C 141 -14.23 -14.32 -28.48
CA GLY C 141 -13.66 -15.59 -28.92
C GLY C 141 -13.44 -16.65 -27.87
N LYS C 142 -14.05 -16.52 -26.69
CA LYS C 142 -13.83 -17.43 -25.58
C LYS C 142 -15.10 -18.18 -25.19
N PRO C 143 -14.95 -19.41 -24.72
CA PRO C 143 -16.10 -20.11 -24.18
C PRO C 143 -16.70 -19.53 -22.91
N PHE C 144 -18.01 -19.66 -22.77
CA PHE C 144 -18.70 -19.27 -21.58
C PHE C 144 -19.67 -20.34 -21.09
N LYS C 145 -20.05 -20.17 -19.83
CA LYS C 145 -21.15 -20.85 -19.18
C LYS C 145 -22.03 -19.82 -18.39
N ILE C 146 -23.28 -19.64 -18.79
CA ILE C 146 -24.23 -18.79 -18.05
C ILE C 146 -25.20 -19.72 -17.34
N GLN C 147 -25.34 -19.55 -16.05
CA GLN C 147 -26.32 -20.27 -15.28
C GLN C 147 -27.29 -19.29 -14.62
N VAL C 148 -28.59 -19.57 -14.77
CA VAL C 148 -29.66 -18.81 -14.13
C VAL C 148 -30.39 -19.66 -13.11
N LEU C 149 -30.22 -19.32 -11.82
CA LEU C 149 -30.95 -19.95 -10.70
C LEU C 149 -32.23 -19.18 -10.36
N VAL C 150 -33.35 -19.87 -10.20
CA VAL C 150 -34.63 -19.25 -9.97
C VAL C 150 -34.88 -19.43 -8.51
N GLU C 151 -35.04 -18.33 -7.80
CA GLU C 151 -35.48 -18.33 -6.43
C GLU C 151 -36.92 -17.78 -6.32
N PRO C 152 -37.48 -17.80 -5.09
CA PRO C 152 -38.81 -17.21 -4.94
C PRO C 152 -38.90 -15.72 -5.28
N ASP C 153 -37.90 -14.94 -4.91
CA ASP C 153 -37.93 -13.47 -5.05
C ASP C 153 -37.05 -12.89 -6.15
N HIS C 154 -36.19 -13.73 -6.74
CA HIS C 154 -35.23 -13.24 -7.71
C HIS C 154 -34.61 -14.34 -8.54
N PHE C 155 -34.05 -13.92 -9.65
CA PHE C 155 -33.19 -14.70 -10.45
C PHE C 155 -31.81 -14.40 -9.89
N LYS C 156 -30.93 -15.40 -9.91
CA LYS C 156 -29.49 -15.26 -9.62
C LYS C 156 -28.81 -15.73 -10.88
N VAL C 157 -27.75 -15.01 -11.29
CA VAL C 157 -27.02 -15.36 -12.54
C VAL C 157 -25.54 -15.60 -12.24
N ALA C 158 -24.99 -16.68 -12.82
CA ALA C 158 -23.56 -16.95 -12.73
C ALA C 158 -23.00 -17.12 -14.12
N VAL C 159 -21.78 -16.61 -14.30
CA VAL C 159 -20.98 -16.82 -15.48
C VAL C 159 -19.69 -17.58 -15.06
N ASN C 160 -19.31 -18.57 -15.87
CA ASN C 160 -18.02 -19.25 -15.69
C ASN C 160 -17.80 -19.66 -14.25
N ASP C 161 -18.84 -20.29 -13.70
CA ASP C 161 -18.90 -20.78 -12.32
C ASP C 161 -18.70 -19.78 -11.18
N ALA C 162 -19.10 -18.51 -11.38
CA ALA C 162 -19.01 -17.47 -10.32
C ALA C 162 -20.24 -16.49 -10.25
N HIS C 163 -20.82 -16.34 -9.04
CA HIS C 163 -21.97 -15.46 -8.86
C HIS C 163 -21.70 -14.04 -9.37
N LEU C 164 -22.64 -13.55 -10.14
CA LEU C 164 -22.57 -12.28 -10.86
C LEU C 164 -23.63 -11.29 -10.40
N LEU C 165 -24.91 -11.64 -10.44
CA LEU C 165 -25.91 -10.68 -10.04
C LEU C 165 -27.20 -11.34 -9.62
N GLN C 166 -28.09 -10.57 -9.01
CA GLN C 166 -29.50 -10.94 -8.87
C GLN C 166 -30.49 -9.84 -9.28
N TYR C 167 -31.55 -10.26 -9.93
CA TYR C 167 -32.64 -9.43 -10.38
C TYR C 167 -33.97 -9.87 -9.75
N ASN C 168 -34.57 -8.98 -8.99
CA ASN C 168 -35.77 -9.30 -8.26
C ASN C 168 -36.83 -9.42 -9.28
N HIS C 169 -37.75 -10.36 -9.06
CA HIS C 169 -38.88 -10.52 -9.97
C HIS C 169 -39.77 -9.26 -9.99
N ARG C 170 -40.16 -8.81 -11.20
CA ARG C 170 -41.19 -7.77 -11.43
C ARG C 170 -42.45 -8.40 -11.98
N VAL C 171 -42.25 -9.31 -12.93
CA VAL C 171 -43.27 -10.30 -13.29
C VAL C 171 -43.33 -11.37 -12.19
N LYS C 172 -44.50 -11.48 -11.52
CA LYS C 172 -44.71 -12.35 -10.34
C LYS C 172 -45.17 -13.76 -10.66
N LYS C 173 -45.96 -13.90 -11.71
CA LYS C 173 -46.51 -15.18 -12.09
C LYS C 173 -45.43 -15.99 -12.81
N LEU C 174 -44.51 -16.52 -12.02
CA LEU C 174 -43.39 -17.31 -12.58
C LEU C 174 -43.84 -18.41 -13.55
N ASN C 175 -44.91 -19.12 -13.17
CA ASN C 175 -45.53 -20.19 -13.97
C ASN C 175 -45.89 -19.84 -15.43
N GLU C 176 -46.03 -18.55 -15.75
CA GLU C 176 -46.39 -18.12 -17.10
C GLU C 176 -45.20 -17.81 -18.00
N ILE C 177 -44.00 -17.83 -17.42
CA ILE C 177 -42.78 -17.55 -18.17
C ILE C 177 -42.47 -18.81 -19.00
N SER C 178 -42.77 -18.80 -20.28
CA SER C 178 -42.82 -19.99 -21.12
C SER C 178 -41.67 -20.21 -22.13
N LYS C 179 -40.77 -19.25 -22.34
CA LYS C 179 -39.70 -19.38 -23.36
C LYS C 179 -38.47 -18.63 -22.86
N LEU C 180 -37.28 -19.05 -23.27
CA LEU C 180 -36.05 -18.26 -23.09
C LEU C 180 -35.44 -18.01 -24.45
N GLY C 181 -35.50 -16.77 -24.96
CA GLY C 181 -34.75 -16.39 -26.17
C GLY C 181 -33.27 -16.21 -25.83
N ILE C 182 -32.39 -16.78 -26.65
CA ILE C 182 -30.96 -16.60 -26.52
C ILE C 182 -30.49 -16.02 -27.85
N SER C 183 -29.92 -14.80 -27.82
CA SER C 183 -29.49 -14.13 -29.06
C SER C 183 -28.15 -13.44 -28.93
N GLY C 184 -27.68 -12.86 -30.03
CA GLY C 184 -26.45 -12.10 -30.03
C GLY C 184 -25.25 -12.88 -30.56
N ASP C 185 -24.06 -12.34 -30.31
CA ASP C 185 -22.85 -12.77 -31.01
C ASP C 185 -22.19 -13.96 -30.27
N ILE C 186 -22.86 -15.11 -30.35
CA ILE C 186 -22.41 -16.33 -29.72
C ILE C 186 -22.58 -17.44 -30.71
N ASP C 187 -21.74 -18.47 -30.59
CA ASP C 187 -22.06 -19.83 -31.07
C ASP C 187 -22.56 -20.58 -29.83
N LEU C 188 -23.69 -21.23 -30.00
CA LEU C 188 -24.35 -21.90 -28.90
C LEU C 188 -24.07 -23.42 -28.98
N THR C 189 -23.68 -24.00 -27.86
CA THR C 189 -23.34 -25.41 -27.78
C THR C 189 -24.49 -26.16 -27.12
N SER C 190 -24.99 -25.64 -26.00
CA SER C 190 -26.12 -26.29 -25.37
C SER C 190 -27.01 -25.31 -24.60
N ALA C 191 -28.30 -25.65 -24.55
CA ALA C 191 -29.29 -24.89 -23.83
C ALA C 191 -30.21 -25.88 -23.12
N SER C 192 -30.10 -25.94 -21.80
CA SER C 192 -30.75 -26.95 -21.01
C SER C 192 -31.08 -26.42 -19.65
N TYR C 193 -31.97 -27.13 -18.95
CA TYR C 193 -32.27 -26.76 -17.57
C TYR C 193 -32.46 -27.96 -16.64
N THR C 194 -32.16 -27.72 -15.39
CA THR C 194 -32.18 -28.70 -14.35
C THR C 194 -33.37 -28.37 -13.46
N MET C 195 -34.15 -29.37 -13.09
CA MET C 195 -35.13 -29.21 -12.00
C MET C 195 -34.70 -30.04 -10.79
N ILE C 196 -34.24 -29.36 -9.75
CA ILE C 196 -33.69 -30.03 -8.56
C ILE C 196 -34.89 -30.30 -7.64
N PRO D 59 -43.16 -26.18 -40.86
CA PRO D 59 -42.69 -24.97 -41.54
C PRO D 59 -41.30 -24.43 -41.04
N LEU D 60 -41.04 -23.12 -41.22
CA LEU D 60 -39.89 -22.44 -40.56
C LEU D 60 -40.30 -21.89 -39.19
N ILE D 61 -39.30 -21.58 -38.38
CA ILE D 61 -39.50 -21.34 -36.94
C ILE D 61 -39.09 -19.90 -36.60
N VAL D 62 -39.94 -19.24 -35.80
CA VAL D 62 -39.84 -17.83 -35.48
C VAL D 62 -39.27 -17.67 -34.06
N PRO D 63 -38.32 -16.76 -33.82
CA PRO D 63 -37.68 -15.85 -34.81
C PRO D 63 -36.67 -16.52 -35.74
N TYR D 64 -36.50 -15.92 -36.92
CA TYR D 64 -35.77 -16.47 -38.06
C TYR D 64 -35.01 -15.33 -38.75
N ASN D 65 -33.79 -15.57 -39.22
CA ASN D 65 -33.07 -14.54 -39.98
C ASN D 65 -32.90 -15.01 -41.41
N LEU D 66 -33.50 -14.27 -42.34
CA LEU D 66 -33.25 -14.46 -43.73
C LEU D 66 -31.92 -13.81 -44.06
N PRO D 67 -30.89 -14.63 -44.44
CA PRO D 67 -29.65 -14.00 -44.88
C PRO D 67 -29.83 -13.21 -46.15
N LEU D 68 -29.18 -12.05 -46.20
CA LEU D 68 -29.22 -11.16 -47.35
C LEU D 68 -27.76 -10.98 -47.80
N PRO D 69 -27.20 -12.04 -48.42
CA PRO D 69 -25.80 -12.00 -48.83
C PRO D 69 -25.60 -10.93 -49.91
N GLY D 70 -24.55 -10.13 -49.72
CA GLY D 70 -24.29 -8.98 -50.58
C GLY D 70 -25.21 -7.79 -50.33
N GLY D 71 -25.90 -7.78 -49.20
CA GLY D 71 -26.68 -6.63 -48.80
C GLY D 71 -27.94 -6.37 -49.62
N VAL D 72 -28.64 -5.28 -49.29
CA VAL D 72 -29.77 -4.86 -50.09
C VAL D 72 -29.28 -3.85 -51.12
N VAL D 73 -30.04 -3.74 -52.18
CA VAL D 73 -29.65 -2.95 -53.31
C VAL D 73 -30.97 -2.65 -54.01
N PRO D 74 -31.10 -1.47 -54.63
CA PRO D 74 -32.32 -1.18 -55.37
C PRO D 74 -32.80 -2.32 -56.27
N ARG D 75 -34.11 -2.42 -56.41
CA ARG D 75 -34.81 -3.44 -57.21
C ARG D 75 -34.83 -4.87 -56.57
N MET D 76 -34.33 -5.01 -55.34
CA MET D 76 -34.48 -6.26 -54.57
C MET D 76 -35.93 -6.38 -54.07
N LEU D 77 -36.55 -7.55 -54.20
CA LEU D 77 -37.94 -7.73 -53.79
C LEU D 77 -38.01 -8.90 -52.82
N ILE D 78 -38.25 -8.58 -51.55
CA ILE D 78 -38.31 -9.56 -50.49
C ILE D 78 -39.78 -9.97 -50.23
N THR D 79 -40.07 -11.29 -50.32
CA THR D 79 -41.40 -11.89 -50.13
C THR D 79 -41.45 -12.86 -48.93
N ILE D 80 -42.51 -12.72 -48.14
CA ILE D 80 -42.70 -13.41 -46.88
C ILE D 80 -44.13 -13.89 -46.81
N LEU D 81 -44.30 -15.19 -46.66
CA LEU D 81 -45.65 -15.77 -46.60
C LEU D 81 -45.81 -16.40 -45.26
N GLY D 82 -47.02 -16.28 -44.74
CA GLY D 82 -47.36 -16.94 -43.51
C GLY D 82 -48.80 -16.69 -43.15
N THR D 83 -49.10 -17.07 -41.93
CA THR D 83 -50.40 -16.98 -41.39
C THR D 83 -50.27 -16.37 -40.01
N VAL D 84 -51.09 -15.35 -39.75
CA VAL D 84 -51.16 -14.74 -38.43
C VAL D 84 -51.77 -15.78 -37.49
N LYS D 85 -51.20 -15.91 -36.30
CA LYS D 85 -51.76 -16.78 -35.27
C LYS D 85 -53.10 -16.31 -34.72
N PRO D 86 -53.90 -17.23 -34.19
CA PRO D 86 -55.07 -16.74 -33.43
C PRO D 86 -54.57 -15.84 -32.31
N ASN D 87 -55.37 -14.88 -31.91
CA ASN D 87 -55.03 -13.98 -30.77
C ASN D 87 -53.64 -13.28 -30.85
N ALA D 88 -53.32 -12.80 -32.06
CA ALA D 88 -52.09 -12.03 -32.28
C ALA D 88 -51.98 -10.78 -31.41
N ASN D 89 -50.74 -10.50 -31.04
CA ASN D 89 -50.36 -9.23 -30.46
C ASN D 89 -49.41 -8.41 -31.35
N ARG D 90 -48.38 -9.04 -31.94
CA ARG D 90 -47.41 -8.31 -32.79
C ARG D 90 -46.81 -9.11 -33.90
N ILE D 91 -46.31 -8.40 -34.91
CA ILE D 91 -45.47 -8.98 -35.96
C ILE D 91 -44.31 -8.03 -36.14
N ALA D 92 -43.12 -8.55 -36.43
CA ALA D 92 -41.98 -7.69 -36.65
C ALA D 92 -41.07 -8.16 -37.75
N LEU D 93 -40.70 -7.21 -38.63
CA LEU D 93 -39.61 -7.37 -39.62
C LEU D 93 -38.47 -6.45 -39.27
N ASP D 94 -37.25 -6.99 -39.17
CA ASP D 94 -36.08 -6.26 -38.67
C ASP D 94 -34.91 -6.36 -39.64
N PHE D 95 -34.81 -5.44 -40.60
CA PHE D 95 -33.65 -5.40 -41.52
C PHE D 95 -32.45 -4.94 -40.71
N GLN D 96 -31.44 -5.80 -40.62
CA GLN D 96 -30.28 -5.61 -39.74
C GLN D 96 -28.97 -5.23 -40.47
N ARG D 97 -28.21 -4.27 -39.92
CA ARG D 97 -26.87 -3.97 -40.41
C ARG D 97 -25.97 -3.82 -39.21
N GLY D 98 -25.13 -4.83 -38.97
CA GLY D 98 -24.24 -4.89 -37.83
C GLY D 98 -25.06 -4.82 -36.56
N ASN D 99 -24.89 -3.71 -35.86
CA ASN D 99 -25.46 -3.49 -34.50
C ASN D 99 -26.74 -2.66 -34.52
N ASP D 100 -27.20 -2.37 -35.73
CA ASP D 100 -28.32 -1.48 -35.99
C ASP D 100 -29.51 -2.26 -36.59
N VAL D 101 -30.70 -1.71 -36.46
CA VAL D 101 -31.82 -2.12 -37.31
C VAL D 101 -32.12 -0.99 -38.31
N ALA D 102 -31.83 -1.19 -39.60
CA ALA D 102 -32.08 -0.16 -40.64
C ALA D 102 -33.55 0.16 -40.84
N PHE D 103 -34.37 -0.86 -40.64
CA PHE D 103 -35.76 -0.75 -40.89
C PHE D 103 -36.50 -1.82 -40.10
N HIS D 104 -37.30 -1.34 -39.16
CA HIS D 104 -38.15 -2.12 -38.25
C HIS D 104 -39.54 -1.84 -38.78
N PHE D 105 -40.29 -2.88 -39.10
CA PHE D 105 -41.70 -2.82 -39.53
C PHE D 105 -42.47 -3.63 -38.46
N ASN D 106 -43.31 -2.96 -37.65
CA ASN D 106 -43.89 -3.57 -36.43
C ASN D 106 -45.39 -3.33 -36.36
N PRO D 107 -46.17 -4.18 -37.02
CA PRO D 107 -47.63 -4.11 -36.82
C PRO D 107 -48.03 -4.57 -35.41
N ARG D 108 -48.95 -3.86 -34.76
CA ARG D 108 -49.40 -4.15 -33.40
C ARG D 108 -50.92 -4.24 -33.40
N PHE D 109 -51.42 -5.33 -32.88
CA PHE D 109 -52.85 -5.65 -33.01
C PHE D 109 -53.67 -4.93 -31.95
N ASN D 110 -53.04 -4.48 -30.86
CA ASN D 110 -53.76 -3.77 -29.80
C ASN D 110 -52.81 -2.90 -28.99
N GLU D 111 -52.84 -1.61 -29.28
CA GLU D 111 -52.11 -0.60 -28.55
C GLU D 111 -53.23 0.33 -28.15
N ASN D 112 -53.71 0.21 -26.92
CA ASN D 112 -54.83 0.97 -26.38
C ASN D 112 -56.09 0.82 -27.24
N ASN D 113 -56.37 -0.41 -27.66
CA ASN D 113 -57.48 -0.78 -28.50
C ASN D 113 -57.49 -0.20 -29.91
N ARG D 114 -56.33 0.20 -30.38
CA ARG D 114 -56.10 0.67 -31.71
C ARG D 114 -55.07 -0.30 -32.28
N ARG D 115 -55.24 -0.62 -33.57
CA ARG D 115 -54.23 -1.38 -34.28
C ARG D 115 -53.37 -0.35 -34.95
N VAL D 116 -52.06 -0.60 -35.02
CA VAL D 116 -51.12 0.38 -35.60
C VAL D 116 -49.87 -0.31 -36.16
N ILE D 117 -49.25 0.26 -37.19
CA ILE D 117 -47.97 -0.19 -37.67
C ILE D 117 -46.95 0.89 -37.34
N VAL D 118 -45.92 0.49 -36.57
CA VAL D 118 -44.86 1.41 -36.17
C VAL D 118 -43.61 1.05 -36.92
N CYS D 119 -43.01 2.04 -37.58
CA CYS D 119 -41.77 1.83 -38.29
C CYS D 119 -40.70 2.71 -37.70
N ASN D 120 -39.45 2.28 -37.75
CA ASN D 120 -38.35 2.99 -37.10
C ASN D 120 -37.02 2.31 -37.45
N THR D 121 -35.95 2.95 -37.00
CA THR D 121 -34.58 2.58 -37.20
C THR D 121 -33.96 2.53 -35.84
N LYS D 122 -33.12 1.53 -35.61
CA LYS D 122 -32.40 1.41 -34.34
C LYS D 122 -30.91 1.54 -34.59
N LEU D 123 -30.26 2.43 -33.83
CA LEU D 123 -28.83 2.68 -33.93
C LEU D 123 -28.23 2.34 -32.59
N ASP D 124 -27.33 1.35 -32.60
CA ASP D 124 -26.91 0.61 -31.39
C ASP D 124 -28.15 0.27 -30.49
N ASN D 125 -28.33 0.94 -29.34
CA ASN D 125 -29.47 0.66 -28.46
C ASN D 125 -30.58 1.70 -28.50
N ASN D 126 -30.51 2.64 -29.43
CA ASN D 126 -31.46 3.77 -29.50
C ASN D 126 -32.36 3.78 -30.75
N TRP D 127 -33.64 3.63 -30.51
CA TRP D 127 -34.68 3.88 -31.52
C TRP D 127 -34.80 5.34 -31.84
N GLY D 128 -34.95 5.69 -33.10
CA GLY D 128 -35.13 7.08 -33.47
C GLY D 128 -36.61 7.45 -33.50
N ARG D 129 -36.93 8.38 -34.38
CA ARG D 129 -38.29 8.92 -34.62
C ARG D 129 -39.26 7.82 -35.11
N GLU D 130 -40.36 7.60 -34.41
CA GLU D 130 -41.39 6.67 -34.85
C GLU D 130 -42.27 7.22 -35.99
N GLU D 131 -42.62 6.37 -36.95
CA GLU D 131 -43.59 6.68 -38.04
C GLU D 131 -44.71 5.73 -37.82
N ARG D 132 -45.87 6.26 -37.44
CA ARG D 132 -47.03 5.46 -37.13
C ARG D 132 -48.04 5.55 -38.27
N GLN D 133 -48.53 4.41 -38.77
CA GLN D 133 -49.62 4.32 -39.77
C GLN D 133 -50.74 3.50 -39.18
N SER D 134 -51.98 3.89 -39.41
CA SER D 134 -53.10 3.11 -38.91
C SER D 134 -53.70 2.14 -39.96
N VAL D 135 -53.20 2.16 -41.19
CA VAL D 135 -53.63 1.10 -42.16
C VAL D 135 -53.05 -0.24 -41.70
N PHE D 136 -53.94 -1.20 -41.52
CA PHE D 136 -53.57 -2.48 -40.94
C PHE D 136 -54.35 -3.63 -41.60
N PRO D 137 -53.77 -4.28 -42.62
CA PRO D 137 -54.50 -5.33 -43.40
C PRO D 137 -54.48 -6.73 -42.81
N PHE D 138 -53.81 -6.97 -41.70
CA PHE D 138 -53.69 -8.32 -41.10
C PHE D 138 -54.85 -8.65 -40.22
N GLU D 139 -55.18 -9.94 -40.13
CA GLU D 139 -56.25 -10.44 -39.29
C GLU D 139 -55.78 -11.72 -38.57
N SER D 140 -56.22 -11.92 -37.33
CA SER D 140 -55.88 -13.18 -36.61
C SER D 140 -56.42 -14.38 -37.40
N GLY D 141 -55.63 -15.45 -37.47
CA GLY D 141 -55.94 -16.62 -38.31
C GLY D 141 -55.81 -16.51 -39.84
N LYS D 142 -55.57 -15.30 -40.38
CA LYS D 142 -55.55 -15.12 -41.82
C LYS D 142 -54.15 -15.19 -42.43
N PRO D 143 -54.06 -15.81 -43.62
CA PRO D 143 -52.80 -15.75 -44.36
C PRO D 143 -52.50 -14.36 -44.81
N PHE D 144 -51.24 -14.16 -45.14
CA PHE D 144 -50.78 -12.91 -45.65
C PHE D 144 -49.55 -13.13 -46.48
N LYS D 145 -49.32 -12.15 -47.34
CA LYS D 145 -48.18 -12.03 -48.20
C LYS D 145 -47.66 -10.60 -48.02
N ILE D 146 -46.52 -10.47 -47.33
CA ILE D 146 -45.82 -9.19 -47.16
C ILE D 146 -44.77 -9.12 -48.24
N GLN D 147 -44.70 -7.99 -48.94
CA GLN D 147 -43.64 -7.73 -49.88
C GLN D 147 -42.92 -6.42 -49.60
N VAL D 148 -41.61 -6.44 -49.77
CA VAL D 148 -40.77 -5.28 -49.56
C VAL D 148 -39.90 -5.10 -50.80
N LEU D 149 -40.11 -3.98 -51.49
CA LEU D 149 -39.38 -3.59 -52.69
C LEU D 149 -38.39 -2.52 -52.24
N VAL D 150 -37.11 -2.73 -52.47
CA VAL D 150 -36.08 -1.75 -52.13
C VAL D 150 -35.99 -0.73 -53.28
N GLU D 151 -35.99 0.57 -52.98
CA GLU D 151 -35.75 1.60 -54.00
C GLU D 151 -34.58 2.43 -53.52
N PRO D 152 -34.05 3.34 -54.37
CA PRO D 152 -32.85 4.08 -53.95
C PRO D 152 -33.05 4.98 -52.71
N ASP D 153 -34.25 5.56 -52.61
CA ASP D 153 -34.65 6.49 -51.55
C ASP D 153 -35.43 5.83 -50.39
N HIS D 154 -35.99 4.64 -50.57
CA HIS D 154 -36.87 4.04 -49.54
C HIS D 154 -37.19 2.57 -49.74
N PHE D 155 -37.72 1.95 -48.68
CA PHE D 155 -38.34 0.65 -48.77
C PHE D 155 -39.81 0.93 -49.04
N LYS D 156 -40.36 0.31 -50.08
CA LYS D 156 -41.79 0.28 -50.36
C LYS D 156 -42.35 -1.03 -49.78
N VAL D 157 -43.50 -1.01 -49.10
CA VAL D 157 -44.12 -2.25 -48.53
C VAL D 157 -45.52 -2.50 -49.08
N ALA D 158 -45.80 -3.74 -49.48
CA ALA D 158 -47.14 -4.15 -49.90
C ALA D 158 -47.60 -5.35 -49.10
N VAL D 159 -48.90 -5.38 -48.82
CA VAL D 159 -49.52 -6.50 -48.14
C VAL D 159 -50.67 -6.96 -49.02
N ASN D 160 -50.74 -8.28 -49.17
CA ASN D 160 -51.70 -8.97 -50.04
C ASN D 160 -51.86 -8.24 -51.37
N ASP D 161 -50.72 -7.91 -51.98
CA ASP D 161 -50.63 -7.20 -53.26
C ASP D 161 -51.29 -5.81 -53.32
N ALA D 162 -51.36 -5.10 -52.20
CA ALA D 162 -51.87 -3.70 -52.18
C ALA D 162 -50.85 -2.86 -51.45
N HIS D 163 -50.35 -1.81 -52.10
CA HIS D 163 -49.38 -0.89 -51.48
C HIS D 163 -49.86 -0.38 -50.09
N LEU D 164 -48.92 -0.31 -49.14
CA LEU D 164 -49.19 0.00 -47.73
C LEU D 164 -48.47 1.28 -47.37
N LEU D 165 -47.14 1.28 -47.40
CA LEU D 165 -46.37 2.43 -46.94
C LEU D 165 -45.00 2.52 -47.57
N GLN D 166 -44.37 3.67 -47.34
CA GLN D 166 -42.95 3.87 -47.67
C GLN D 166 -42.22 4.20 -46.37
N TYR D 167 -40.91 3.95 -46.36
CA TYR D 167 -40.04 4.26 -45.26
C TYR D 167 -38.71 4.67 -45.85
N ASN D 168 -38.47 5.97 -45.83
CA ASN D 168 -37.21 6.52 -46.27
C ASN D 168 -36.00 5.90 -45.56
N HIS D 169 -34.90 5.82 -46.27
CA HIS D 169 -33.69 5.25 -45.70
C HIS D 169 -33.09 6.22 -44.72
N ARG D 170 -32.73 5.72 -43.55
CA ARG D 170 -31.94 6.50 -42.56
C ARG D 170 -30.53 5.94 -42.57
N VAL D 171 -30.43 4.62 -42.45
CA VAL D 171 -29.21 3.90 -42.83
C VAL D 171 -29.05 4.00 -44.35
N LYS D 172 -27.91 4.60 -44.80
CA LYS D 172 -27.67 4.89 -46.23
C LYS D 172 -26.86 3.81 -46.93
N LYS D 173 -26.04 3.07 -46.19
CA LYS D 173 -25.17 2.08 -46.80
C LYS D 173 -25.92 0.80 -46.89
N LEU D 174 -26.81 0.77 -47.87
CA LEU D 174 -27.72 -0.32 -48.11
C LEU D 174 -27.03 -1.66 -48.22
N ASN D 175 -25.84 -1.65 -48.83
CA ASN D 175 -25.08 -2.89 -49.09
C ASN D 175 -24.62 -3.61 -47.79
N GLU D 176 -24.62 -2.92 -46.63
CA GLU D 176 -24.26 -3.56 -45.35
C GLU D 176 -25.48 -4.17 -44.61
N ILE D 177 -26.68 -4.03 -45.18
CA ILE D 177 -27.87 -4.59 -44.55
C ILE D 177 -27.83 -6.08 -44.84
N SER D 178 -27.25 -6.86 -43.93
CA SER D 178 -26.84 -8.25 -44.22
C SER D 178 -27.91 -9.34 -43.97
N LYS D 179 -29.03 -8.96 -43.36
CA LYS D 179 -29.91 -9.89 -42.61
C LYS D 179 -31.33 -9.30 -42.48
N LEU D 180 -32.37 -10.12 -42.58
CA LEU D 180 -33.75 -9.69 -42.26
C LEU D 180 -34.35 -10.59 -41.21
N GLY D 181 -34.84 -10.00 -40.13
CA GLY D 181 -35.31 -10.75 -38.99
C GLY D 181 -36.81 -10.81 -39.10
N ILE D 182 -37.39 -11.96 -38.83
CA ILE D 182 -38.81 -12.12 -38.91
C ILE D 182 -39.23 -12.66 -37.55
N SER D 183 -40.18 -11.99 -36.91
CA SER D 183 -40.58 -12.36 -35.58
C SER D 183 -42.03 -12.01 -35.32
N GLY D 184 -42.53 -12.55 -34.21
CA GLY D 184 -43.88 -12.29 -33.75
C GLY D 184 -44.85 -13.43 -33.88
N ASP D 185 -46.13 -13.10 -33.77
CA ASP D 185 -47.22 -14.09 -33.64
C ASP D 185 -47.73 -14.53 -35.03
N ILE D 186 -46.84 -15.24 -35.74
CA ILE D 186 -47.12 -15.78 -37.08
C ILE D 186 -46.61 -17.20 -37.28
N ASP D 187 -47.11 -17.88 -38.31
CA ASP D 187 -46.53 -19.16 -38.79
C ASP D 187 -45.93 -18.83 -40.13
N LEU D 188 -44.60 -18.77 -40.14
CA LEU D 188 -43.88 -18.37 -41.31
C LEU D 188 -43.93 -19.56 -42.22
N THR D 189 -44.38 -19.35 -43.45
CA THR D 189 -44.33 -20.40 -44.48
C THR D 189 -43.00 -20.31 -45.24
N SER D 190 -42.80 -19.21 -45.98
CA SER D 190 -41.58 -18.94 -46.76
C SER D 190 -41.04 -17.51 -46.55
N ALA D 191 -39.76 -17.34 -46.82
CA ALA D 191 -39.09 -16.04 -46.79
C ALA D 191 -38.00 -16.05 -47.83
N SER D 192 -38.22 -15.35 -48.92
CA SER D 192 -37.22 -15.36 -49.99
C SER D 192 -37.19 -14.04 -50.71
N TYR D 193 -36.11 -13.83 -51.46
CA TYR D 193 -35.98 -12.66 -52.31
C TYR D 193 -35.61 -12.99 -53.74
N THR D 194 -35.62 -11.94 -54.54
CA THR D 194 -35.15 -11.95 -55.90
C THR D 194 -35.01 -10.48 -56.37
N MET D 195 -34.19 -10.27 -57.40
CA MET D 195 -34.11 -8.96 -58.06
C MET D 195 -35.25 -8.89 -59.07
N ILE D 196 -35.67 -7.67 -59.40
CA ILE D 196 -36.68 -7.45 -60.46
C ILE D 196 -36.21 -6.42 -61.52
N ASP E 2 18.74 -5.48 -29.67
CA ASP E 2 18.97 -4.11 -29.09
C ASP E 2 17.91 -3.10 -29.57
N ASN E 3 17.23 -2.44 -28.63
CA ASN E 3 16.36 -1.30 -28.96
C ASN E 3 17.18 0.01 -28.98
N PHE E 4 16.90 0.88 -29.96
CA PHE E 4 17.52 2.21 -30.08
C PHE E 4 16.50 3.32 -30.43
N SER E 5 16.96 4.55 -30.30
CA SER E 5 16.14 5.76 -30.32
C SER E 5 16.77 6.80 -31.32
N LEU E 6 16.00 7.52 -32.12
CA LEU E 6 16.54 8.60 -32.98
C LEU E 6 15.83 9.92 -32.70
N HIS E 7 16.60 11.00 -32.52
CA HIS E 7 16.11 12.32 -32.08
C HIS E 7 16.67 13.47 -32.93
N ASP E 8 15.82 14.46 -33.24
CA ASP E 8 16.14 15.71 -33.95
C ASP E 8 16.05 16.82 -32.89
N ALA E 9 16.13 18.07 -33.32
CA ALA E 9 15.70 19.23 -32.52
C ALA E 9 14.28 19.13 -31.92
N LEU E 10 13.30 18.63 -32.70
CA LEU E 10 11.85 18.66 -32.37
C LEU E 10 11.21 17.33 -32.01
N SER E 11 11.86 16.22 -32.34
CA SER E 11 11.20 14.91 -32.46
C SER E 11 12.14 13.77 -32.06
N GLY E 12 11.55 12.63 -31.71
CA GLY E 12 12.28 11.40 -31.53
C GLY E 12 11.46 10.20 -31.97
N SER E 13 12.11 9.06 -32.06
CA SER E 13 11.43 7.90 -32.60
C SER E 13 12.17 6.59 -32.28
N GLY E 14 11.40 5.62 -31.77
CA GLY E 14 11.91 4.31 -31.36
C GLY E 14 12.19 3.43 -32.57
N ASN E 15 13.36 2.81 -32.56
CA ASN E 15 14.11 2.34 -33.76
C ASN E 15 13.47 2.24 -35.18
N PRO E 16 13.72 3.26 -36.05
CA PRO E 16 13.38 3.21 -37.50
C PRO E 16 14.08 2.08 -38.29
N PRO E 59 12.87 -3.46 -35.08
CA PRO E 59 12.09 -4.52 -34.40
C PRO E 59 11.82 -4.20 -32.90
N LEU E 60 10.67 -3.59 -32.55
CA LEU E 60 10.51 -3.02 -31.18
C LEU E 60 10.23 -4.09 -30.14
N ILE E 61 11.13 -4.23 -29.15
CA ILE E 61 11.03 -5.26 -28.09
C ILE E 61 10.38 -4.67 -26.81
N VAL E 62 9.39 -5.38 -26.27
CA VAL E 62 8.67 -4.97 -25.08
C VAL E 62 9.21 -5.80 -23.91
N PRO E 63 9.52 -5.23 -22.74
CA PRO E 63 9.39 -3.83 -22.36
C PRO E 63 10.35 -2.87 -23.07
N TYR E 64 9.78 -1.77 -23.58
CA TYR E 64 10.52 -0.77 -24.37
C TYR E 64 10.73 0.55 -23.62
N ASN E 65 11.91 1.13 -23.78
CA ASN E 65 12.19 2.41 -23.19
C ASN E 65 12.50 3.43 -24.26
N LEU E 66 11.62 4.42 -24.41
CA LEU E 66 11.81 5.54 -25.33
C LEU E 66 12.35 6.77 -24.58
N PRO E 67 13.63 7.17 -24.85
CA PRO E 67 14.15 8.32 -24.11
C PRO E 67 13.48 9.60 -24.54
N LEU E 68 13.21 10.46 -23.59
CA LEU E 68 12.63 11.78 -23.87
C LEU E 68 13.64 12.82 -23.33
N PRO E 69 14.79 13.01 -24.02
CA PRO E 69 15.82 13.91 -23.47
C PRO E 69 15.24 15.32 -23.46
N GLY E 70 15.58 16.10 -22.45
CA GLY E 70 14.93 17.41 -22.29
C GLY E 70 13.53 17.37 -21.68
N GLY E 71 13.08 16.15 -21.35
CA GLY E 71 11.80 15.92 -20.73
C GLY E 71 10.55 15.99 -21.59
N VAL E 72 9.45 16.25 -20.91
CA VAL E 72 8.15 16.49 -21.57
C VAL E 72 7.97 18.00 -21.46
N VAL E 73 7.49 18.64 -22.51
CA VAL E 73 7.34 20.10 -22.54
C VAL E 73 5.95 20.28 -23.12
N PRO E 74 5.24 21.36 -22.71
CA PRO E 74 3.90 21.54 -23.27
C PRO E 74 3.92 21.69 -24.77
N ARG E 75 2.86 21.12 -25.37
CA ARG E 75 2.66 20.90 -26.81
C ARG E 75 3.43 19.68 -27.40
N MET E 76 4.09 18.88 -26.55
CA MET E 76 4.71 17.64 -26.96
C MET E 76 3.62 16.61 -27.05
N LEU E 77 3.63 15.86 -28.16
CA LEU E 77 2.69 14.79 -28.46
C LEU E 77 3.47 13.50 -28.62
N ILE E 78 3.18 12.49 -27.79
CA ILE E 78 3.79 11.18 -27.86
C ILE E 78 2.78 10.23 -28.46
N THR E 79 3.19 9.44 -29.44
CA THR E 79 2.32 8.53 -30.19
C THR E 79 2.82 7.07 -30.15
N ILE E 80 1.96 6.15 -29.75
CA ILE E 80 2.30 4.74 -29.60
C ILE E 80 1.30 3.90 -30.39
N LEU E 81 1.84 3.05 -31.27
CA LEU E 81 1.05 2.21 -32.17
C LEU E 81 1.45 0.82 -31.87
N GLY E 82 0.49 -0.08 -31.89
CA GLY E 82 0.80 -1.49 -31.70
C GLY E 82 -0.47 -2.28 -31.76
N THR E 83 -0.36 -3.53 -31.32
CA THR E 83 -1.46 -4.45 -31.28
C THR E 83 -1.44 -5.15 -29.95
N VAL E 84 -2.62 -5.29 -29.35
CA VAL E 84 -2.80 -5.98 -28.08
C VAL E 84 -2.70 -7.48 -28.33
N LYS E 85 -1.97 -8.18 -27.50
CA LYS E 85 -1.85 -9.62 -27.64
C LYS E 85 -3.16 -10.30 -27.29
N PRO E 86 -3.43 -11.48 -27.88
CA PRO E 86 -4.63 -12.17 -27.40
C PRO E 86 -4.42 -12.56 -25.92
N ASN E 87 -5.49 -12.67 -25.16
CA ASN E 87 -5.40 -13.01 -23.74
C ASN E 87 -4.63 -12.02 -22.87
N ALA E 88 -4.58 -10.77 -23.31
CA ALA E 88 -3.99 -9.68 -22.57
C ALA E 88 -4.47 -9.54 -21.10
N ASN E 89 -3.52 -9.34 -20.18
CA ASN E 89 -3.76 -9.08 -18.77
C ASN E 89 -3.59 -7.61 -18.41
N ARG E 90 -2.57 -6.95 -18.98
CA ARG E 90 -2.26 -5.56 -18.68
C ARG E 90 -1.44 -4.85 -19.78
N ILE E 91 -1.55 -3.53 -19.82
CA ILE E 91 -0.62 -2.65 -20.53
C ILE E 91 -0.11 -1.61 -19.50
N ALA E 92 1.09 -1.07 -19.70
CA ALA E 92 1.61 0.05 -18.90
C ALA E 92 2.51 1.10 -19.63
N LEU E 93 2.17 2.38 -19.50
CA LEU E 93 3.03 3.49 -19.87
C LEU E 93 3.56 4.11 -18.56
N ASP E 94 4.89 4.26 -18.46
CA ASP E 94 5.57 4.80 -17.27
C ASP E 94 6.48 6.00 -17.70
N PHE E 95 5.99 7.21 -17.53
CA PHE E 95 6.83 8.41 -17.62
C PHE E 95 7.70 8.58 -16.36
N GLN E 96 9.02 8.30 -16.48
CA GLN E 96 10.00 8.29 -15.36
C GLN E 96 10.77 9.63 -15.11
N ARG E 97 10.88 10.02 -13.85
CA ARG E 97 11.72 11.17 -13.37
C ARG E 97 12.62 10.54 -12.33
N GLY E 98 13.81 10.12 -12.77
CA GLY E 98 14.81 9.52 -11.90
C GLY E 98 14.33 8.30 -11.14
N ASN E 99 14.19 8.43 -9.81
CA ASN E 99 13.75 7.35 -8.94
C ASN E 99 12.22 7.29 -8.80
N ASP E 100 11.54 8.12 -9.58
CA ASP E 100 10.08 8.34 -9.56
C ASP E 100 9.44 7.92 -10.87
N VAL E 101 8.16 7.58 -10.78
CA VAL E 101 7.30 7.49 -11.95
C VAL E 101 6.30 8.68 -11.96
N ALA E 102 6.57 9.66 -12.82
CA ALA E 102 5.73 10.87 -12.86
C ALA E 102 4.30 10.58 -13.27
N PHE E 103 4.14 9.69 -14.24
CA PHE E 103 2.81 9.31 -14.75
C PHE E 103 2.80 7.85 -15.19
N HIS E 104 1.96 7.05 -14.50
CA HIS E 104 1.77 5.63 -14.74
C HIS E 104 0.38 5.53 -15.36
N PHE E 105 0.31 4.94 -16.56
CA PHE E 105 -0.97 4.67 -17.25
C PHE E 105 -1.12 3.17 -17.48
N ASN E 106 -2.06 2.54 -16.79
CA ASN E 106 -2.08 1.10 -16.61
C ASN E 106 -3.45 0.50 -16.88
N PRO E 107 -3.76 0.28 -18.15
CA PRO E 107 -4.93 -0.50 -18.47
C PRO E 107 -4.83 -1.92 -17.92
N ARG E 108 -5.82 -2.34 -17.13
CA ARG E 108 -5.91 -3.73 -16.66
C ARG E 108 -7.13 -4.44 -17.26
N PHE E 109 -6.92 -5.56 -17.94
CA PHE E 109 -7.98 -6.33 -18.61
C PHE E 109 -8.88 -7.16 -17.70
N ASN E 110 -8.37 -7.47 -16.53
CA ASN E 110 -9.12 -8.24 -15.53
C ASN E 110 -8.74 -7.92 -14.10
N GLU E 111 -9.50 -7.05 -13.45
CA GLU E 111 -9.45 -6.84 -12.01
C GLU E 111 -10.84 -7.24 -11.49
N ASN E 112 -10.94 -8.43 -10.86
CA ASN E 112 -12.24 -9.03 -10.51
C ASN E 112 -13.31 -8.91 -11.63
N ASN E 113 -12.93 -9.34 -12.83
CA ASN E 113 -13.82 -9.36 -14.01
C ASN E 113 -14.35 -7.94 -14.40
N ARG E 114 -13.56 -6.90 -14.13
CA ARG E 114 -13.75 -5.59 -14.73
C ARG E 114 -12.49 -5.16 -15.42
N ARG E 115 -12.65 -4.35 -16.45
CA ARG E 115 -11.56 -3.63 -17.08
C ARG E 115 -11.52 -2.27 -16.39
N VAL E 116 -10.30 -1.80 -16.10
CA VAL E 116 -10.09 -0.49 -15.49
C VAL E 116 -8.75 0.09 -15.92
N ILE E 117 -8.70 1.39 -16.05
CA ILE E 117 -7.44 2.08 -16.22
C ILE E 117 -7.06 2.79 -14.91
N VAL E 118 -5.89 2.41 -14.39
CA VAL E 118 -5.36 2.96 -13.18
C VAL E 118 -4.25 3.94 -13.58
N CYS E 119 -4.36 5.18 -13.08
CA CYS E 119 -3.33 6.18 -13.24
C CYS E 119 -2.86 6.61 -11.90
N ASN E 120 -1.54 6.85 -11.81
CA ASN E 120 -0.88 7.11 -10.56
C ASN E 120 0.54 7.67 -10.78
N THR E 121 1.11 8.08 -9.64
CA THR E 121 2.42 8.61 -9.52
C THR E 121 3.17 7.85 -8.41
N LYS E 122 4.42 7.51 -8.70
CA LYS E 122 5.27 6.83 -7.75
C LYS E 122 6.49 7.71 -7.38
N LEU E 123 6.60 8.04 -6.11
CA LEU E 123 7.73 8.87 -5.56
C LEU E 123 8.64 7.92 -4.80
N ASP E 124 9.82 7.66 -5.40
CA ASP E 124 10.72 6.62 -4.89
C ASP E 124 10.01 5.21 -4.86
N ASN E 125 9.66 4.71 -3.69
CA ASN E 125 9.07 3.41 -3.56
C ASN E 125 7.55 3.42 -3.30
N ASN E 126 6.95 4.61 -3.27
CA ASN E 126 5.54 4.81 -2.81
C ASN E 126 4.63 5.29 -3.93
N TRP E 127 3.62 4.51 -4.19
CA TRP E 127 2.51 4.87 -5.03
C TRP E 127 1.62 5.85 -4.31
N GLY E 128 1.20 6.86 -5.04
CA GLY E 128 0.24 7.81 -4.57
C GLY E 128 -1.25 7.45 -4.67
N ARG E 129 -2.03 8.51 -4.85
CA ARG E 129 -3.46 8.45 -5.01
C ARG E 129 -3.86 7.83 -6.37
N GLU E 130 -4.66 6.77 -6.36
CA GLU E 130 -5.06 6.11 -7.60
C GLU E 130 -6.19 6.89 -8.29
N GLU E 131 -6.07 7.08 -9.59
CA GLU E 131 -7.11 7.64 -10.41
C GLU E 131 -7.57 6.53 -11.32
N ARG E 132 -8.78 6.04 -11.06
CA ARG E 132 -9.28 4.82 -11.64
C ARG E 132 -10.41 5.20 -12.53
N GLN E 133 -10.41 4.65 -13.74
CA GLN E 133 -11.44 5.02 -14.68
C GLN E 133 -11.80 3.79 -15.54
N SER E 134 -13.05 3.66 -15.89
CA SER E 134 -13.51 2.41 -16.48
C SER E 134 -13.74 2.50 -17.99
N VAL E 135 -13.47 3.64 -18.64
CA VAL E 135 -13.50 3.70 -20.10
C VAL E 135 -12.26 2.94 -20.58
N PHE E 136 -12.40 2.08 -21.56
CA PHE E 136 -11.42 1.09 -21.88
C PHE E 136 -11.49 0.69 -23.35
N PRO E 137 -10.78 1.43 -24.22
CA PRO E 137 -10.95 1.20 -25.65
C PRO E 137 -10.18 -0.02 -26.23
N PHE E 138 -9.30 -0.59 -25.46
CA PHE E 138 -8.45 -1.66 -25.94
C PHE E 138 -9.24 -2.97 -26.04
N GLU E 139 -8.84 -3.83 -26.96
CA GLU E 139 -9.43 -5.16 -27.10
C GLU E 139 -8.38 -6.13 -27.52
N SER E 140 -8.43 -7.34 -26.94
CA SER E 140 -7.48 -8.39 -27.25
C SER E 140 -7.32 -8.61 -28.75
N GLY E 141 -6.08 -8.86 -29.16
CA GLY E 141 -5.79 -9.07 -30.56
C GLY E 141 -6.00 -7.89 -31.49
N LYS E 142 -6.32 -6.71 -30.99
CA LYS E 142 -6.64 -5.57 -31.90
C LYS E 142 -5.61 -4.45 -31.86
N PRO E 143 -5.41 -3.78 -33.01
CA PRO E 143 -4.55 -2.62 -32.99
C PRO E 143 -5.10 -1.40 -32.17
N PHE E 144 -4.18 -0.62 -31.60
CA PHE E 144 -4.52 0.62 -30.91
C PHE E 144 -3.55 1.77 -31.26
N LYS E 145 -3.93 2.97 -30.88
CA LYS E 145 -3.11 4.16 -31.01
C LYS E 145 -3.24 4.98 -29.72
N ILE E 146 -2.19 5.10 -28.91
CA ILE E 146 -2.25 5.98 -27.72
C ILE E 146 -1.56 7.26 -28.09
N GLN E 147 -2.16 8.38 -27.75
CA GLN E 147 -1.50 9.65 -27.86
C GLN E 147 -1.60 10.29 -26.53
N VAL E 148 -0.47 10.82 -26.07
CA VAL E 148 -0.37 11.62 -24.85
C VAL E 148 0.09 13.01 -25.31
N LEU E 149 -0.76 14.01 -25.06
CA LEU E 149 -0.44 15.39 -25.30
C LEU E 149 -0.09 16.00 -23.96
N VAL E 150 1.02 16.74 -23.89
CA VAL E 150 1.52 17.32 -22.66
C VAL E 150 1.01 18.74 -22.65
N GLU E 151 0.26 19.11 -21.63
CA GLU E 151 -0.22 20.47 -21.43
C GLU E 151 0.50 20.99 -20.20
N PRO E 152 0.40 22.29 -19.92
CA PRO E 152 1.09 22.83 -18.73
C PRO E 152 0.61 22.26 -17.40
N ASP E 153 -0.69 21.97 -17.31
CA ASP E 153 -1.42 21.43 -16.11
C ASP E 153 -1.46 19.91 -16.00
N HIS E 154 -1.55 19.23 -17.14
CA HIS E 154 -1.93 17.84 -17.14
C HIS E 154 -1.40 17.16 -18.35
N PHE E 155 -1.37 15.82 -18.29
CA PHE E 155 -1.26 15.01 -19.49
C PHE E 155 -2.69 14.79 -20.00
N LYS E 156 -2.85 14.70 -21.32
CA LYS E 156 -4.13 14.39 -21.96
C LYS E 156 -3.89 13.11 -22.76
N VAL E 157 -4.70 12.08 -22.52
CA VAL E 157 -4.60 10.82 -23.24
C VAL E 157 -5.78 10.59 -24.17
N ALA E 158 -5.51 10.22 -25.42
CA ALA E 158 -6.53 9.78 -26.38
C ALA E 158 -6.15 8.39 -26.93
N VAL E 159 -7.14 7.49 -27.06
CA VAL E 159 -6.96 6.20 -27.75
C VAL E 159 -7.83 6.09 -28.98
N ASN E 160 -7.23 5.67 -30.06
CA ASN E 160 -7.90 5.56 -31.35
C ASN E 160 -8.66 6.82 -31.74
N ASP E 161 -7.99 7.96 -31.56
CA ASP E 161 -8.45 9.29 -31.98
C ASP E 161 -9.68 9.89 -31.30
N ALA E 162 -10.01 9.33 -30.12
CA ALA E 162 -11.03 9.88 -29.21
C ALA E 162 -10.35 10.14 -27.87
N HIS E 163 -10.69 11.27 -27.28
CA HIS E 163 -10.18 11.62 -25.97
C HIS E 163 -10.58 10.60 -24.93
N LEU E 164 -9.67 10.36 -24.00
CA LEU E 164 -9.82 9.30 -23.02
C LEU E 164 -9.79 9.85 -21.62
N LEU E 165 -8.79 10.62 -21.24
CA LEU E 165 -8.69 11.12 -19.85
C LEU E 165 -7.66 12.19 -19.74
N GLN E 166 -7.67 12.87 -18.59
CA GLN E 166 -6.53 13.75 -18.22
C GLN E 166 -6.04 13.46 -16.86
N TYR E 167 -4.75 13.72 -16.67
CA TYR E 167 -4.08 13.41 -15.44
C TYR E 167 -3.24 14.60 -15.05
N ASN E 168 -3.48 15.15 -13.87
CA ASN E 168 -2.82 16.39 -13.45
C ASN E 168 -1.40 16.10 -13.02
N HIS E 169 -0.50 16.95 -13.47
CA HIS E 169 0.90 16.80 -13.10
C HIS E 169 1.03 16.88 -11.59
N ARG E 170 1.68 15.88 -11.02
CA ARG E 170 2.04 15.89 -9.61
C ARG E 170 3.53 16.13 -9.57
N VAL E 171 4.26 15.45 -10.45
CA VAL E 171 5.64 15.80 -10.68
C VAL E 171 5.66 17.04 -11.53
N LYS E 172 6.26 18.08 -10.98
CA LYS E 172 6.17 19.44 -11.52
C LYS E 172 7.31 19.79 -12.44
N LYS E 173 8.50 19.32 -12.15
CA LYS E 173 9.63 19.58 -13.02
C LYS E 173 9.53 18.73 -14.27
N LEU E 174 8.70 19.18 -15.21
CA LEU E 174 8.44 18.44 -16.44
C LEU E 174 9.70 18.09 -17.25
N ASN E 175 10.67 19.01 -17.23
CA ASN E 175 11.91 18.84 -17.98
C ASN E 175 12.74 17.67 -17.42
N GLU E 176 12.43 17.18 -16.22
CA GLU E 176 13.17 16.05 -15.67
C GLU E 176 12.60 14.68 -16.08
N ILE E 177 11.40 14.70 -16.69
CA ILE E 177 10.67 13.48 -17.00
C ILE E 177 11.30 12.93 -18.29
N SER E 178 12.26 12.04 -18.11
CA SER E 178 13.36 11.79 -19.03
C SER E 178 13.16 10.60 -19.99
N LYS E 179 12.28 9.68 -19.60
CA LYS E 179 12.14 8.35 -20.19
C LYS E 179 10.67 7.93 -20.20
N LEU E 180 10.28 7.21 -21.25
CA LEU E 180 8.98 6.60 -21.28
C LEU E 180 9.11 5.08 -21.48
N GLY E 181 8.70 4.32 -20.47
CA GLY E 181 8.67 2.85 -20.53
C GLY E 181 7.30 2.35 -21.00
N ILE E 182 7.31 1.42 -21.95
CA ILE E 182 6.11 0.89 -22.59
C ILE E 182 6.18 -0.61 -22.37
N SER E 183 5.23 -1.16 -21.64
CA SER E 183 5.29 -2.58 -21.26
C SER E 183 3.91 -3.26 -21.23
N GLY E 184 3.90 -4.55 -20.92
CA GLY E 184 2.72 -5.38 -20.87
C GLY E 184 2.49 -6.12 -22.17
N ASP E 185 1.26 -6.61 -22.35
CA ASP E 185 0.91 -7.63 -23.35
C ASP E 185 0.52 -6.97 -24.67
N ILE E 186 1.53 -6.47 -25.39
CA ILE E 186 1.32 -5.78 -26.67
C ILE E 186 2.48 -6.12 -27.60
N ASP E 187 2.25 -6.06 -28.91
CA ASP E 187 3.30 -6.05 -29.92
C ASP E 187 3.34 -4.61 -30.40
N LEU E 188 4.48 -3.97 -30.20
CA LEU E 188 4.67 -2.55 -30.39
C LEU E 188 5.18 -2.29 -31.80
N THR E 189 4.63 -1.29 -32.45
CA THR E 189 4.90 -0.98 -33.82
C THR E 189 5.67 0.32 -34.01
N SER E 190 5.31 1.40 -33.29
CA SER E 190 6.12 2.61 -33.21
C SER E 190 5.86 3.31 -31.91
N ALA E 191 6.81 4.14 -31.55
CA ALA E 191 6.74 4.95 -30.36
C ALA E 191 7.53 6.18 -30.77
N SER E 192 6.84 7.31 -30.91
CA SER E 192 7.50 8.57 -31.30
C SER E 192 6.99 9.71 -30.46
N TYR E 193 7.67 10.86 -30.57
CA TYR E 193 7.15 12.09 -30.03
C TYR E 193 7.50 13.23 -30.95
N THR E 194 6.72 14.28 -30.95
CA THR E 194 7.08 15.51 -31.66
C THR E 194 6.44 16.70 -30.98
N MET E 195 6.70 17.91 -31.50
CA MET E 195 6.04 19.13 -31.01
C MET E 195 4.98 19.54 -32.02
N ILE E 196 3.85 20.06 -31.54
CA ILE E 196 2.77 20.52 -32.45
C ILE E 196 2.42 22.01 -32.21
N PRO F 59 29.54 -5.85 -23.14
CA PRO F 59 28.54 -5.51 -22.13
C PRO F 59 27.05 -5.81 -22.54
N LEU F 60 26.14 -5.86 -21.55
CA LEU F 60 24.68 -6.14 -21.72
C LEU F 60 23.82 -4.94 -21.26
N ILE F 61 22.71 -4.69 -21.96
CA ILE F 61 21.84 -3.53 -21.67
C ILE F 61 20.92 -3.81 -20.44
N VAL F 62 20.89 -2.83 -19.52
CA VAL F 62 20.10 -2.86 -18.28
C VAL F 62 18.97 -1.84 -18.47
N PRO F 63 17.69 -2.21 -18.34
CA PRO F 63 17.18 -3.48 -17.77
C PRO F 63 17.43 -4.71 -18.66
N TYR F 64 17.85 -5.82 -18.06
CA TYR F 64 18.21 -7.00 -18.82
C TYR F 64 17.32 -8.16 -18.43
N ASN F 65 16.97 -8.94 -19.45
CA ASN F 65 16.10 -10.08 -19.31
C ASN F 65 16.89 -11.35 -19.56
N LEU F 66 17.02 -12.18 -18.52
CA LEU F 66 17.68 -13.46 -18.65
C LEU F 66 16.63 -14.56 -18.80
N PRO F 67 16.42 -15.12 -20.03
CA PRO F 67 15.42 -16.17 -20.21
C PRO F 67 15.78 -17.38 -19.41
N LEU F 68 14.77 -18.08 -18.89
CA LEU F 68 14.99 -19.37 -18.27
C LEU F 68 14.18 -20.44 -19.03
N PRO F 69 14.60 -20.73 -20.28
CA PRO F 69 13.83 -21.70 -21.07
C PRO F 69 13.94 -23.02 -20.36
N GLY F 70 12.81 -23.66 -20.12
CA GLY F 70 12.81 -24.83 -19.23
C GLY F 70 12.64 -24.49 -17.77
N GLY F 71 12.40 -23.23 -17.45
CA GLY F 71 11.98 -22.87 -16.11
C GLY F 71 13.00 -23.02 -15.01
N VAL F 72 12.62 -22.55 -13.84
CA VAL F 72 13.49 -22.72 -12.71
C VAL F 72 13.10 -24.04 -12.15
N VAL F 73 14.08 -24.62 -11.47
CA VAL F 73 13.96 -25.96 -10.99
C VAL F 73 14.99 -26.11 -9.86
N PRO F 74 14.67 -26.92 -8.81
CA PRO F 74 15.60 -27.12 -7.74
C PRO F 74 16.96 -27.55 -8.29
N ARG F 75 18.02 -26.98 -7.70
CA ARG F 75 19.43 -27.16 -8.06
C ARG F 75 19.93 -26.19 -9.13
N MET F 76 19.04 -25.36 -9.68
CA MET F 76 19.51 -24.30 -10.58
C MET F 76 20.31 -23.26 -9.79
N LEU F 77 21.41 -22.77 -10.39
CA LEU F 77 22.32 -21.82 -9.80
C LEU F 77 22.56 -20.67 -10.80
N ILE F 78 22.07 -19.46 -10.50
CA ILE F 78 22.19 -18.28 -11.39
C ILE F 78 23.37 -17.44 -10.94
N THR F 79 24.12 -16.87 -11.86
CA THR F 79 25.26 -16.12 -11.46
C THR F 79 25.32 -14.78 -12.21
N ILE F 80 25.41 -13.65 -11.48
CA ILE F 80 25.34 -12.30 -12.07
C ILE F 80 26.56 -11.49 -11.62
N LEU F 81 27.27 -10.95 -12.60
CA LEU F 81 28.48 -10.17 -12.38
C LEU F 81 28.27 -8.78 -12.95
N GLY F 82 28.79 -7.78 -12.28
CA GLY F 82 28.71 -6.41 -12.77
C GLY F 82 29.39 -5.46 -11.82
N THR F 83 29.17 -4.18 -12.06
CA THR F 83 29.73 -3.09 -11.26
C THR F 83 28.61 -2.11 -10.87
N VAL F 84 28.48 -1.82 -9.58
CA VAL F 84 27.49 -0.85 -9.09
C VAL F 84 27.89 0.53 -9.61
N LYS F 85 26.95 1.29 -10.18
CA LYS F 85 27.26 2.62 -10.72
C LYS F 85 27.60 3.55 -9.58
N PRO F 86 28.30 4.65 -9.86
CA PRO F 86 28.41 5.68 -8.82
C PRO F 86 27.03 6.22 -8.43
N ASN F 87 26.89 6.67 -7.18
CA ASN F 87 25.67 7.35 -6.72
C ASN F 87 24.41 6.50 -6.87
N ALA F 88 24.57 5.19 -6.69
CA ALA F 88 23.49 4.21 -6.85
C ALA F 88 22.33 4.37 -5.84
N ASN F 89 21.10 4.24 -6.34
CA ASN F 89 19.92 4.32 -5.49
C ASN F 89 19.34 2.95 -5.22
N ARG F 90 19.35 2.04 -6.20
CA ARG F 90 18.74 0.70 -6.05
C ARG F 90 19.28 -0.28 -7.11
N ILE F 91 19.16 -1.57 -6.82
CA ILE F 91 19.33 -2.66 -7.73
C ILE F 91 18.07 -3.50 -7.56
N ALA F 92 17.60 -4.16 -8.63
CA ALA F 92 16.55 -5.19 -8.45
C ALA F 92 16.69 -6.49 -9.30
N LEU F 93 16.36 -7.61 -8.69
CA LEU F 93 16.19 -8.88 -9.38
C LEU F 93 14.72 -9.31 -9.32
N ASP F 94 14.16 -9.71 -10.48
CA ASP F 94 12.71 -10.06 -10.63
C ASP F 94 12.50 -11.35 -11.37
N PHE F 95 12.22 -12.38 -10.59
CA PHE F 95 11.90 -13.70 -11.09
C PHE F 95 10.44 -13.62 -11.43
N GLN F 96 10.12 -13.80 -12.71
CA GLN F 96 8.77 -13.56 -13.26
C GLN F 96 8.00 -14.84 -13.62
N ARG F 97 6.76 -14.95 -13.16
CA ARG F 97 5.85 -16.01 -13.49
C ARG F 97 4.50 -15.49 -13.93
N GLY F 98 4.32 -15.42 -15.24
CA GLY F 98 3.03 -14.94 -15.78
C GLY F 98 2.78 -13.51 -15.36
N ASN F 99 1.75 -13.29 -14.55
CA ASN F 99 1.35 -11.92 -14.11
C ASN F 99 1.97 -11.57 -12.74
N ASP F 100 2.80 -12.49 -12.24
CA ASP F 100 3.40 -12.44 -10.94
C ASP F 100 4.94 -12.28 -10.97
N VAL F 101 5.48 -11.68 -9.90
CA VAL F 101 6.91 -11.72 -9.62
C VAL F 101 7.10 -12.72 -8.47
N ALA F 102 7.65 -13.91 -8.77
CA ALA F 102 7.76 -14.95 -7.74
C ALA F 102 8.78 -14.55 -6.66
N PHE F 103 9.83 -13.84 -7.06
CA PHE F 103 10.89 -13.44 -6.12
C PHE F 103 11.55 -12.15 -6.60
N HIS F 104 11.48 -11.15 -5.71
CA HIS F 104 11.97 -9.82 -5.96
C HIS F 104 13.01 -9.62 -4.85
N PHE F 105 14.24 -9.27 -5.25
CA PHE F 105 15.36 -9.06 -4.34
C PHE F 105 15.84 -7.65 -4.64
N ASN F 106 15.72 -6.72 -3.66
CA ASN F 106 15.82 -5.29 -3.93
C ASN F 106 16.71 -4.58 -2.89
N PRO F 107 18.00 -4.44 -3.22
CA PRO F 107 18.93 -3.60 -2.44
C PRO F 107 18.58 -2.16 -2.66
N ARG F 108 18.42 -1.43 -1.54
CA ARG F 108 18.18 -0.02 -1.60
C ARG F 108 19.30 0.67 -0.84
N PHE F 109 19.98 1.58 -1.53
CA PHE F 109 21.17 2.25 -1.02
C PHE F 109 20.83 3.40 -0.11
N ASN F 110 19.57 3.89 -0.17
CA ASN F 110 19.09 4.94 0.74
C ASN F 110 17.61 4.89 1.09
N GLU F 111 17.27 4.35 2.25
CA GLU F 111 15.91 4.46 2.79
C GLU F 111 16.06 5.14 4.17
N ASN F 112 15.84 6.46 4.24
CA ASN F 112 16.06 7.27 5.45
C ASN F 112 17.49 7.11 5.94
N ASN F 113 18.46 7.24 5.03
CA ASN F 113 19.90 7.11 5.32
C ASN F 113 20.27 5.76 5.93
N ARG F 114 19.73 4.69 5.35
CA ARG F 114 19.93 3.30 5.80
C ARG F 114 19.86 2.41 4.56
N ARG F 115 20.79 1.45 4.45
CA ARG F 115 20.86 0.52 3.36
C ARG F 115 19.99 -0.65 3.83
N VAL F 116 19.18 -1.20 2.93
CA VAL F 116 18.39 -2.38 3.26
C VAL F 116 18.24 -3.18 1.96
N ILE F 117 17.97 -4.46 2.11
CA ILE F 117 17.62 -5.33 1.01
C ILE F 117 16.27 -5.84 1.34
N VAL F 118 15.35 -5.66 0.40
CA VAL F 118 13.95 -6.01 0.56
C VAL F 118 13.66 -7.16 -0.38
N CYS F 119 13.00 -8.19 0.16
CA CYS F 119 12.59 -9.34 -0.60
C CYS F 119 11.11 -9.51 -0.52
N ASN F 120 10.50 -9.94 -1.64
CA ASN F 120 9.02 -10.04 -1.70
C ASN F 120 8.57 -10.81 -2.93
N THR F 121 7.27 -11.05 -2.96
CA THR F 121 6.57 -11.69 -4.04
C THR F 121 5.39 -10.78 -4.45
N LYS F 122 5.23 -10.55 -5.76
CA LYS F 122 4.10 -9.83 -6.29
C LYS F 122 3.16 -10.81 -6.97
N LEU F 123 1.92 -10.83 -6.49
CA LEU F 123 0.82 -11.60 -7.07
C LEU F 123 -0.15 -10.65 -7.82
N ASP F 124 -0.12 -10.72 -9.14
CA ASP F 124 -0.81 -9.77 -10.00
C ASP F 124 -0.33 -8.39 -9.60
N ASN F 125 -1.20 -7.53 -9.06
CA ASN F 125 -0.89 -6.18 -8.54
C ASN F 125 -0.53 -6.00 -7.09
N ASN F 126 -0.53 -7.06 -6.32
CA ASN F 126 -0.33 -7.00 -4.88
C ASN F 126 1.01 -7.63 -4.43
N TRP F 127 1.87 -6.79 -3.86
CA TRP F 127 2.99 -7.21 -3.04
C TRP F 127 2.51 -7.82 -1.74
N GLY F 128 3.12 -8.93 -1.30
CA GLY F 128 2.85 -9.49 0.02
C GLY F 128 3.81 -8.93 1.13
N ARG F 129 4.09 -9.80 2.10
CA ARG F 129 4.89 -9.55 3.29
C ARG F 129 6.35 -9.25 2.91
N GLU F 130 6.91 -8.15 3.39
CA GLU F 130 8.28 -7.79 3.06
C GLU F 130 9.22 -8.51 3.99
N GLU F 131 10.28 -9.03 3.42
CA GLU F 131 11.39 -9.64 4.17
C GLU F 131 12.55 -8.73 3.95
N ARG F 132 12.88 -8.01 5.01
CA ARG F 132 13.92 -7.03 5.06
C ARG F 132 15.12 -7.58 5.79
N GLN F 133 16.30 -7.14 5.37
CA GLN F 133 17.58 -7.64 5.82
C GLN F 133 18.57 -6.46 5.75
N SER F 134 19.33 -6.20 6.82
CA SER F 134 20.29 -5.07 6.84
C SER F 134 21.72 -5.38 6.34
N VAL F 135 22.15 -6.65 6.26
CA VAL F 135 23.48 -6.98 5.71
C VAL F 135 23.53 -6.54 4.25
N PHE F 136 24.50 -5.75 3.86
CA PHE F 136 24.41 -5.10 2.54
C PHE F 136 25.82 -4.96 2.03
N PRO F 137 26.31 -5.96 1.25
CA PRO F 137 27.73 -5.87 0.89
C PRO F 137 28.05 -4.98 -0.30
N PHE F 138 27.07 -4.29 -0.90
CA PHE F 138 27.31 -3.62 -2.21
C PHE F 138 27.94 -2.30 -1.91
N GLU F 139 28.74 -1.77 -2.82
CA GLU F 139 29.31 -0.43 -2.63
C GLU F 139 29.28 0.33 -3.93
N SER F 140 28.90 1.61 -3.85
CA SER F 140 28.85 2.50 -5.01
C SER F 140 30.18 2.51 -5.74
N GLY F 141 30.16 2.05 -6.98
CA GLY F 141 31.37 2.06 -7.84
C GLY F 141 32.16 0.78 -7.88
N LYS F 142 31.78 -0.23 -7.11
CA LYS F 142 32.62 -1.39 -6.96
C LYS F 142 32.03 -2.64 -7.61
N PRO F 143 32.91 -3.55 -8.05
CA PRO F 143 32.47 -4.84 -8.56
C PRO F 143 31.58 -5.63 -7.59
N PHE F 144 30.58 -6.32 -8.14
CA PHE F 144 29.71 -7.22 -7.38
C PHE F 144 29.50 -8.55 -8.08
N LYS F 145 29.22 -9.55 -7.26
CA LYS F 145 28.77 -10.90 -7.64
C LYS F 145 27.45 -11.26 -6.88
N ILE F 146 26.38 -11.60 -7.64
CA ILE F 146 25.13 -12.13 -7.02
C ILE F 146 24.92 -13.54 -7.55
N GLN F 147 24.71 -14.49 -6.65
CA GLN F 147 24.39 -15.84 -7.04
C GLN F 147 23.16 -16.35 -6.32
N VAL F 148 22.23 -16.90 -7.07
CA VAL F 148 21.04 -17.48 -6.51
C VAL F 148 21.08 -18.97 -6.73
N LEU F 149 20.76 -19.72 -5.69
CA LEU F 149 20.59 -21.14 -5.75
C LEU F 149 19.15 -21.48 -5.40
N VAL F 150 18.47 -22.26 -6.25
CA VAL F 150 17.14 -22.77 -5.96
C VAL F 150 17.24 -24.14 -5.24
N GLU F 151 16.86 -24.21 -3.97
CA GLU F 151 16.48 -25.44 -3.29
C GLU F 151 14.96 -25.69 -3.50
N PRO F 152 14.38 -26.73 -2.87
CA PRO F 152 12.94 -27.02 -3.06
C PRO F 152 12.00 -26.16 -2.26
N ASP F 153 12.47 -25.75 -1.09
CA ASP F 153 11.70 -24.97 -0.13
C ASP F 153 11.99 -23.47 -0.23
N HIS F 154 13.13 -23.09 -0.82
CA HIS F 154 13.54 -21.69 -0.82
C HIS F 154 14.56 -21.35 -1.88
N PHE F 155 14.81 -20.05 -2.11
CA PHE F 155 16.03 -19.54 -2.75
C PHE F 155 17.07 -19.21 -1.65
N LYS F 156 18.36 -19.29 -2.00
CA LYS F 156 19.47 -18.78 -1.16
C LYS F 156 20.17 -17.78 -2.06
N VAL F 157 20.60 -16.64 -1.50
CA VAL F 157 21.33 -15.65 -2.27
C VAL F 157 22.67 -15.38 -1.57
N ALA F 158 23.77 -15.33 -2.34
CA ALA F 158 25.06 -14.87 -1.85
C ALA F 158 25.50 -13.70 -2.68
N VAL F 159 26.24 -12.79 -2.05
CA VAL F 159 26.81 -11.63 -2.69
C VAL F 159 28.29 -11.70 -2.38
N ASN F 160 29.09 -11.36 -3.39
CA ASN F 160 30.53 -11.48 -3.30
C ASN F 160 30.94 -12.74 -2.51
N ASP F 161 30.42 -13.87 -2.94
CA ASP F 161 30.83 -15.20 -2.41
C ASP F 161 30.54 -15.51 -0.93
N ALA F 162 29.62 -14.77 -0.30
CA ALA F 162 29.22 -15.10 1.06
C ALA F 162 27.72 -15.18 1.09
N HIS F 163 27.21 -16.24 1.72
CA HIS F 163 25.77 -16.39 1.93
C HIS F 163 25.20 -15.17 2.65
N LEU F 164 24.02 -14.73 2.17
CA LEU F 164 23.38 -13.52 2.63
C LEU F 164 22.03 -13.76 3.28
N LEU F 165 21.13 -14.47 2.59
CA LEU F 165 19.74 -14.67 3.07
C LEU F 165 19.06 -15.87 2.41
N GLN F 166 18.03 -16.39 3.06
CA GLN F 166 17.07 -17.32 2.46
C GLN F 166 15.70 -16.62 2.18
N TYR F 167 15.01 -17.02 1.11
CA TYR F 167 13.63 -16.58 0.80
C TYR F 167 12.76 -17.82 0.47
N ASN F 168 11.84 -18.16 1.39
CA ASN F 168 10.94 -19.31 1.19
C ASN F 168 9.97 -19.10 0.03
N HIS F 169 9.78 -20.15 -0.76
CA HIS F 169 8.98 -20.09 -1.98
C HIS F 169 7.58 -19.75 -1.60
N ARG F 170 7.06 -18.72 -2.25
CA ARG F 170 5.66 -18.36 -2.18
C ARG F 170 4.99 -18.81 -3.46
N VAL F 171 5.60 -18.57 -4.61
CA VAL F 171 5.16 -19.20 -5.83
C VAL F 171 5.69 -20.64 -5.86
N LYS F 172 4.79 -21.62 -5.73
CA LYS F 172 5.17 -23.04 -5.57
C LYS F 172 5.52 -23.79 -6.87
N LYS F 173 4.84 -23.42 -7.96
CA LYS F 173 5.12 -23.98 -9.30
C LYS F 173 6.36 -23.39 -9.95
N LEU F 174 7.51 -23.82 -9.49
CA LEU F 174 8.79 -23.25 -9.89
C LEU F 174 9.00 -23.34 -11.41
N ASN F 175 8.58 -24.44 -12.01
CA ASN F 175 8.62 -24.63 -13.47
C ASN F 175 8.02 -23.46 -14.30
N GLU F 176 6.97 -22.81 -13.79
CA GLU F 176 6.34 -21.71 -14.55
C GLU F 176 7.17 -20.44 -14.57
N ILE F 177 8.12 -20.30 -13.65
CA ILE F 177 9.02 -19.15 -13.64
C ILE F 177 9.98 -19.21 -14.84
N SER F 178 9.90 -18.26 -15.75
CA SER F 178 10.53 -18.32 -17.06
C SER F 178 11.50 -17.20 -17.43
N LYS F 179 11.66 -16.21 -16.58
CA LYS F 179 12.48 -15.01 -16.85
C LYS F 179 13.05 -14.54 -15.52
N LEU F 180 14.20 -13.86 -15.60
CA LEU F 180 14.73 -13.08 -14.49
C LEU F 180 15.04 -11.74 -15.03
N GLY F 181 14.38 -10.70 -14.50
CA GLY F 181 14.77 -9.34 -14.84
C GLY F 181 15.89 -8.84 -13.93
N ILE F 182 16.77 -8.03 -14.49
CA ILE F 182 17.92 -7.53 -13.76
C ILE F 182 17.93 -6.06 -14.05
N SER F 183 17.76 -5.21 -13.03
CA SER F 183 17.66 -3.76 -13.24
C SER F 183 18.24 -2.90 -12.13
N GLY F 184 18.25 -1.59 -12.38
CA GLY F 184 18.64 -0.56 -11.45
C GLY F 184 19.96 0.02 -11.86
N ASP F 185 20.68 0.55 -10.88
CA ASP F 185 21.93 1.30 -11.10
C ASP F 185 23.19 0.40 -11.10
N ILE F 186 23.23 -0.47 -12.11
CA ILE F 186 24.37 -1.33 -12.37
C ILE F 186 24.71 -1.34 -13.84
N ASP F 187 25.98 -1.65 -14.09
CA ASP F 187 26.54 -1.98 -15.40
C ASP F 187 26.74 -3.51 -15.29
N LEU F 188 26.19 -4.24 -16.24
CA LEU F 188 26.09 -5.70 -16.16
C LEU F 188 27.15 -6.37 -17.03
N THR F 189 27.95 -7.28 -16.46
CA THR F 189 29.07 -7.97 -17.18
C THR F 189 28.71 -9.37 -17.70
N SER F 190 28.04 -10.17 -16.88
CA SER F 190 27.47 -11.42 -17.33
C SER F 190 26.30 -11.84 -16.46
N ALA F 191 25.51 -12.76 -17.00
CA ALA F 191 24.31 -13.24 -16.36
C ALA F 191 23.96 -14.56 -17.01
N SER F 192 24.10 -15.63 -16.24
CA SER F 192 24.01 -16.99 -16.75
C SER F 192 23.54 -17.91 -15.64
N TYR F 193 23.15 -19.14 -15.99
CA TYR F 193 22.81 -20.17 -14.99
C TYR F 193 23.50 -21.46 -15.39
N THR F 194 23.55 -22.36 -14.42
CA THR F 194 23.97 -23.70 -14.65
C THR F 194 23.29 -24.54 -13.56
N MET F 195 23.68 -25.81 -13.42
CA MET F 195 23.07 -26.67 -12.37
C MET F 195 24.17 -27.17 -11.46
N ILE F 196 23.82 -27.51 -10.22
CA ILE F 196 24.72 -28.24 -9.28
C ILE F 196 23.98 -29.37 -8.54
N ASN G 3 -19.00 1.45 27.28
CA ASN G 3 -18.58 0.61 26.11
C ASN G 3 -18.21 -0.87 26.40
N PHE G 4 -19.25 -1.67 26.68
CA PHE G 4 -19.12 -3.09 27.05
C PHE G 4 -20.04 -3.99 26.17
N SER G 5 -19.87 -5.30 26.25
CA SER G 5 -20.77 -6.25 25.56
C SER G 5 -21.40 -7.29 26.50
N LEU G 6 -22.60 -7.75 26.14
CA LEU G 6 -23.35 -8.76 26.86
C LEU G 6 -23.46 -9.99 25.93
N HIS G 7 -23.25 -11.21 26.45
CA HIS G 7 -23.29 -12.45 25.64
C HIS G 7 -24.02 -13.53 26.38
N ASP G 8 -24.86 -14.29 25.70
CA ASP G 8 -25.42 -15.51 26.31
C ASP G 8 -25.01 -16.65 25.40
N ALA G 9 -25.72 -17.78 25.44
CA ALA G 9 -25.36 -18.91 24.59
C ALA G 9 -25.50 -18.57 23.08
N LEU G 10 -26.65 -18.03 22.69
CA LEU G 10 -26.97 -17.90 21.28
C LEU G 10 -26.65 -16.53 20.63
N SER G 11 -26.23 -15.54 21.42
CA SER G 11 -26.30 -14.13 21.00
C SER G 11 -25.39 -13.27 21.78
N GLY G 12 -25.27 -12.02 21.32
CA GLY G 12 -24.63 -10.95 22.08
C GLY G 12 -24.86 -9.59 21.49
N SER G 13 -24.41 -8.56 22.21
CA SER G 13 -24.83 -7.21 21.99
C SER G 13 -23.91 -6.21 22.67
N GLY G 14 -23.73 -5.06 22.02
CA GLY G 14 -23.00 -3.94 22.55
C GLY G 14 -23.90 -3.04 23.39
N ASN G 15 -23.44 -2.71 24.58
CA ASN G 15 -24.25 -2.12 25.69
C ASN G 15 -25.71 -1.69 25.49
N PRO G 16 -26.66 -2.41 26.14
CA PRO G 16 -28.02 -1.91 26.42
C PRO G 16 -28.21 -1.70 27.92
N LEU G 60 -23.33 4.12 21.84
CA LEU G 60 -22.02 3.48 21.85
C LEU G 60 -20.98 4.32 21.09
N ILE G 61 -19.79 4.45 21.66
CA ILE G 61 -18.80 5.35 21.10
C ILE G 61 -18.00 4.65 20.02
N VAL G 62 -17.64 5.41 18.99
CA VAL G 62 -16.96 4.89 17.84
C VAL G 62 -15.57 5.46 17.93
N PRO G 63 -14.49 4.71 17.62
CA PRO G 63 -14.50 3.31 17.15
C PRO G 63 -14.86 2.32 18.25
N TYR G 64 -15.69 1.35 17.89
CA TYR G 64 -16.29 0.39 18.83
C TYR G 64 -15.79 -1.02 18.52
N ASN G 65 -15.54 -1.79 19.57
CA ASN G 65 -15.25 -3.19 19.40
C ASN G 65 -16.36 -4.06 19.95
N LEU G 66 -16.88 -4.92 19.09
CA LEU G 66 -17.83 -5.95 19.49
C LEU G 66 -17.11 -7.32 19.47
N PRO G 67 -16.82 -7.90 20.67
CA PRO G 67 -16.28 -9.25 20.72
C PRO G 67 -17.22 -10.27 20.13
N LEU G 68 -16.67 -11.24 19.39
CA LEU G 68 -17.43 -12.37 18.85
C LEU G 68 -16.79 -13.69 19.34
N PRO G 69 -17.05 -14.09 20.60
CA PRO G 69 -16.40 -15.27 21.20
C PRO G 69 -16.71 -16.53 20.42
N GLY G 70 -15.70 -17.35 20.15
CA GLY G 70 -15.90 -18.49 19.23
C GLY G 70 -16.17 -18.07 17.79
N GLY G 71 -15.53 -16.94 17.44
CA GLY G 71 -15.57 -16.36 16.12
C GLY G 71 -16.91 -16.36 15.42
N VAL G 72 -16.91 -16.71 14.15
CA VAL G 72 -18.11 -16.74 13.34
C VAL G 72 -18.40 -18.16 12.89
N VAL G 73 -19.66 -18.40 12.61
CA VAL G 73 -20.12 -19.71 12.27
C VAL G 73 -21.28 -19.51 11.34
N PRO G 74 -21.43 -20.37 10.33
CA PRO G 74 -22.56 -20.30 9.42
C PRO G 74 -23.90 -20.11 10.13
N ARG G 75 -24.78 -19.34 9.49
CA ARG G 75 -26.08 -18.95 10.04
C ARG G 75 -25.99 -17.91 11.16
N MET G 76 -24.79 -17.35 11.43
CA MET G 76 -24.64 -16.21 12.33
C MET G 76 -25.01 -14.94 11.56
N LEU G 77 -25.72 -14.02 12.24
CA LEU G 77 -26.23 -12.75 11.67
C LEU G 77 -25.74 -11.66 12.59
N ILE G 78 -24.94 -10.75 12.02
CA ILE G 78 -24.48 -9.57 12.69
C ILE G 78 -25.31 -8.39 12.15
N THR G 79 -25.83 -7.58 13.05
CA THR G 79 -26.73 -6.49 12.74
C THR G 79 -26.16 -5.24 13.35
N ILE G 80 -25.79 -4.27 12.50
CA ILE G 80 -25.29 -2.95 12.91
C ILE G 80 -26.32 -1.89 12.52
N LEU G 81 -26.69 -1.03 13.48
CA LEU G 81 -27.62 0.05 13.22
C LEU G 81 -26.95 1.30 13.62
N GLY G 82 -27.09 2.33 12.81
CA GLY G 82 -26.54 3.63 13.15
C GLY G 82 -27.06 4.68 12.22
N THR G 83 -26.38 5.82 12.21
CA THR G 83 -26.71 6.91 11.34
C THR G 83 -25.39 7.53 10.88
N VAL G 84 -25.33 7.84 9.60
CA VAL G 84 -24.13 8.40 9.03
C VAL G 84 -24.07 9.82 9.47
N LYS G 85 -22.87 10.28 9.81
CA LYS G 85 -22.65 11.64 10.24
C LYS G 85 -22.80 12.58 9.05
N PRO G 86 -22.98 13.88 9.33
CA PRO G 86 -22.87 14.87 8.25
C PRO G 86 -21.44 15.00 7.73
N ASN G 87 -21.25 15.34 6.47
CA ASN G 87 -19.90 15.43 5.86
C ASN G 87 -19.07 14.14 6.06
N ALA G 88 -19.71 12.98 5.89
CA ALA G 88 -19.05 11.69 6.17
C ALA G 88 -17.93 11.40 5.17
N ASN G 89 -16.84 10.84 5.64
CA ASN G 89 -15.78 10.40 4.75
C ASN G 89 -15.69 8.92 4.47
N ARG G 90 -15.95 8.11 5.48
CA ARG G 90 -15.75 6.67 5.40
C ARG G 90 -16.46 5.98 6.52
N ILE G 91 -16.78 4.72 6.27
CA ILE G 91 -17.28 3.78 7.27
C ILE G 91 -16.45 2.48 7.09
N ALA G 92 -16.20 1.76 8.18
CA ALA G 92 -15.42 0.51 8.17
C ALA G 92 -15.92 -0.54 9.13
N LEU G 93 -16.27 -1.72 8.60
CA LEU G 93 -16.39 -2.91 9.43
C LEU G 93 -15.10 -3.74 9.25
N ASP G 94 -14.51 -4.16 10.37
CA ASP G 94 -13.29 -4.98 10.39
C ASP G 94 -13.51 -6.24 11.21
N PHE G 95 -13.76 -7.34 10.53
CA PHE G 95 -13.78 -8.64 11.22
C PHE G 95 -12.34 -9.09 11.47
N GLN G 96 -11.87 -9.01 12.72
CA GLN G 96 -10.48 -9.34 13.09
C GLN G 96 -10.24 -10.83 13.49
N ARG G 97 -9.12 -11.42 13.05
CA ARG G 97 -8.62 -12.71 13.58
C ARG G 97 -7.16 -12.53 13.97
N GLY G 98 -6.94 -12.32 15.25
CA GLY G 98 -5.60 -12.10 15.79
C GLY G 98 -5.02 -10.80 15.27
N ASN G 99 -3.99 -10.94 14.43
CA ASN G 99 -3.26 -9.79 13.89
C ASN G 99 -3.64 -9.47 12.45
N ASP G 100 -4.64 -10.20 11.97
CA ASP G 100 -5.17 -10.12 10.61
C ASP G 100 -6.57 -9.49 10.63
N VAL G 101 -6.94 -8.89 9.50
CA VAL G 101 -8.33 -8.55 9.23
C VAL G 101 -8.95 -9.52 8.19
N ALA G 102 -9.77 -10.45 8.67
CA ALA G 102 -10.39 -11.46 7.80
C ALA G 102 -11.31 -10.86 6.76
N PHE G 103 -12.13 -9.87 7.17
CA PHE G 103 -13.06 -9.17 6.29
C PHE G 103 -13.17 -7.71 6.65
N HIS G 104 -12.71 -6.85 5.72
CA HIS G 104 -12.77 -5.40 5.76
C HIS G 104 -13.85 -4.97 4.80
N PHE G 105 -14.78 -4.15 5.26
CA PHE G 105 -15.93 -3.65 4.49
C PHE G 105 -15.88 -2.14 4.65
N ASN G 106 -15.53 -1.44 3.57
CA ASN G 106 -15.12 -0.02 3.66
C ASN G 106 -15.80 0.85 2.58
N PRO G 107 -17.08 1.27 2.86
CA PRO G 107 -17.71 2.42 2.21
C PRO G 107 -16.85 3.68 2.30
N ARG G 108 -16.44 4.17 1.14
CA ARG G 108 -15.75 5.45 1.00
C ARG G 108 -16.65 6.44 0.27
N PHE G 109 -16.85 7.63 0.82
CA PHE G 109 -17.80 8.63 0.27
C PHE G 109 -17.16 9.51 -0.80
N ASN G 110 -15.84 9.57 -0.85
CA ASN G 110 -15.15 10.33 -1.91
C ASN G 110 -13.76 9.74 -2.14
N GLU G 111 -13.68 8.94 -3.17
CA GLU G 111 -12.46 8.43 -3.72
C GLU G 111 -12.44 9.06 -5.10
N ASN G 112 -11.71 10.15 -5.28
CA ASN G 112 -11.70 10.92 -6.52
C ASN G 112 -13.09 11.21 -7.06
N ASN G 113 -13.95 11.72 -6.20
CA ASN G 113 -15.32 12.06 -6.49
C ASN G 113 -16.23 10.92 -6.85
N ARG G 114 -15.88 9.73 -6.41
CA ARG G 114 -16.76 8.59 -6.63
C ARG G 114 -17.00 8.03 -5.28
N ARG G 115 -18.20 7.52 -5.06
CA ARG G 115 -18.47 6.68 -3.92
C ARG G 115 -18.11 5.22 -4.34
N VAL G 116 -17.39 4.54 -3.46
CA VAL G 116 -16.98 3.18 -3.70
C VAL G 116 -17.00 2.40 -2.38
N ILE G 117 -17.49 1.16 -2.43
CA ILE G 117 -17.28 0.25 -1.32
C ILE G 117 -16.10 -0.67 -1.59
N VAL G 118 -15.13 -0.70 -0.68
CA VAL G 118 -13.95 -1.52 -0.88
C VAL G 118 -13.86 -2.66 0.13
N CYS G 119 -13.74 -3.90 -0.38
CA CYS G 119 -13.62 -5.07 0.52
C CYS G 119 -12.30 -5.78 0.30
N ASN G 120 -11.70 -6.22 1.40
CA ASN G 120 -10.37 -6.84 1.36
C ASN G 120 -10.07 -7.65 2.64
N THR G 121 -8.87 -8.22 2.68
CA THR G 121 -8.41 -9.01 3.79
C THR G 121 -7.00 -8.56 4.07
N LYS G 122 -6.69 -8.28 5.32
CA LYS G 122 -5.34 -7.91 5.66
C LYS G 122 -4.73 -9.09 6.42
N LEU G 123 -3.49 -9.49 6.09
CA LEU G 123 -2.78 -10.59 6.81
C LEU G 123 -1.51 -9.97 7.39
N ASP G 124 -1.46 -9.94 8.72
CA ASP G 124 -0.56 -9.06 9.43
C ASP G 124 -0.66 -7.58 8.97
N ASN G 125 0.32 -7.11 8.17
CA ASN G 125 0.42 -5.70 7.76
C ASN G 125 0.08 -5.48 6.29
N ASN G 126 -0.29 -6.56 5.59
CA ASN G 126 -0.55 -6.53 4.16
C ASN G 126 -1.99 -6.76 3.73
N TRP G 127 -2.45 -5.85 2.89
CA TRP G 127 -3.72 -5.97 2.18
C TRP G 127 -3.54 -6.81 0.94
N GLY G 128 -4.48 -7.71 0.76
CA GLY G 128 -4.57 -8.47 -0.45
C GLY G 128 -5.23 -7.73 -1.61
N ARG G 129 -5.91 -8.52 -2.43
CA ARG G 129 -6.60 -8.09 -3.63
C ARG G 129 -7.85 -7.33 -3.23
N GLU G 130 -8.00 -6.11 -3.71
CA GLU G 130 -9.21 -5.38 -3.40
C GLU G 130 -10.31 -5.89 -4.32
N GLU G 131 -11.51 -5.95 -3.76
CA GLU G 131 -12.71 -6.14 -4.44
C GLU G 131 -13.50 -4.84 -4.24
N ARG G 132 -13.86 -4.22 -5.34
CA ARG G 132 -14.34 -2.86 -5.36
C ARG G 132 -15.70 -2.87 -5.95
N GLN G 133 -16.65 -2.18 -5.32
CA GLN G 133 -18.02 -2.06 -5.90
C GLN G 133 -18.53 -0.66 -5.81
N SER G 134 -19.38 -0.29 -6.76
CA SER G 134 -19.92 1.05 -6.81
C SER G 134 -21.34 1.17 -6.25
N VAL G 135 -22.05 0.07 -5.99
CA VAL G 135 -23.39 0.18 -5.31
C VAL G 135 -23.29 0.68 -3.85
N PHE G 136 -23.89 1.82 -3.55
CA PHE G 136 -23.58 2.55 -2.34
C PHE G 136 -24.86 3.15 -1.77
N PRO G 137 -25.56 2.41 -0.88
CA PRO G 137 -26.87 2.85 -0.38
C PRO G 137 -26.87 3.88 0.78
N PHE G 138 -25.69 4.23 1.29
CA PHE G 138 -25.54 5.13 2.42
C PHE G 138 -25.64 6.59 1.98
N GLU G 139 -26.19 7.43 2.86
CA GLU G 139 -26.26 8.87 2.64
C GLU G 139 -25.81 9.63 3.85
N SER G 140 -25.09 10.73 3.65
CA SER G 140 -24.74 11.56 4.78
C SER G 140 -26.01 11.97 5.56
N GLY G 141 -25.87 11.94 6.89
CA GLY G 141 -26.93 12.27 7.80
C GLY G 141 -28.08 11.30 7.98
N LYS G 142 -28.12 10.16 7.31
CA LYS G 142 -29.33 9.27 7.38
C LYS G 142 -29.15 7.90 8.12
N PRO G 143 -30.25 7.29 8.60
CA PRO G 143 -30.14 5.95 9.21
C PRO G 143 -29.74 4.84 8.28
N PHE G 144 -29.03 3.86 8.81
CA PHE G 144 -28.74 2.63 8.05
C PHE G 144 -28.83 1.40 8.89
N LYS G 145 -29.09 0.29 8.23
CA LYS G 145 -29.06 -1.04 8.82
C LYS G 145 -28.13 -1.90 7.98
N ILE G 146 -27.02 -2.37 8.58
CA ILE G 146 -26.14 -3.31 7.92
C ILE G 146 -26.39 -4.70 8.52
N GLN G 147 -26.62 -5.70 7.68
CA GLN G 147 -26.66 -7.10 8.14
C GLN G 147 -25.58 -7.94 7.46
N VAL G 148 -24.75 -8.64 8.25
CA VAL G 148 -23.78 -9.59 7.71
C VAL G 148 -24.19 -11.01 8.14
N LEU G 149 -24.64 -11.79 7.15
CA LEU G 149 -24.91 -13.18 7.31
C LEU G 149 -23.62 -13.92 7.02
N VAL G 150 -23.22 -14.85 7.89
CA VAL G 150 -22.08 -15.72 7.64
C VAL G 150 -22.59 -17.00 7.01
N GLU G 151 -21.98 -17.40 5.89
CA GLU G 151 -22.31 -18.64 5.18
C GLU G 151 -21.03 -19.44 5.17
N PRO G 152 -21.10 -20.73 4.73
CA PRO G 152 -19.90 -21.58 4.78
C PRO G 152 -18.75 -21.04 3.94
N ASP G 153 -19.09 -20.49 2.76
CA ASP G 153 -18.11 -20.03 1.77
C ASP G 153 -17.93 -18.49 1.68
N HIS G 154 -18.85 -17.73 2.26
CA HIS G 154 -18.75 -16.29 2.16
C HIS G 154 -19.45 -15.53 3.24
N PHE G 155 -19.14 -14.26 3.29
CA PHE G 155 -19.87 -13.32 4.05
C PHE G 155 -20.95 -12.77 3.09
N LYS G 156 -22.25 -12.79 3.46
CA LYS G 156 -23.33 -12.13 2.70
C LYS G 156 -23.71 -10.80 3.40
N VAL G 157 -23.73 -9.67 2.70
CA VAL G 157 -23.93 -8.34 3.32
C VAL G 157 -25.15 -7.75 2.68
N ALA G 158 -26.11 -7.34 3.50
CA ALA G 158 -27.26 -6.55 3.07
C ALA G 158 -27.33 -5.25 3.87
N VAL G 159 -27.88 -4.21 3.23
CA VAL G 159 -28.03 -2.85 3.80
C VAL G 159 -29.46 -2.38 3.56
N ASN G 160 -30.12 -1.90 4.61
CA ASN G 160 -31.53 -1.48 4.57
C ASN G 160 -32.47 -2.53 3.96
N ASP G 161 -32.21 -3.80 4.28
CA ASP G 161 -33.07 -4.95 3.94
C ASP G 161 -32.99 -5.43 2.49
N ALA G 162 -31.89 -5.08 1.78
CA ALA G 162 -31.66 -5.46 0.37
C ALA G 162 -30.23 -5.99 0.21
N HIS G 163 -30.08 -7.10 -0.50
CA HIS G 163 -28.78 -7.69 -0.70
C HIS G 163 -27.87 -6.64 -1.34
N LEU G 164 -26.60 -6.59 -0.92
CA LEU G 164 -25.58 -5.67 -1.47
C LEU G 164 -24.45 -6.42 -2.12
N LEU G 165 -23.83 -7.37 -1.40
CA LEU G 165 -22.66 -8.07 -1.92
C LEU G 165 -22.30 -9.31 -1.13
N GLN G 166 -21.46 -10.14 -1.73
CA GLN G 166 -20.81 -11.28 -1.07
C GLN G 166 -19.32 -11.08 -1.15
N TYR G 167 -18.63 -11.60 -0.14
CA TYR G 167 -17.19 -11.61 -0.04
C TYR G 167 -16.72 -13.01 0.37
N ASN G 168 -16.15 -13.76 -0.58
CA ASN G 168 -15.72 -15.12 -0.31
C ASN G 168 -14.63 -15.14 0.71
N HIS G 169 -14.68 -16.17 1.57
CA HIS G 169 -13.74 -16.33 2.68
C HIS G 169 -12.33 -16.54 2.19
N ARG G 170 -11.42 -15.82 2.78
CA ARG G 170 -10.01 -15.95 2.54
C ARG G 170 -9.24 -16.44 3.77
N VAL G 171 -9.60 -15.94 4.93
CA VAL G 171 -9.21 -16.54 6.20
C VAL G 171 -10.18 -17.68 6.41
N LYS G 172 -9.67 -18.90 6.51
CA LYS G 172 -10.57 -20.06 6.49
C LYS G 172 -11.00 -20.52 7.87
N LYS G 173 -10.22 -20.17 8.90
CA LYS G 173 -10.54 -20.57 10.27
C LYS G 173 -11.54 -19.62 10.95
N LEU G 174 -12.83 -19.86 10.71
CA LEU G 174 -13.89 -18.89 11.05
C LEU G 174 -14.02 -18.68 12.56
N ASN G 175 -13.98 -19.79 13.28
CA ASN G 175 -13.93 -19.80 14.74
C ASN G 175 -12.86 -18.90 15.44
N GLU G 176 -11.84 -18.47 14.71
CA GLU G 176 -10.85 -17.54 15.26
C GLU G 176 -11.17 -16.09 14.93
N ILE G 177 -12.19 -15.86 14.11
CA ILE G 177 -12.56 -14.49 13.74
C ILE G 177 -13.22 -13.86 14.97
N SER G 178 -12.38 -13.34 15.83
CA SER G 178 -12.61 -13.07 17.24
C SER G 178 -13.35 -11.76 17.60
N LYS G 179 -13.41 -10.81 16.68
CA LYS G 179 -13.63 -9.38 16.99
C LYS G 179 -14.17 -8.68 15.76
N LEU G 180 -15.15 -7.77 15.96
CA LEU G 180 -15.67 -6.85 14.91
C LEU G 180 -15.38 -5.41 15.32
N GLY G 181 -14.46 -4.74 14.65
CA GLY G 181 -14.27 -3.28 14.80
C GLY G 181 -15.25 -2.50 13.90
N ILE G 182 -15.91 -1.48 14.45
CA ILE G 182 -16.83 -0.66 13.72
C ILE G 182 -16.34 0.72 13.89
N SER G 183 -16.01 1.37 12.79
CA SER G 183 -15.38 2.69 12.84
C SER G 183 -15.82 3.63 11.73
N GLY G 184 -15.39 4.88 11.84
CA GLY G 184 -15.57 5.92 10.82
C GLY G 184 -16.65 6.88 11.24
N ASP G 185 -17.37 7.47 10.28
CA ASP G 185 -18.11 8.70 10.50
C ASP G 185 -19.58 8.40 10.71
N ILE G 186 -19.90 7.71 11.81
CA ILE G 186 -21.26 7.30 12.14
C ILE G 186 -21.59 7.56 13.62
N ASP G 187 -22.87 7.64 13.93
CA ASP G 187 -23.32 7.49 15.30
C ASP G 187 -23.87 6.11 15.33
N LEU G 188 -23.38 5.31 16.25
CA LEU G 188 -23.65 3.90 16.28
C LEU G 188 -24.74 3.64 17.32
N THR G 189 -25.85 3.07 16.87
CA THR G 189 -27.04 2.88 17.71
C THR G 189 -27.04 1.50 18.40
N SER G 190 -26.85 0.44 17.61
CA SER G 190 -26.88 -0.93 18.07
C SER G 190 -25.85 -1.73 17.29
N ALA G 191 -25.35 -2.77 17.94
CA ALA G 191 -24.38 -3.70 17.31
C ALA G 191 -24.47 -5.03 18.02
N SER G 192 -25.08 -6.01 17.37
CA SER G 192 -25.46 -7.28 17.99
C SER G 192 -25.24 -8.45 17.04
N TYR G 193 -25.28 -9.67 17.56
CA TYR G 193 -25.21 -10.86 16.71
C TYR G 193 -26.12 -11.91 17.26
N THR G 194 -26.60 -12.78 16.37
CA THR G 194 -27.35 -13.91 16.81
C THR G 194 -27.37 -15.02 15.75
N MET G 195 -27.73 -16.24 16.13
CA MET G 195 -27.84 -17.32 15.16
C MET G 195 -29.22 -17.29 14.58
N ILE G 196 -29.37 -17.82 13.37
CA ILE G 196 -30.69 -17.99 12.76
C ILE G 196 -30.81 -19.38 12.14
N PRO H 59 -10.85 2.48 34.03
CA PRO H 59 -9.91 2.86 32.98
C PRO H 59 -10.64 3.23 31.67
N LEU H 60 -9.85 3.52 30.63
CA LEU H 60 -10.39 3.84 29.31
C LEU H 60 -10.33 2.59 28.42
N ILE H 61 -11.23 2.49 27.46
CA ILE H 61 -11.33 1.30 26.60
C ILE H 61 -10.59 1.56 25.27
N VAL H 62 -9.84 0.56 24.80
CA VAL H 62 -9.11 0.61 23.53
C VAL H 62 -9.93 -0.13 22.49
N PRO H 63 -10.03 0.40 21.25
CA PRO H 63 -9.42 1.65 20.79
C PRO H 63 -10.11 2.89 21.32
N TYR H 64 -9.37 3.98 21.44
CA TYR H 64 -9.81 5.22 22.07
C TYR H 64 -9.40 6.44 21.23
N ASN H 65 -10.27 7.45 21.16
CA ASN H 65 -9.99 8.69 20.44
C ASN H 65 -9.95 9.80 21.46
N LEU H 66 -8.80 10.46 21.58
CA LEU H 66 -8.65 11.61 22.46
C LEU H 66 -8.91 12.85 21.62
N PRO H 67 -10.04 13.56 21.85
CA PRO H 67 -10.24 14.78 21.05
C PRO H 67 -9.22 15.85 21.39
N LEU H 68 -8.83 16.62 20.36
CA LEU H 68 -7.94 17.79 20.52
C LEU H 68 -8.63 18.95 19.78
N PRO H 69 -9.64 19.59 20.42
CA PRO H 69 -10.38 20.64 19.69
C PRO H 69 -9.55 21.93 19.54
N GLY H 70 -9.55 22.50 18.35
CA GLY H 70 -8.61 23.57 18.01
C GLY H 70 -7.22 22.99 17.74
N GLY H 71 -7.22 21.78 17.17
CA GLY H 71 -6.05 21.11 16.63
C GLY H 71 -4.85 20.93 17.52
N VAL H 72 -3.83 20.28 16.95
CA VAL H 72 -2.50 20.27 17.58
C VAL H 72 -1.89 21.64 17.26
N VAL H 73 -1.03 22.06 18.15
CA VAL H 73 -0.50 23.40 18.07
C VAL H 73 0.91 23.25 18.68
N PRO H 74 1.91 24.02 18.19
CA PRO H 74 3.25 23.92 18.80
C PRO H 74 3.25 24.14 20.33
N ARG H 75 4.20 23.48 21.00
CA ARG H 75 4.28 23.46 22.46
C ARG H 75 3.19 22.60 23.15
N MET H 76 2.27 21.97 22.39
CA MET H 76 1.36 20.96 22.96
C MET H 76 2.10 19.67 23.31
N LEU H 77 1.73 19.08 24.45
CA LEU H 77 2.32 17.86 25.00
C LEU H 77 1.19 16.89 25.34
N ILE H 78 1.16 15.77 24.61
CA ILE H 78 0.24 14.66 24.89
C ILE H 78 1.01 13.65 25.73
N THR H 79 0.30 12.98 26.62
CA THR H 79 0.87 12.04 27.56
C THR H 79 -0.09 10.83 27.60
N ILE H 80 0.47 9.64 27.30
CA ILE H 80 -0.23 8.37 27.38
C ILE H 80 0.47 7.45 28.36
N LEU H 81 -0.33 6.90 29.28
CA LEU H 81 0.13 6.03 30.35
C LEU H 81 -0.68 4.75 30.27
N GLY H 82 -0.01 3.60 30.31
CA GLY H 82 -0.70 2.32 30.20
C GLY H 82 0.21 1.16 30.48
N THR H 83 -0.35 -0.06 30.35
CA THR H 83 0.38 -1.34 30.46
C THR H 83 0.18 -2.17 29.16
N VAL H 84 1.27 -2.69 28.60
CA VAL H 84 1.22 -3.57 27.41
C VAL H 84 0.70 -4.94 27.84
N LYS H 85 -0.20 -5.53 27.06
CA LYS H 85 -0.76 -6.85 27.38
C LYS H 85 0.27 -7.96 27.13
N PRO H 86 0.08 -9.14 27.74
CA PRO H 86 1.05 -10.20 27.48
C PRO H 86 0.83 -10.68 26.07
N ASN H 87 1.87 -11.16 25.43
CA ASN H 87 1.81 -11.61 24.03
C ASN H 87 1.32 -10.47 23.08
N ALA H 88 1.87 -9.27 23.25
CA ALA H 88 1.44 -8.11 22.47
C ALA H 88 1.96 -8.21 21.05
N ASN H 89 1.14 -7.79 20.10
CA ASN H 89 1.56 -7.72 18.72
C ASN H 89 1.89 -6.33 18.26
N ARG H 90 1.08 -5.36 18.64
CA ARG H 90 1.21 -3.99 18.11
C ARG H 90 0.61 -2.95 19.02
N ILE H 91 1.10 -1.74 18.84
CA ILE H 91 0.57 -0.51 19.42
C ILE H 91 0.45 0.54 18.28
N ALA H 92 -0.55 1.41 18.35
CA ALA H 92 -0.70 2.46 17.33
C ALA H 92 -1.29 3.75 17.89
N LEU H 93 -0.60 4.85 17.62
CA LEU H 93 -1.05 6.20 17.86
C LEU H 93 -1.26 6.82 16.49
N ASP H 94 -2.44 7.38 16.24
CA ASP H 94 -2.82 7.90 14.93
C ASP H 94 -3.33 9.31 15.12
N PHE H 95 -2.56 10.31 14.71
CA PHE H 95 -3.05 11.71 14.74
C PHE H 95 -3.88 11.93 13.46
N GLN H 96 -5.16 12.23 13.63
CA GLN H 96 -6.10 12.25 12.50
C GLN H 96 -6.48 13.66 12.01
N ARG H 97 -6.38 13.87 10.71
CA ARG H 97 -6.93 15.06 10.05
C ARG H 97 -7.90 14.59 8.99
N GLY H 98 -9.20 14.66 9.26
CA GLY H 98 -10.19 14.24 8.27
C GLY H 98 -9.99 12.81 7.78
N ASN H 99 -10.08 12.59 6.46
CA ASN H 99 -9.76 11.28 5.85
C ASN H 99 -8.25 10.90 5.96
N ASP H 100 -7.40 11.84 6.38
CA ASP H 100 -5.96 11.62 6.53
C ASP H 100 -5.52 11.23 7.96
N VAL H 101 -4.39 10.53 8.03
CA VAL H 101 -3.66 10.34 9.25
C VAL H 101 -2.36 11.13 9.13
N ALA H 102 -2.19 12.20 9.93
CA ALA H 102 -0.98 13.07 9.87
C ALA H 102 0.30 12.40 10.37
N PHE H 103 0.17 11.68 11.49
CA PHE H 103 1.28 10.99 12.10
C PHE H 103 0.78 9.69 12.72
N HIS H 104 1.42 8.61 12.29
CA HIS H 104 1.17 7.22 12.72
C HIS H 104 2.48 6.79 13.36
N PHE H 105 2.40 6.42 14.63
CA PHE H 105 3.52 5.91 15.43
C PHE H 105 3.11 4.47 15.73
N ASN H 106 3.85 3.48 15.18
CA ASN H 106 3.40 2.07 15.18
C ASN H 106 4.46 1.06 15.64
N PRO H 107 4.61 0.90 16.97
CA PRO H 107 5.42 -0.19 17.51
C PRO H 107 4.90 -1.56 17.10
N ARG H 108 5.76 -2.36 16.47
CA ARG H 108 5.46 -3.75 16.10
C ARG H 108 6.38 -4.70 16.85
N PHE H 109 5.77 -5.70 17.51
CA PHE H 109 6.44 -6.64 18.36
C PHE H 109 7.05 -7.82 17.59
N ASN H 110 6.47 -8.19 16.46
CA ASN H 110 7.10 -9.13 15.59
C ASN H 110 6.86 -8.83 14.13
N GLU H 111 7.91 -8.35 13.47
CA GLU H 111 7.97 -8.27 12.02
C GLU H 111 9.16 -9.12 11.53
N ASN H 112 8.85 -10.32 11.12
CA ASN H 112 9.86 -11.27 10.71
C ASN H 112 10.87 -11.41 11.85
N ASN H 113 10.35 -11.58 13.06
CA ASN H 113 11.13 -11.75 14.29
C ASN H 113 12.11 -10.60 14.67
N ARG H 114 11.76 -9.39 14.28
CA ARG H 114 12.43 -8.16 14.72
C ARG H 114 11.37 -7.26 15.34
N ARG H 115 11.77 -6.49 16.36
CA ARG H 115 10.92 -5.50 16.87
C ARG H 115 11.22 -4.25 16.07
N VAL H 116 10.19 -3.48 15.72
CA VAL H 116 10.38 -2.25 14.98
C VAL H 116 9.27 -1.26 15.23
N ILE H 117 9.56 0.02 15.06
CA ILE H 117 8.56 1.09 15.17
C ILE H 117 8.49 1.74 13.81
N VAL H 118 7.28 1.75 13.24
CA VAL H 118 7.05 2.35 11.96
C VAL H 118 6.25 3.63 12.15
N CYS H 119 6.78 4.69 11.55
CA CYS H 119 6.17 6.01 11.52
C CYS H 119 5.83 6.39 10.11
N ASN H 120 4.68 7.00 9.90
CA ASN H 120 4.24 7.35 8.54
C ASN H 120 3.05 8.29 8.52
N THR H 121 2.68 8.75 7.34
CA THR H 121 1.52 9.59 7.14
C THR H 121 0.62 8.93 6.11
N LYS H 122 -0.68 8.97 6.34
CA LYS H 122 -1.66 8.48 5.39
C LYS H 122 -2.41 9.65 4.76
N LEU H 123 -2.22 9.88 3.45
CA LEU H 123 -2.98 10.92 2.73
C LEU H 123 -4.05 10.23 1.90
N ASP H 124 -5.30 10.50 2.32
CA ASP H 124 -6.48 9.81 1.79
C ASP H 124 -6.35 8.35 2.34
N ASN H 125 -6.08 7.41 1.43
CA ASN H 125 -6.00 6.02 1.69
C ASN H 125 -4.60 5.47 1.46
N ASN H 126 -3.65 6.31 1.04
CA ASN H 126 -2.32 5.81 0.74
C ASN H 126 -1.36 6.27 1.79
N TRP H 127 -0.57 5.31 2.24
CA TRP H 127 0.53 5.56 3.13
C TRP H 127 1.67 6.06 2.27
N GLY H 128 2.46 6.96 2.88
CA GLY H 128 3.66 7.51 2.28
C GLY H 128 4.88 6.64 2.59
N ARG H 129 6.03 7.30 2.49
CA ARG H 129 7.34 6.79 2.88
C ARG H 129 7.39 6.32 4.33
N GLU H 130 7.91 5.11 4.57
CA GLU H 130 7.98 4.59 5.93
C GLU H 130 9.26 5.10 6.56
N GLU H 131 9.19 5.39 7.85
CA GLU H 131 10.34 5.75 8.64
C GLU H 131 10.39 4.67 9.69
N ARG H 132 11.48 3.93 9.73
CA ARG H 132 11.60 2.73 10.54
C ARG H 132 12.70 2.95 11.52
N GLN H 133 12.53 2.41 12.71
CA GLN H 133 13.61 2.51 13.64
C GLN H 133 13.53 1.34 14.60
N SER H 134 14.70 0.84 15.00
CA SER H 134 14.72 -0.33 15.84
C SER H 134 14.89 -0.12 17.38
N VAL H 135 15.18 1.09 17.88
CA VAL H 135 15.07 1.27 19.37
C VAL H 135 13.61 1.05 19.76
N PHE H 136 13.40 0.35 20.87
CA PHE H 136 12.11 -0.19 21.18
C PHE H 136 12.00 -0.50 22.68
N PRO H 137 11.53 0.47 23.49
CA PRO H 137 11.56 0.23 24.93
C PRO H 137 10.39 -0.59 25.50
N PHE H 138 9.41 -0.99 24.68
CA PHE H 138 8.18 -1.60 25.19
C PHE H 138 8.40 -3.07 25.48
N GLU H 139 7.68 -3.60 26.48
CA GLU H 139 7.76 -5.03 26.88
C GLU H 139 6.42 -5.59 27.27
N SER H 140 6.13 -6.80 26.81
CA SER H 140 4.83 -7.41 27.04
C SER H 140 4.57 -7.60 28.54
N GLY H 141 3.59 -6.87 29.06
CA GLY H 141 3.24 -6.91 30.47
C GLY H 141 3.72 -5.73 31.28
N LYS H 142 4.61 -4.90 30.73
CA LYS H 142 5.25 -3.82 31.49
C LYS H 142 4.57 -2.45 31.32
N PRO H 143 4.45 -1.68 32.41
CA PRO H 143 3.99 -0.31 32.27
C PRO H 143 4.85 0.52 31.30
N PHE H 144 4.25 1.57 30.73
CA PHE H 144 4.92 2.42 29.78
C PHE H 144 4.35 3.79 29.88
N LYS H 145 5.12 4.77 29.44
CA LYS H 145 4.66 6.14 29.28
C LYS H 145 5.13 6.69 27.94
N ILE H 146 4.21 7.24 27.16
CA ILE H 146 4.59 7.87 25.92
C ILE H 146 4.21 9.31 26.02
N GLN H 147 5.09 10.18 25.54
CA GLN H 147 4.81 11.61 25.47
C GLN H 147 5.22 12.14 24.11
N VAL H 148 4.37 12.99 23.55
CA VAL H 148 4.54 13.48 22.22
C VAL H 148 4.50 15.01 22.34
N LEU H 149 5.64 15.65 22.09
CA LEU H 149 5.73 17.11 22.10
C LEU H 149 5.65 17.58 20.68
N VAL H 150 4.73 18.50 20.43
CA VAL H 150 4.56 19.10 19.13
C VAL H 150 5.46 20.32 19.01
N GLU H 151 6.33 20.31 18.02
CA GLU H 151 7.17 21.45 17.68
C GLU H 151 6.67 21.95 16.34
N PRO H 152 7.16 23.13 15.89
CA PRO H 152 6.71 23.63 14.57
C PRO H 152 7.21 22.81 13.38
N ASP H 153 8.38 22.20 13.51
CA ASP H 153 9.00 21.41 12.43
C ASP H 153 8.67 19.91 12.46
N HIS H 154 8.40 19.39 13.64
CA HIS H 154 8.26 17.95 13.80
C HIS H 154 7.48 17.63 15.04
N PHE H 155 7.08 16.36 15.16
CA PHE H 155 6.73 15.78 16.43
C PHE H 155 8.01 15.23 17.04
N LYS H 156 8.14 15.30 18.38
CA LYS H 156 9.16 14.53 19.12
C LYS H 156 8.40 13.52 20.01
N VAL H 157 8.97 12.32 20.18
CA VAL H 157 8.35 11.26 20.97
C VAL H 157 9.36 10.67 21.93
N ALA H 158 8.90 10.44 23.15
CA ALA H 158 9.70 10.03 24.28
C ALA H 158 8.90 8.92 24.93
N VAL H 159 9.57 7.88 25.37
CA VAL H 159 8.90 6.73 26.01
C VAL H 159 9.63 6.45 27.33
N ASN H 160 8.88 6.26 28.41
CA ASN H 160 9.47 6.07 29.74
C ASN H 160 10.54 7.16 30.09
N ASP H 161 10.15 8.41 29.84
CA ASP H 161 10.98 9.61 30.03
C ASP H 161 12.29 9.70 29.25
N ALA H 162 12.47 8.91 28.20
CA ALA H 162 13.67 9.05 27.39
C ALA H 162 13.30 9.35 25.93
N HIS H 163 13.87 10.44 25.38
CA HIS H 163 13.69 10.79 23.96
C HIS H 163 13.90 9.56 23.07
N LEU H 164 12.97 9.33 22.15
CA LEU H 164 13.00 8.15 21.26
C LEU H 164 13.31 8.55 19.83
N LEU H 165 12.44 9.35 19.23
CA LEU H 165 12.55 9.69 17.79
C LEU H 165 11.85 11.00 17.52
N GLN H 166 11.96 11.45 16.29
CA GLN H 166 11.14 12.58 15.83
C GLN H 166 10.65 12.33 14.42
N TYR H 167 9.54 12.97 14.09
CA TYR H 167 8.87 12.79 12.83
C TYR H 167 8.56 14.15 12.22
N ASN H 168 9.14 14.47 11.06
CA ASN H 168 8.86 15.74 10.44
C ASN H 168 7.43 15.81 9.98
N HIS H 169 6.84 16.99 10.11
CA HIS H 169 5.43 17.11 9.75
C HIS H 169 5.37 17.00 8.28
N ARG H 170 4.40 16.27 7.81
CA ARG H 170 4.11 16.25 6.39
C ARG H 170 2.82 16.94 6.16
N VAL H 171 1.85 16.65 7.03
CA VAL H 171 0.62 17.43 7.12
C VAL H 171 0.92 18.77 7.77
N LYS H 172 0.77 19.85 7.01
CA LYS H 172 1.22 21.18 7.45
C LYS H 172 0.21 22.03 8.25
N LYS H 173 -1.09 21.82 8.07
CA LYS H 173 -2.10 22.56 8.87
C LYS H 173 -2.35 21.87 10.21
N LEU H 174 -1.41 22.06 11.13
CA LEU H 174 -1.49 21.36 12.40
C LEU H 174 -2.88 21.53 13.02
N ASN H 175 -3.34 22.78 13.12
CA ASN H 175 -4.70 23.13 13.62
C ASN H 175 -5.86 22.27 13.10
N GLU H 176 -5.71 21.70 11.90
CA GLU H 176 -6.71 20.78 11.37
C GLU H 176 -6.72 19.35 12.02
N ILE H 177 -5.75 19.03 12.88
CA ILE H 177 -5.61 17.65 13.37
C ILE H 177 -6.53 17.46 14.57
N SER H 178 -7.76 16.99 14.29
CA SER H 178 -8.89 16.89 15.26
C SER H 178 -8.61 16.09 16.53
N LYS H 179 -8.13 14.86 16.33
CA LYS H 179 -8.15 13.76 17.32
C LYS H 179 -6.87 12.88 17.26
N LEU H 180 -6.67 12.09 18.32
CA LEU H 180 -5.62 11.10 18.45
C LEU H 180 -6.22 9.72 18.68
N GLY H 181 -6.15 8.84 17.67
CA GLY H 181 -6.49 7.42 17.85
C GLY H 181 -5.38 6.69 18.64
N ILE H 182 -5.81 5.85 19.59
CA ILE H 182 -4.88 5.07 20.39
C ILE H 182 -5.41 3.66 20.41
N SER H 183 -4.60 2.71 19.92
CA SER H 183 -5.11 1.34 19.72
C SER H 183 -3.99 0.33 19.86
N GLY H 184 -4.31 -0.93 19.64
CA GLY H 184 -3.36 -2.00 19.79
C GLY H 184 -3.51 -2.67 21.15
N ASP H 185 -2.44 -3.36 21.53
CA ASP H 185 -2.49 -4.40 22.56
C ASP H 185 -2.07 -3.80 23.92
N ILE H 186 -2.87 -2.88 24.43
CA ILE H 186 -2.58 -2.20 25.67
C ILE H 186 -3.80 -2.06 26.58
N ASP H 187 -3.52 -1.95 27.89
CA ASP H 187 -4.48 -1.41 28.86
C ASP H 187 -4.11 0.05 29.00
N LEU H 188 -5.05 0.92 28.68
CA LEU H 188 -4.87 2.36 28.78
C LEU H 188 -5.41 2.83 30.14
N THR H 189 -4.55 3.48 30.93
CA THR H 189 -4.96 4.06 32.23
C THR H 189 -5.20 5.56 32.16
N SER H 190 -4.48 6.28 31.28
CA SER H 190 -4.73 7.72 31.11
C SER H 190 -4.25 8.24 29.78
N ALA H 191 -4.99 9.22 29.25
CA ALA H 191 -4.65 9.94 28.02
C ALA H 191 -5.02 11.40 28.21
N SER H 192 -4.11 12.33 27.85
CA SER H 192 -4.28 13.74 28.22
C SER H 192 -3.37 14.70 27.43
N TYR H 193 -3.96 15.78 26.86
CA TYR H 193 -3.16 16.91 26.39
C TYR H 193 -3.02 17.99 27.45
N THR H 194 -2.02 18.83 27.25
CA THR H 194 -1.81 20.05 27.99
C THR H 194 -0.68 20.85 27.31
N MET H 195 -0.77 22.16 27.34
CA MET H 195 0.28 23.03 26.81
C MET H 195 1.42 23.19 27.83
N ILE H 196 2.66 23.18 27.35
CA ILE H 196 3.82 23.58 28.16
C ILE H 196 4.63 24.64 27.40
N PRO I 59 32.83 -34.01 48.34
CA PRO I 59 33.02 -33.33 47.07
C PRO I 59 31.79 -32.55 46.57
N LEU I 60 32.05 -31.47 45.82
CA LEU I 60 31.02 -30.59 45.23
C LEU I 60 31.30 -30.36 43.75
N ILE I 61 30.23 -30.09 43.00
CA ILE I 61 30.31 -30.07 41.54
C ILE I 61 30.73 -28.66 41.10
N VAL I 62 31.64 -28.54 40.13
CA VAL I 62 32.18 -27.25 39.61
C VAL I 62 31.76 -27.09 38.13
N PRO I 63 31.27 -25.92 37.65
CA PRO I 63 31.08 -24.63 38.41
C PRO I 63 30.02 -24.65 39.51
N TYR I 64 30.33 -23.99 40.63
CA TYR I 64 29.48 -24.06 41.81
C TYR I 64 28.81 -22.73 42.12
N ASN I 65 27.57 -22.77 42.57
CA ASN I 65 26.89 -21.56 43.00
C ASN I 65 26.65 -21.68 44.49
N LEU I 66 27.16 -20.68 45.22
CA LEU I 66 26.88 -20.51 46.63
C LEU I 66 25.98 -19.29 46.72
N PRO I 67 24.68 -19.49 47.07
CA PRO I 67 23.81 -18.31 47.29
C PRO I 67 24.11 -17.56 48.59
N LEU I 68 24.00 -16.25 48.52
CA LEU I 68 24.18 -15.32 49.63
C LEU I 68 22.87 -14.52 49.89
N PRO I 69 21.77 -15.21 50.28
CA PRO I 69 20.51 -14.51 50.53
C PRO I 69 20.67 -13.54 51.68
N GLY I 70 20.11 -12.35 51.56
CA GLY I 70 20.52 -11.22 52.40
C GLY I 70 21.67 -10.43 51.78
N GLY I 71 22.24 -10.93 50.70
CA GLY I 71 23.34 -10.27 50.06
C GLY I 71 24.60 -10.48 50.86
N VAL I 72 25.53 -9.54 50.68
CA VAL I 72 26.75 -9.50 51.47
C VAL I 72 26.70 -8.25 52.31
N VAL I 73 27.22 -8.38 53.52
CA VAL I 73 27.16 -7.31 54.51
C VAL I 73 28.55 -7.21 55.14
N PRO I 74 28.93 -6.02 55.63
CA PRO I 74 30.20 -5.94 56.34
C PRO I 74 30.38 -6.98 57.44
N ARG I 75 31.64 -7.40 57.61
CA ARG I 75 32.10 -8.46 58.52
C ARG I 75 31.69 -9.88 58.11
N MET I 76 31.25 -10.08 56.87
CA MET I 76 31.02 -11.42 56.34
C MET I 76 32.36 -12.05 56.00
N LEU I 77 32.50 -13.33 56.33
CA LEU I 77 33.73 -14.09 56.05
C LEU I 77 33.44 -15.39 55.25
N ILE I 78 33.85 -15.39 53.99
CA ILE I 78 33.58 -16.52 53.07
C ILE I 78 34.82 -17.42 52.93
N THR I 79 34.62 -18.74 53.00
CA THR I 79 35.71 -19.71 53.06
C THR I 79 35.52 -20.78 51.98
N ILE I 80 36.44 -20.79 51.03
CA ILE I 80 36.50 -21.80 49.99
C ILE I 80 37.73 -22.67 50.28
N LEU I 81 37.53 -23.99 50.47
CA LEU I 81 38.60 -25.01 50.49
C LEU I 81 38.45 -25.91 49.27
N GLY I 82 39.57 -26.28 48.68
CA GLY I 82 39.57 -27.11 47.49
C GLY I 82 40.98 -27.52 47.11
N THR I 83 41.10 -28.00 45.88
CA THR I 83 42.37 -28.49 45.35
C THR I 83 42.49 -28.04 43.89
N VAL I 84 43.65 -27.46 43.56
CA VAL I 84 43.89 -27.03 42.20
C VAL I 84 44.10 -28.33 41.42
N LYS I 85 43.43 -28.45 40.29
CA LYS I 85 43.64 -29.57 39.40
C LYS I 85 45.09 -29.68 38.91
N PRO I 86 45.47 -30.88 38.43
CA PRO I 86 46.65 -30.99 37.60
C PRO I 86 46.54 -30.14 36.33
N ASN I 87 47.64 -29.47 35.98
CA ASN I 87 47.71 -28.63 34.77
C ASN I 87 46.65 -27.50 34.74
N ALA I 88 46.38 -26.88 35.89
CA ALA I 88 45.36 -25.83 35.96
C ALA I 88 45.66 -24.65 35.05
N ASN I 89 44.63 -24.10 34.43
CA ASN I 89 44.77 -22.92 33.62
C ASN I 89 44.22 -21.66 34.28
N ARG I 90 43.02 -21.71 34.88
CA ARG I 90 42.36 -20.56 35.54
C ARG I 90 41.49 -20.92 36.76
N ILE I 91 41.32 -19.97 37.68
CA ILE I 91 40.31 -20.06 38.75
C ILE I 91 39.48 -18.78 38.67
N ALA I 92 38.23 -18.80 39.14
CA ALA I 92 37.43 -17.59 39.14
C ALA I 92 36.41 -17.56 40.26
N LEU I 93 36.48 -16.52 41.10
CA LEU I 93 35.37 -16.22 41.97
C LEU I 93 34.65 -15.03 41.36
N ASP I 94 33.32 -15.15 41.31
CA ASP I 94 32.46 -14.14 40.67
C ASP I 94 31.31 -13.75 41.61
N PHE I 95 31.43 -12.58 42.28
CA PHE I 95 30.32 -12.04 43.13
C PHE I 95 29.31 -11.35 42.22
N GLN I 96 28.14 -11.96 42.06
CA GLN I 96 27.14 -11.51 41.09
C GLN I 96 26.04 -10.70 41.74
N ARG I 97 25.77 -9.53 41.15
CA ARG I 97 24.60 -8.70 41.48
C ARG I 97 23.75 -8.54 40.22
N GLY I 98 22.70 -9.35 40.10
CA GLY I 98 21.79 -9.30 38.95
C GLY I 98 22.48 -9.63 37.63
N ASN I 99 22.68 -8.61 36.81
CA ASN I 99 23.30 -8.75 35.50
C ASN I 99 24.76 -8.40 35.56
N ASP I 100 25.22 -7.88 36.71
CA ASP I 100 26.61 -7.45 36.88
C ASP I 100 27.46 -8.48 37.69
N VAL I 101 28.77 -8.26 37.67
CA VAL I 101 29.73 -9.02 38.48
C VAL I 101 30.47 -7.99 39.32
N ALA I 102 30.12 -7.96 40.60
CA ALA I 102 30.57 -6.91 41.57
C ALA I 102 32.04 -6.95 41.82
N PHE I 103 32.52 -8.17 41.95
CA PHE I 103 33.90 -8.47 42.20
C PHE I 103 34.20 -9.82 41.55
N HIS I 104 35.07 -9.78 40.54
CA HIS I 104 35.61 -10.95 39.82
C HIS I 104 37.08 -11.09 40.30
N PHE I 105 37.41 -12.25 40.89
CA PHE I 105 38.77 -12.63 41.34
C PHE I 105 39.29 -13.77 40.46
N ASN I 106 40.32 -13.51 39.64
CA ASN I 106 40.69 -14.40 38.53
C ASN I 106 42.18 -14.77 38.46
N PRO I 107 42.58 -15.80 39.26
CA PRO I 107 43.96 -16.35 39.14
C PRO I 107 44.20 -17.02 37.80
N ARG I 108 45.22 -16.57 37.08
CA ARG I 108 45.56 -17.11 35.78
C ARG I 108 46.94 -17.73 35.90
N PHE I 109 47.06 -19.00 35.51
CA PHE I 109 48.31 -19.79 35.62
C PHE I 109 49.33 -19.57 34.48
N ASN I 110 48.87 -19.05 33.35
CA ASN I 110 49.74 -18.73 32.23
C ASN I 110 49.14 -17.60 31.42
N GLU I 111 49.70 -16.41 31.60
CA GLU I 111 49.47 -15.29 30.69
C GLU I 111 50.84 -14.87 30.12
N ASN I 112 51.20 -15.42 28.98
CA ASN I 112 52.50 -15.19 28.38
C ASN I 112 53.64 -15.73 29.25
N ASN I 113 53.40 -16.84 29.93
CA ASN I 113 54.35 -17.49 30.86
C ASN I 113 54.53 -16.71 32.16
N ARG I 114 53.52 -15.92 32.54
CA ARG I 114 53.51 -15.34 33.89
C ARG I 114 52.20 -15.69 34.58
N ARG I 115 52.28 -15.88 35.88
CA ARG I 115 51.13 -16.11 36.73
C ARG I 115 50.68 -14.73 37.21
N VAL I 116 49.36 -14.53 37.26
CA VAL I 116 48.82 -13.21 37.61
C VAL I 116 47.39 -13.34 38.11
N ILE I 117 47.05 -12.57 39.14
CA ILE I 117 45.67 -12.49 39.62
C ILE I 117 45.09 -11.19 39.06
N VAL I 118 43.95 -11.33 38.38
CA VAL I 118 43.23 -10.22 37.76
C VAL I 118 41.90 -10.07 38.49
N CYS I 119 41.63 -8.84 38.91
CA CYS I 119 40.42 -8.51 39.65
C CYS I 119 39.73 -7.42 38.93
N ASN I 120 38.40 -7.50 38.88
CA ASN I 120 37.60 -6.53 38.15
C ASN I 120 36.08 -6.61 38.50
N THR I 121 35.36 -5.70 37.88
CA THR I 121 33.92 -5.59 38.01
C THR I 121 33.35 -5.53 36.57
N LYS I 122 32.30 -6.30 36.31
CA LYS I 122 31.59 -6.27 35.03
C LYS I 122 30.24 -5.61 35.26
N LEU I 123 30.00 -4.49 34.59
CA LEU I 123 28.70 -3.83 34.57
C LEU I 123 28.01 -4.23 33.25
N ASP I 124 26.93 -5.01 33.38
CA ASP I 124 26.41 -5.99 32.36
C ASP I 124 27.39 -6.62 31.33
N ASN I 125 27.77 -5.94 30.23
CA ASN I 125 28.64 -6.57 29.20
C ASN I 125 30.05 -6.10 29.16
N ASN I 126 30.35 -5.10 29.99
CA ASN I 126 31.59 -4.34 29.97
C ASN I 126 32.45 -4.48 31.25
N TRP I 127 33.71 -4.86 31.05
CA TRP I 127 34.70 -4.97 32.13
C TRP I 127 35.32 -3.60 32.35
N GLY I 128 35.48 -3.24 33.62
CA GLY I 128 36.10 -1.95 33.97
C GLY I 128 37.64 -2.00 33.98
N ARG I 129 38.26 -1.20 34.85
CA ARG I 129 39.72 -1.10 35.00
C ARG I 129 40.19 -2.41 35.59
N GLU I 130 41.23 -3.00 35.01
CA GLU I 130 41.81 -4.27 35.56
C GLU I 130 42.75 -3.94 36.74
N GLU I 131 42.65 -4.71 37.82
CA GLU I 131 43.56 -4.64 38.96
C GLU I 131 44.39 -5.90 38.98
N ARG I 132 45.64 -5.77 38.54
CA ARG I 132 46.57 -6.87 38.29
C ARG I 132 47.59 -7.03 39.43
N GLN I 133 47.88 -8.28 39.77
CA GLN I 133 48.59 -8.64 41.00
C GLN I 133 49.47 -9.84 40.69
N SER I 134 50.79 -9.74 40.82
CA SER I 134 51.68 -10.87 40.49
C SER I 134 51.94 -11.90 41.65
N VAL I 135 51.54 -11.57 42.90
CA VAL I 135 51.61 -12.53 44.02
C VAL I 135 50.59 -13.68 43.83
N PHE I 136 51.09 -14.92 43.74
CA PHE I 136 50.33 -16.06 43.26
C PHE I 136 50.65 -17.31 44.08
N PRO I 137 49.90 -17.53 45.18
CA PRO I 137 50.13 -18.68 46.08
C PRO I 137 49.49 -20.06 45.74
N PHE I 138 48.80 -20.18 44.61
CA PHE I 138 48.22 -21.46 44.22
C PHE I 138 49.31 -22.26 43.51
N GLU I 139 49.20 -23.59 43.56
CA GLU I 139 49.99 -24.51 42.70
C GLU I 139 49.10 -25.59 42.08
N SER I 140 49.55 -26.16 40.97
CA SER I 140 48.83 -27.30 40.40
C SER I 140 48.91 -28.53 41.34
N GLY I 141 47.76 -29.17 41.55
CA GLY I 141 47.66 -30.34 42.41
C GLY I 141 47.73 -30.16 43.92
N LYS I 142 47.85 -28.93 44.40
CA LYS I 142 47.96 -28.72 45.85
C LYS I 142 46.68 -28.13 46.37
N PRO I 143 46.37 -28.37 47.65
CA PRO I 143 45.20 -27.77 48.29
C PRO I 143 45.30 -26.27 48.55
N PHE I 144 44.15 -25.61 48.61
CA PHE I 144 44.06 -24.18 48.87
C PHE I 144 42.89 -23.81 49.79
N LYS I 145 43.06 -22.68 50.47
CA LYS I 145 42.02 -22.07 51.26
C LYS I 145 41.91 -20.59 50.84
N ILE I 146 40.80 -20.22 50.20
CA ILE I 146 40.49 -18.82 49.89
C ILE I 146 39.48 -18.29 50.93
N GLN I 147 39.84 -17.19 51.58
CA GLN I 147 38.94 -16.48 52.49
C GLN I 147 38.68 -15.07 51.94
N VAL I 148 37.42 -14.64 51.96
CA VAL I 148 37.03 -13.30 51.52
C VAL I 148 36.30 -12.68 52.65
N LEU I 149 36.81 -11.53 53.10
CA LEU I 149 36.23 -10.73 54.17
C LEU I 149 35.60 -9.50 53.58
N VAL I 150 34.35 -9.24 53.94
CA VAL I 150 33.74 -7.99 53.51
C VAL I 150 34.03 -6.90 54.54
N GLU I 151 34.62 -5.80 54.10
CA GLU I 151 34.70 -4.59 54.90
C GLU I 151 33.75 -3.59 54.23
N PRO I 152 33.55 -2.42 54.88
CA PRO I 152 32.83 -1.29 54.28
C PRO I 152 33.43 -0.68 52.98
N ASP I 153 34.74 -0.51 52.93
CA ASP I 153 35.41 0.18 51.79
C ASP I 153 35.76 -0.80 50.65
N HIS I 154 35.88 -2.09 50.95
CA HIS I 154 36.59 -3.04 50.10
C HIS I 154 36.25 -4.49 50.46
N PHE I 155 36.61 -5.41 49.55
CA PHE I 155 36.75 -6.82 49.89
C PHE I 155 38.23 -7.05 50.24
N LYS I 156 38.48 -7.93 51.21
CA LYS I 156 39.85 -8.40 51.54
C LYS I 156 39.95 -9.86 51.22
N VAL I 157 40.98 -10.27 50.46
CA VAL I 157 41.12 -11.68 50.09
C VAL I 157 42.40 -12.26 50.66
N ALA I 158 42.28 -13.40 51.33
CA ALA I 158 43.41 -14.16 51.86
C ALA I 158 43.41 -15.52 51.23
N VAL I 159 44.60 -16.08 51.06
CA VAL I 159 44.79 -17.41 50.46
C VAL I 159 45.71 -18.13 51.42
N ASN I 160 45.39 -19.37 51.74
CA ASN I 160 46.23 -20.21 52.61
C ASN I 160 46.72 -19.49 53.90
N ASP I 161 45.79 -18.78 54.55
CA ASP I 161 46.00 -18.05 55.82
C ASP I 161 46.90 -16.81 55.77
N ALA I 162 47.17 -16.29 54.57
CA ALA I 162 47.96 -15.05 54.39
C ALA I 162 47.23 -14.06 53.47
N HIS I 163 47.22 -12.79 53.87
CA HIS I 163 46.49 -11.74 53.14
C HIS I 163 47.17 -11.50 51.79
N LEU I 164 46.35 -11.37 50.74
CA LEU I 164 46.84 -11.23 49.36
C LEU I 164 46.59 -9.85 48.77
N LEU I 165 45.38 -9.32 48.98
CA LEU I 165 44.97 -8.08 48.27
C LEU I 165 43.70 -7.51 48.81
N GLN I 166 43.46 -6.26 48.39
CA GLN I 166 42.18 -5.57 48.63
C GLN I 166 41.56 -5.15 47.31
N TYR I 167 40.23 -5.20 47.25
CA TYR I 167 39.52 -4.64 46.10
C TYR I 167 38.51 -3.67 46.63
N ASN I 168 38.64 -2.41 46.21
CA ASN I 168 37.67 -1.36 46.60
C ASN I 168 36.34 -1.61 45.91
N HIS I 169 35.26 -1.47 46.67
CA HIS I 169 33.94 -1.65 46.10
C HIS I 169 33.75 -0.69 44.96
N ARG I 170 33.25 -1.21 43.86
CA ARG I 170 32.69 -0.41 42.79
C ARG I 170 31.19 -0.53 42.78
N VAL I 171 30.68 -1.72 43.10
CA VAL I 171 29.27 -1.94 43.31
C VAL I 171 28.98 -1.79 44.80
N LYS I 172 28.27 -0.70 45.15
CA LYS I 172 28.18 -0.20 46.53
C LYS I 172 26.97 -0.77 47.21
N LYS I 173 25.98 -1.21 46.44
CA LYS I 173 24.78 -1.81 47.03
C LYS I 173 25.06 -3.26 47.42
N LEU I 174 25.84 -3.43 48.48
CA LEU I 174 26.28 -4.77 48.87
C LEU I 174 25.14 -5.76 49.19
N ASN I 175 23.97 -5.29 49.59
CA ASN I 175 22.83 -6.21 49.84
C ASN I 175 22.29 -6.93 48.57
N GLU I 176 22.46 -6.32 47.39
CA GLU I 176 21.98 -6.89 46.12
C GLU I 176 22.89 -8.00 45.50
N ILE I 177 23.99 -8.34 46.17
CA ILE I 177 24.91 -9.39 45.72
C ILE I 177 24.42 -10.75 46.25
N SER I 178 23.62 -11.45 45.44
CA SER I 178 22.87 -12.64 45.87
C SER I 178 23.60 -13.97 45.77
N LYS I 179 24.68 -14.03 44.99
CA LYS I 179 25.30 -15.31 44.61
C LYS I 179 26.79 -15.10 44.51
N LEU I 180 27.56 -16.12 44.89
CA LEU I 180 28.99 -16.23 44.55
C LEU I 180 29.16 -17.45 43.67
N GLY I 181 29.52 -17.20 42.40
CA GLY I 181 29.99 -18.23 41.47
C GLY I 181 31.45 -18.59 41.73
N ILE I 182 31.74 -19.88 41.75
CA ILE I 182 33.06 -20.44 42.00
C ILE I 182 33.32 -21.42 40.88
N SER I 183 34.36 -21.18 40.11
CA SER I 183 34.62 -21.99 38.93
C SER I 183 36.12 -22.10 38.63
N GLY I 184 36.42 -22.74 37.49
CA GLY I 184 37.77 -22.98 37.04
C GLY I 184 38.28 -24.38 37.32
N ASP I 185 39.59 -24.48 37.42
CA ASP I 185 40.28 -25.76 37.33
C ASP I 185 40.59 -26.25 38.71
N ILE I 186 39.52 -26.55 39.44
CA ILE I 186 39.60 -26.96 40.84
C ILE I 186 38.62 -28.11 41.20
N ASP I 187 39.00 -28.85 42.23
CA ASP I 187 38.17 -29.90 42.83
C ASP I 187 37.80 -29.27 44.20
N LEU I 188 36.51 -29.10 44.44
CA LEU I 188 36.06 -28.18 45.49
C LEU I 188 35.54 -28.94 46.72
N THR I 189 36.17 -28.74 47.88
CA THR I 189 35.86 -29.49 49.10
C THR I 189 34.61 -28.90 49.74
N SER I 190 34.67 -27.61 50.06
CA SER I 190 33.57 -26.91 50.71
C SER I 190 33.53 -25.42 50.31
N ALA I 191 32.38 -24.80 50.56
CA ALA I 191 32.17 -23.37 50.40
C ALA I 191 31.14 -22.94 51.41
N SER I 192 31.50 -22.05 52.33
CA SER I 192 30.54 -21.50 53.29
C SER I 192 30.95 -20.10 53.72
N TYR I 193 30.10 -19.48 54.54
CA TYR I 193 30.30 -18.14 55.06
C TYR I 193 30.01 -18.08 56.56
N THR I 194 30.54 -17.06 57.22
CA THR I 194 30.24 -16.83 58.64
C THR I 194 30.32 -15.32 58.87
N MET I 195 29.94 -14.89 60.06
CA MET I 195 30.05 -13.48 60.48
C MET I 195 31.16 -13.34 61.52
N ILE I 196 31.94 -12.25 61.49
CA ILE I 196 32.97 -11.96 62.53
C ILE I 196 32.99 -10.49 63.06
N PRO J 59 13.54 -31.94 34.86
CA PRO J 59 14.36 -30.79 34.50
C PRO J 59 15.88 -30.94 34.76
N LEU J 60 16.67 -30.10 34.07
CA LEU J 60 18.11 -29.88 34.33
C LEU J 60 18.26 -28.51 34.96
N ILE J 61 19.48 -28.13 35.35
CA ILE J 61 19.70 -26.82 36.01
C ILE J 61 20.85 -26.02 35.38
N VAL J 62 20.66 -24.71 35.38
CA VAL J 62 21.51 -23.72 34.71
C VAL J 62 22.55 -23.16 35.73
N PRO J 63 23.80 -22.90 35.32
CA PRO J 63 24.37 -23.24 34.01
C PRO J 63 24.62 -24.75 33.85
N TYR J 64 23.95 -25.36 32.87
CA TYR J 64 24.12 -26.78 32.57
C TYR J 64 25.27 -26.96 31.63
N ASN J 65 25.90 -28.13 31.72
CA ASN J 65 26.94 -28.53 30.79
C ASN J 65 26.63 -29.85 30.01
N LEU J 66 26.70 -29.78 28.68
CA LEU J 66 26.47 -30.94 27.81
C LEU J 66 27.81 -31.38 27.27
N PRO J 67 28.33 -32.52 27.74
CA PRO J 67 29.62 -32.98 27.22
C PRO J 67 29.47 -33.60 25.84
N LEU J 68 30.48 -33.39 25.02
CA LEU J 68 30.49 -33.85 23.66
C LEU J 68 31.75 -34.69 23.50
N PRO J 69 31.74 -35.94 24.04
CA PRO J 69 32.90 -36.84 23.94
C PRO J 69 33.40 -36.98 22.51
N GLY J 70 34.71 -36.78 22.35
CA GLY J 70 35.31 -36.81 21.02
C GLY J 70 34.84 -35.69 20.10
N GLY J 71 34.40 -34.57 20.70
CA GLY J 71 34.21 -33.34 19.94
C GLY J 71 33.00 -33.22 19.06
N VAL J 72 33.07 -32.20 18.20
CA VAL J 72 32.04 -31.97 17.19
C VAL J 72 32.61 -32.36 15.85
N VAL J 73 31.71 -32.79 15.00
CA VAL J 73 32.03 -33.43 13.74
C VAL J 73 30.95 -32.98 12.77
N PRO J 74 31.30 -32.79 11.49
CA PRO J 74 30.28 -32.44 10.51
C PRO J 74 29.06 -33.37 10.54
N ARG J 75 27.90 -32.74 10.59
CA ARG J 75 26.57 -33.37 10.64
C ARG J 75 26.09 -33.93 12.00
N MET J 76 26.80 -33.54 13.06
CA MET J 76 26.29 -33.53 14.43
C MET J 76 25.15 -32.49 14.56
N LEU J 77 24.06 -32.89 15.22
CA LEU J 77 22.92 -32.00 15.43
C LEU J 77 22.53 -31.90 16.90
N ILE J 78 22.66 -30.70 17.46
CA ILE J 78 22.46 -30.48 18.90
C ILE J 78 21.16 -29.77 19.15
N THR J 79 20.36 -30.28 20.10
CA THR J 79 18.97 -29.89 20.26
C THR J 79 18.70 -29.47 21.72
N ILE J 80 18.34 -28.20 21.89
CA ILE J 80 18.08 -27.62 23.19
C ILE J 80 16.64 -27.19 23.22
N LEU J 81 15.94 -27.60 24.28
CA LEU J 81 14.52 -27.34 24.45
C LEU J 81 14.44 -26.71 25.78
N GLY J 82 13.65 -25.64 25.89
CA GLY J 82 13.41 -25.01 27.17
C GLY J 82 12.44 -23.84 27.10
N THR J 83 12.39 -23.08 28.18
CA THR J 83 11.50 -21.95 28.34
C THR J 83 12.29 -20.72 28.79
N VAL J 84 12.06 -19.59 28.14
CA VAL J 84 12.69 -18.33 28.53
C VAL J 84 11.99 -17.86 29.78
N LYS J 85 12.77 -17.37 30.72
CA LYS J 85 12.23 -16.92 31.99
C LYS J 85 11.49 -15.61 31.84
N PRO J 86 10.59 -15.29 32.80
CA PRO J 86 10.09 -13.92 32.95
C PRO J 86 11.23 -12.90 33.03
N ASN J 87 11.08 -11.80 32.29
CA ASN J 87 11.96 -10.61 32.38
C ASN J 87 13.42 -10.95 32.14
N ALA J 88 13.66 -11.82 31.16
CA ALA J 88 15.00 -12.27 30.82
C ALA J 88 15.92 -11.12 30.38
N ASN J 89 17.20 -11.22 30.73
CA ASN J 89 18.20 -10.29 30.21
C ASN J 89 19.08 -10.94 29.13
N ARG J 90 19.45 -12.21 29.30
CA ARG J 90 20.38 -12.89 28.39
C ARG J 90 20.24 -14.40 28.32
N ILE J 91 20.76 -14.97 27.23
CA ILE J 91 20.86 -16.41 27.00
C ILE J 91 22.25 -16.62 26.41
N ALA J 92 22.88 -17.77 26.70
CA ALA J 92 24.24 -18.01 26.24
C ALA J 92 24.52 -19.49 26.00
N LEU J 93 25.01 -19.80 24.80
CA LEU J 93 25.55 -21.12 24.44
C LEU J 93 27.02 -20.87 24.22
N ASP J 94 27.88 -21.57 24.97
CA ASP J 94 29.33 -21.54 24.73
C ASP J 94 29.80 -22.95 24.36
N PHE J 95 30.29 -23.09 23.13
CA PHE J 95 31.08 -24.25 22.69
C PHE J 95 32.54 -24.02 23.07
N GLN J 96 33.03 -24.84 23.99
CA GLN J 96 34.34 -24.66 24.61
C GLN J 96 35.37 -25.63 24.00
N ARG J 97 36.59 -25.14 23.77
CA ARG J 97 37.75 -25.97 23.41
C ARG J 97 38.89 -25.65 24.39
N GLY J 98 39.08 -26.54 25.38
CA GLY J 98 40.00 -26.34 26.50
C GLY J 98 39.83 -24.96 27.11
N ASN J 99 40.88 -24.15 26.93
CA ASN J 99 40.94 -22.78 27.43
C ASN J 99 40.10 -21.75 26.61
N ASP J 100 39.54 -22.14 25.46
CA ASP J 100 38.83 -21.22 24.57
C ASP J 100 37.33 -21.44 24.47
N VAL J 101 36.65 -20.48 23.85
CA VAL J 101 35.23 -20.66 23.47
C VAL J 101 35.14 -20.55 21.98
N ALA J 102 34.90 -21.66 21.32
CA ALA J 102 34.92 -21.68 19.85
C ALA J 102 33.77 -20.90 19.24
N PHE J 103 32.59 -21.09 19.80
CA PHE J 103 31.41 -20.45 19.28
C PHE J 103 30.60 -20.00 20.48
N HIS J 104 30.48 -18.68 20.63
CA HIS J 104 29.70 -18.05 21.68
C HIS J 104 28.55 -17.46 20.93
N PHE J 105 27.34 -17.86 21.34
CA PHE J 105 26.07 -17.44 20.77
C PHE J 105 25.27 -16.84 21.91
N ASN J 106 24.96 -15.53 21.81
CA ASN J 106 24.51 -14.73 22.97
C ASN J 106 23.34 -13.79 22.64
N PRO J 107 22.11 -14.27 22.84
CA PRO J 107 20.95 -13.44 22.70
C PRO J 107 20.83 -12.50 23.88
N ARG J 108 20.73 -11.21 23.61
CA ARG J 108 20.62 -10.15 24.63
C ARG J 108 19.27 -9.43 24.45
N PHE J 109 18.44 -9.50 25.48
CA PHE J 109 17.11 -8.96 25.49
C PHE J 109 17.05 -7.42 25.57
N ASN J 110 18.13 -6.82 26.05
CA ASN J 110 18.23 -5.36 26.18
C ASN J 110 19.65 -4.79 26.13
N GLU J 111 20.04 -4.31 24.95
CA GLU J 111 21.23 -3.52 24.73
C GLU J 111 20.76 -2.17 24.12
N ASN J 112 20.63 -1.17 24.99
CA ASN J 112 20.17 0.17 24.67
C ASN J 112 18.80 0.11 24.05
N ASN J 113 17.91 -0.61 24.70
CA ASN J 113 16.56 -0.84 24.21
C ASN J 113 16.45 -1.52 22.81
N ARG J 114 17.46 -2.29 22.39
CA ARG J 114 17.34 -3.13 21.16
C ARG J 114 17.65 -4.57 21.50
N ARG J 115 16.90 -5.52 20.96
CA ARG J 115 17.28 -6.92 21.08
C ARG J 115 18.33 -7.29 20.02
N VAL J 116 19.41 -7.97 20.44
CA VAL J 116 20.47 -8.41 19.52
C VAL J 116 21.10 -9.78 19.94
N ILE J 117 21.43 -10.60 18.95
CA ILE J 117 22.21 -11.77 19.18
C ILE J 117 23.63 -11.43 18.81
N VAL J 118 24.57 -11.70 19.70
CA VAL J 118 25.98 -11.49 19.48
C VAL J 118 26.61 -12.87 19.46
N CYS J 119 27.37 -13.11 18.40
CA CYS J 119 28.13 -14.31 18.18
C CYS J 119 29.64 -14.00 18.17
N ASN J 120 30.44 -14.82 18.85
CA ASN J 120 31.88 -14.58 18.85
C ASN J 120 32.68 -15.84 19.21
N THR J 121 33.99 -15.74 19.07
CA THR J 121 34.93 -16.74 19.57
C THR J 121 35.90 -16.15 20.60
N LYS J 122 36.12 -16.85 21.72
CA LYS J 122 37.08 -16.39 22.74
C LYS J 122 38.38 -17.19 22.76
N LEU J 123 39.54 -16.56 22.47
CA LEU J 123 40.89 -17.22 22.54
C LEU J 123 41.68 -16.78 23.78
N ASP J 124 41.82 -17.71 24.75
CA ASP J 124 42.33 -17.44 26.10
C ASP J 124 41.33 -16.47 26.78
N ASN J 125 41.74 -15.21 26.94
CA ASN J 125 40.95 -14.22 27.67
C ASN J 125 40.39 -13.15 26.71
N ASN J 126 40.60 -13.34 25.41
CA ASN J 126 40.39 -12.33 24.39
C ASN J 126 39.24 -12.75 23.48
N TRP J 127 38.23 -11.89 23.38
CA TRP J 127 37.11 -12.02 22.45
C TRP J 127 37.49 -11.41 21.12
N GLY J 128 37.01 -12.00 20.02
CA GLY J 128 37.38 -11.57 18.69
C GLY J 128 36.36 -10.60 18.14
N ARG J 129 36.31 -10.54 16.81
CA ARG J 129 35.29 -9.80 16.07
C ARG J 129 33.90 -10.21 16.51
N GLU J 130 33.03 -9.24 16.74
CA GLU J 130 31.66 -9.53 17.11
C GLU J 130 30.85 -9.72 15.84
N GLU J 131 29.96 -10.70 15.83
CA GLU J 131 28.98 -10.83 14.73
C GLU J 131 27.58 -10.59 15.31
N ARG J 132 26.97 -9.50 14.88
CA ARG J 132 25.72 -8.99 15.43
C ARG J 132 24.56 -9.05 14.43
N GLN J 133 23.41 -9.48 14.95
CA GLN J 133 22.25 -9.92 14.20
C GLN J 133 21.00 -9.39 14.98
N SER J 134 20.03 -8.77 14.31
CA SER J 134 18.78 -8.36 15.02
C SER J 134 17.59 -9.31 14.98
N VAL J 135 17.61 -10.35 14.15
CA VAL J 135 16.51 -11.36 14.18
C VAL J 135 16.54 -12.05 15.55
N PHE J 136 15.40 -12.10 16.21
CA PHE J 136 15.35 -12.48 17.60
C PHE J 136 14.06 -13.21 17.92
N PRO J 137 14.05 -14.54 17.82
CA PRO J 137 12.78 -15.28 18.00
C PRO J 137 12.28 -15.53 19.42
N PHE J 138 13.15 -15.33 20.39
CA PHE J 138 12.86 -15.65 21.78
C PHE J 138 12.00 -14.54 22.36
N GLU J 139 11.09 -14.93 23.24
CA GLU J 139 10.29 -13.99 24.04
C GLU J 139 10.29 -14.52 25.44
N SER J 140 10.44 -13.63 26.42
CA SER J 140 10.20 -13.89 27.85
C SER J 140 8.97 -14.74 28.09
N GLY J 141 9.09 -15.74 28.96
CA GLY J 141 7.99 -16.60 29.40
C GLY J 141 7.57 -17.71 28.46
N LYS J 142 8.24 -17.86 27.31
CA LYS J 142 7.73 -18.69 26.23
C LYS J 142 8.66 -19.84 25.80
N PRO J 143 8.07 -21.01 25.45
CA PRO J 143 8.90 -22.18 25.06
C PRO J 143 9.80 -21.88 23.86
N PHE J 144 10.98 -22.49 23.79
CA PHE J 144 11.85 -22.35 22.60
C PHE J 144 12.55 -23.67 22.24
N LYS J 145 13.04 -23.75 21.00
CA LYS J 145 13.82 -24.90 20.53
C LYS J 145 15.03 -24.45 19.70
N ILE J 146 16.24 -24.55 20.26
CA ILE J 146 17.47 -24.23 19.54
C ILE J 146 18.13 -25.49 18.99
N GLN J 147 18.48 -25.46 17.70
CA GLN J 147 19.32 -26.48 17.10
C GLN J 147 20.56 -25.89 16.46
N VAL J 148 21.70 -26.48 16.79
CA VAL J 148 22.96 -26.21 16.11
C VAL J 148 23.37 -27.40 15.24
N LEU J 149 23.63 -27.13 13.97
CA LEU J 149 24.07 -28.13 13.01
C LEU J 149 25.50 -27.82 12.65
N VAL J 150 26.39 -28.74 13.00
CA VAL J 150 27.83 -28.60 12.70
C VAL J 150 28.07 -29.00 11.25
N GLU J 151 28.68 -28.13 10.47
CA GLU J 151 29.05 -28.44 9.10
C GLU J 151 30.59 -28.37 8.98
N PRO J 152 31.16 -28.58 7.77
CA PRO J 152 32.62 -28.53 7.68
C PRO J 152 33.21 -27.14 7.86
N ASP J 153 32.54 -26.10 7.37
CA ASP J 153 33.07 -24.73 7.45
C ASP J 153 32.32 -23.76 8.38
N HIS J 154 31.23 -24.23 8.99
CA HIS J 154 30.47 -23.38 9.89
C HIS J 154 29.45 -24.14 10.72
N PHE J 155 28.99 -23.49 11.79
CA PHE J 155 27.80 -23.89 12.53
C PHE J 155 26.64 -23.21 11.84
N LYS J 156 25.47 -23.83 11.89
CA LYS J 156 24.22 -23.25 11.46
C LYS J 156 23.32 -23.37 12.67
N VAL J 157 22.62 -22.28 12.99
CA VAL J 157 21.76 -22.24 14.15
C VAL J 157 20.35 -21.99 13.70
N ALA J 158 19.43 -22.76 14.25
CA ALA J 158 18.03 -22.60 13.95
C ALA J 158 17.24 -22.54 15.24
N VAL J 159 16.28 -21.61 15.30
CA VAL J 159 15.43 -21.44 16.45
C VAL J 159 14.04 -21.76 16.00
N ASN J 160 13.33 -22.51 16.85
CA ASN J 160 11.99 -23.03 16.57
C ASN J 160 11.72 -23.57 15.15
N ASP J 161 12.69 -24.31 14.61
CA ASP J 161 12.61 -24.93 13.28
C ASP J 161 12.67 -23.94 12.11
N ALA J 162 13.27 -22.78 12.34
CA ALA J 162 13.63 -21.84 11.27
C ALA J 162 15.11 -21.42 11.41
N HIS J 163 15.93 -21.78 10.41
CA HIS J 163 17.32 -21.26 10.30
C HIS J 163 17.36 -19.79 10.76
N LEU J 164 18.33 -19.45 11.59
CA LEU J 164 18.52 -18.09 12.07
C LEU J 164 19.79 -17.45 11.51
N LEU J 165 20.90 -18.16 11.68
CA LEU J 165 22.19 -17.66 11.26
C LEU J 165 23.18 -18.78 11.09
N GLN J 166 24.34 -18.43 10.56
CA GLN J 166 25.48 -19.31 10.53
C GLN J 166 26.75 -18.60 11.06
N TYR J 167 27.68 -19.42 11.53
CA TYR J 167 28.89 -18.92 12.15
C TYR J 167 30.11 -19.61 11.60
N ASN J 168 30.92 -18.90 10.81
CA ASN J 168 32.13 -19.50 10.22
C ASN J 168 33.11 -19.91 11.30
N HIS J 169 33.61 -21.14 11.19
CA HIS J 169 34.56 -21.67 12.16
C HIS J 169 35.81 -20.81 12.20
N ARG J 170 36.21 -20.52 13.44
CA ARG J 170 37.49 -19.89 13.72
C ARG J 170 38.42 -20.86 14.46
N VAL J 171 37.83 -21.68 15.32
CA VAL J 171 38.49 -22.85 15.87
C VAL J 171 38.26 -24.00 14.88
N LYS J 172 39.33 -24.52 14.28
CA LYS J 172 39.22 -25.51 13.16
C LYS J 172 39.40 -26.98 13.57
N LYS J 173 40.08 -27.23 14.69
CA LYS J 173 40.13 -28.58 15.28
C LYS J 173 38.81 -28.87 16.00
N LEU J 174 37.81 -29.24 15.22
CA LEU J 174 36.46 -29.46 15.71
C LEU J 174 36.35 -30.61 16.69
N ASN J 175 37.16 -31.63 16.50
CA ASN J 175 37.26 -32.76 17.45
C ASN J 175 37.60 -32.35 18.89
N GLU J 176 38.34 -31.26 19.06
CA GLU J 176 38.76 -30.75 20.39
C GLU J 176 37.66 -29.98 21.17
N ILE J 177 36.55 -29.64 20.52
CA ILE J 177 35.45 -28.89 21.13
C ILE J 177 34.60 -29.85 22.00
N SER J 178 35.02 -30.11 23.24
CA SER J 178 34.47 -31.24 24.00
C SER J 178 33.20 -30.97 24.79
N LYS J 179 32.77 -29.71 24.89
CA LYS J 179 31.64 -29.30 25.79
C LYS J 179 30.71 -28.20 25.24
N LEU J 180 29.44 -28.23 25.64
CA LEU J 180 28.50 -27.14 25.36
C LEU J 180 27.97 -26.56 26.66
N GLY J 181 28.32 -25.31 26.95
CA GLY J 181 27.81 -24.60 28.14
C GLY J 181 26.49 -23.91 27.83
N ILE J 182 25.50 -24.12 28.67
CA ILE J 182 24.20 -23.51 28.44
C ILE J 182 23.91 -22.73 29.70
N SER J 183 23.84 -21.39 29.57
CA SER J 183 23.72 -20.45 30.69
C SER J 183 22.75 -19.30 30.40
N GLY J 184 22.41 -18.59 31.47
CA GLY J 184 21.59 -17.37 31.40
C GLY J 184 20.16 -17.62 31.79
N ASP J 185 19.24 -16.77 31.33
CA ASP J 185 17.91 -16.68 31.91
C ASP J 185 16.85 -17.63 31.31
N ILE J 186 17.11 -18.93 31.37
CA ILE J 186 16.17 -19.95 30.85
C ILE J 186 15.90 -21.10 31.84
N ASP J 187 14.74 -21.73 31.69
CA ASP J 187 14.44 -23.03 32.27
C ASP J 187 14.71 -24.05 31.19
N LEU J 188 15.62 -24.96 31.49
CA LEU J 188 16.14 -25.89 30.50
C LEU J 188 15.44 -27.26 30.64
N THR J 189 14.86 -27.76 29.55
CA THR J 189 14.08 -29.01 29.56
C THR J 189 14.86 -30.22 29.03
N SER J 190 15.74 -30.02 28.06
CA SER J 190 16.52 -31.13 27.48
C SER J 190 17.64 -30.63 26.57
N ALA J 191 18.62 -31.49 26.34
CA ALA J 191 19.86 -31.14 25.66
C ALA J 191 20.54 -32.41 25.21
N SER J 192 20.36 -32.75 23.93
CA SER J 192 20.90 -33.99 23.35
C SER J 192 21.55 -33.68 22.02
N TYR J 193 22.43 -34.58 21.60
CA TYR J 193 23.02 -34.57 20.26
C TYR J 193 22.85 -35.90 19.55
N THR J 194 23.09 -35.87 18.25
CA THR J 194 22.82 -36.97 17.36
C THR J 194 23.58 -36.71 16.06
N MET J 195 23.37 -37.55 15.04
CA MET J 195 23.99 -37.40 13.72
C MET J 195 22.88 -37.43 12.66
N ILE J 196 23.06 -36.65 11.59
CA ILE J 196 22.17 -36.73 10.42
C ILE J 196 22.94 -37.13 9.14
N PRO K 59 62.20 20.72 15.94
CA PRO K 59 60.94 20.31 16.58
C PRO K 59 59.80 19.88 15.62
N LEU K 60 59.48 18.58 15.67
CA LEU K 60 58.44 17.97 14.85
C LEU K 60 57.18 18.00 15.68
N ILE K 61 56.05 17.61 15.10
CA ILE K 61 54.75 17.79 15.78
C ILE K 61 54.22 16.44 16.28
N VAL K 62 53.43 16.43 17.37
CA VAL K 62 52.88 15.18 17.93
C VAL K 62 51.37 15.29 18.09
N PRO K 63 50.53 14.36 17.55
CA PRO K 63 50.92 13.08 16.92
C PRO K 63 51.66 13.25 15.59
N TYR K 64 52.56 12.31 15.30
CA TYR K 64 53.42 12.35 14.12
C TYR K 64 53.33 11.05 13.34
N ASN K 65 52.81 11.13 12.12
CA ASN K 65 52.92 10.06 11.16
C ASN K 65 54.32 10.08 10.52
N LEU K 66 55.04 8.95 10.60
CA LEU K 66 56.30 8.76 9.87
C LEU K 66 56.00 7.81 8.72
N PRO K 67 56.08 8.33 7.48
CA PRO K 67 55.81 7.47 6.33
C PRO K 67 56.93 6.47 6.04
N LEU K 68 56.57 5.32 5.48
CA LEU K 68 57.52 4.22 5.15
C LEU K 68 57.33 3.69 3.71
N PRO K 69 57.60 4.54 2.69
CA PRO K 69 57.25 4.17 1.31
C PRO K 69 57.67 2.72 0.98
N GLY K 70 56.70 1.94 0.49
CA GLY K 70 56.89 0.49 0.29
C GLY K 70 56.99 -0.35 1.57
N GLY K 71 56.47 0.17 2.68
CA GLY K 71 56.43 -0.56 3.95
C GLY K 71 57.77 -0.97 4.53
N VAL K 72 57.72 -1.89 5.50
CA VAL K 72 58.93 -2.36 6.23
C VAL K 72 59.49 -3.65 5.64
N VAL K 73 60.78 -3.84 5.80
CA VAL K 73 61.48 -5.03 5.32
C VAL K 73 62.50 -5.40 6.39
N PRO K 74 62.88 -6.69 6.50
CA PRO K 74 63.92 -6.98 7.49
C PRO K 74 65.21 -6.17 7.31
N ARG K 75 66.04 -6.21 8.35
CA ARG K 75 67.29 -5.42 8.46
C ARG K 75 67.07 -3.87 8.56
N MET K 76 65.81 -3.44 8.65
CA MET K 76 65.42 -2.03 8.74
C MET K 76 65.53 -1.57 10.21
N LEU K 77 65.93 -0.31 10.40
CA LEU K 77 66.11 0.28 11.74
C LEU K 77 65.49 1.66 11.80
N ILE K 78 64.42 1.78 12.59
CA ILE K 78 63.75 3.05 12.85
C ILE K 78 64.29 3.61 14.15
N THR K 79 64.50 4.93 14.19
CA THR K 79 65.07 5.62 15.34
C THR K 79 64.25 6.87 15.67
N ILE K 80 63.75 6.92 16.90
CA ILE K 80 62.98 8.06 17.37
C ILE K 80 63.70 8.61 18.60
N LEU K 81 64.26 9.81 18.43
CA LEU K 81 64.78 10.61 19.53
C LEU K 81 63.69 11.58 19.97
N GLY K 82 63.67 11.87 21.28
CA GLY K 82 62.76 12.86 21.84
C GLY K 82 62.98 13.03 23.34
N THR K 83 62.02 13.69 23.97
CA THR K 83 62.04 13.98 25.40
C THR K 83 60.66 13.69 25.97
N VAL K 84 60.62 13.10 27.16
CA VAL K 84 59.35 12.82 27.86
C VAL K 84 58.89 14.08 28.57
N LYS K 85 57.61 14.38 28.49
CA LYS K 85 57.04 15.57 29.14
C LYS K 85 57.01 15.47 30.66
N PRO K 86 56.97 16.61 31.33
CA PRO K 86 56.64 16.58 32.76
C PRO K 86 55.29 15.91 32.95
N ASN K 87 55.15 15.15 34.04
CA ASN K 87 53.92 14.42 34.38
C ASN K 87 53.31 13.59 33.25
N ALA K 88 54.19 12.93 32.50
CA ALA K 88 53.78 11.99 31.44
C ALA K 88 52.88 10.88 31.96
N ASN K 89 51.77 10.65 31.25
CA ASN K 89 50.90 9.52 31.46
C ASN K 89 51.12 8.33 30.51
N ARG K 90 51.49 8.59 29.25
CA ARG K 90 51.57 7.49 28.24
C ARG K 90 52.42 7.81 27.03
N ILE K 91 52.88 6.78 26.35
CA ILE K 91 53.51 6.90 25.02
C ILE K 91 52.93 5.80 24.10
N ALA K 92 52.92 6.05 22.79
CA ALA K 92 52.45 5.05 21.82
C ALA K 92 53.24 5.18 20.51
N LEU K 93 53.87 4.07 20.10
CA LEU K 93 54.22 3.87 18.71
C LEU K 93 53.22 2.87 18.12
N ASP K 94 52.70 3.22 16.94
CA ASP K 94 51.70 2.47 16.23
C ASP K 94 52.15 2.24 14.77
N PHE K 95 52.57 1.00 14.48
CA PHE K 95 52.85 0.55 13.12
C PHE K 95 51.55 0.10 12.46
N GLN K 96 51.08 0.86 11.47
CA GLN K 96 49.76 0.60 10.83
C GLN K 96 49.77 0.10 9.38
N ARG K 97 49.08 -1.02 9.17
CA ARG K 97 48.75 -1.55 7.83
C ARG K 97 47.23 -1.50 7.56
N GLY K 98 46.86 -0.67 6.58
CA GLY K 98 45.48 -0.62 6.15
C GLY K 98 44.65 -0.10 7.30
N ASN K 99 43.77 -0.92 7.85
CA ASN K 99 42.96 -0.47 8.96
C ASN K 99 43.23 -1.26 10.25
N ASP K 100 44.49 -1.68 10.34
CA ASP K 100 45.00 -2.43 11.47
C ASP K 100 46.20 -1.69 12.09
N VAL K 101 46.53 -2.07 13.32
CA VAL K 101 47.80 -1.71 13.94
C VAL K 101 48.53 -3.01 14.14
N ALA K 102 49.60 -3.17 13.37
CA ALA K 102 50.40 -4.39 13.34
C ALA K 102 51.21 -4.54 14.61
N PHE K 103 51.69 -3.41 15.10
CA PHE K 103 52.49 -3.32 16.33
C PHE K 103 52.20 -2.00 17.04
N HIS K 104 51.57 -2.14 18.20
CA HIS K 104 51.24 -1.08 19.16
C HIS K 104 52.22 -1.26 20.31
N PHE K 105 53.01 -0.21 20.58
CA PHE K 105 54.06 -0.19 21.62
C PHE K 105 53.67 0.92 22.57
N ASN K 106 53.24 0.58 23.78
CA ASN K 106 52.50 1.52 24.63
C ASN K 106 53.03 1.60 26.09
N PRO K 107 54.04 2.46 26.33
CA PRO K 107 54.45 2.71 27.71
C PRO K 107 53.36 3.45 28.51
N ARG K 108 53.00 2.90 29.66
CA ARG K 108 52.04 3.51 30.56
C ARG K 108 52.77 3.87 31.87
N PHE K 109 52.75 5.14 32.21
CA PHE K 109 53.44 5.70 33.36
C PHE K 109 52.77 5.42 34.68
N ASN K 110 51.49 5.11 34.61
CA ASN K 110 50.76 4.76 35.80
C ASN K 110 49.56 3.88 35.42
N GLU K 111 49.66 2.61 35.81
CA GLU K 111 48.55 1.68 35.82
C GLU K 111 48.57 1.03 37.22
N ASN K 112 47.67 1.49 38.05
CA ASN K 112 47.55 1.11 39.43
C ASN K 112 48.88 1.32 40.17
N ASN K 113 49.51 2.45 39.93
CA ASN K 113 50.85 2.79 40.46
C ASN K 113 52.02 1.84 40.10
N ARG K 114 51.94 1.26 38.91
CA ARG K 114 53.06 0.54 38.33
C ARG K 114 53.29 1.08 36.94
N ARG K 115 54.51 1.08 36.49
CA ARG K 115 54.82 1.35 35.10
C ARG K 115 54.78 0.02 34.34
N VAL K 116 54.27 0.06 33.10
CA VAL K 116 54.04 -1.16 32.33
C VAL K 116 54.10 -0.80 30.85
N ILE K 117 54.82 -1.61 30.07
CA ILE K 117 54.82 -1.46 28.61
C ILE K 117 53.95 -2.55 28.07
N VAL K 118 52.92 -2.14 27.31
CA VAL K 118 51.89 -3.02 26.78
C VAL K 118 52.11 -3.04 25.28
N CYS K 119 52.16 -4.24 24.73
CA CYS K 119 52.33 -4.44 23.32
C CYS K 119 51.18 -5.31 22.84
N ASN K 120 50.69 -4.96 21.65
CA ASN K 120 49.57 -5.67 21.05
C ASN K 120 49.45 -5.36 19.57
N THR K 121 48.49 -6.04 18.97
CA THR K 121 48.14 -5.90 17.57
C THR K 121 46.62 -5.73 17.53
N LYS K 122 46.19 -4.72 16.75
CA LYS K 122 44.76 -4.38 16.53
C LYS K 122 44.33 -4.79 15.14
N LEU K 123 43.29 -5.62 15.07
CA LEU K 123 42.72 -6.06 13.75
C LEU K 123 41.33 -5.41 13.54
N ASP K 124 41.33 -4.35 12.72
CA ASP K 124 40.22 -3.39 12.55
C ASP K 124 39.83 -2.75 13.90
N ASN K 125 38.85 -3.28 14.59
CA ASN K 125 38.38 -2.73 15.86
C ASN K 125 38.81 -3.59 17.09
N ASN K 126 39.44 -4.77 16.89
CA ASN K 126 39.71 -5.69 18.02
C ASN K 126 41.21 -5.85 18.36
N TRP K 127 41.55 -5.58 19.62
CA TRP K 127 42.90 -5.81 20.16
C TRP K 127 43.07 -7.29 20.43
N GLY K 128 44.30 -7.79 20.19
CA GLY K 128 44.59 -9.20 20.38
C GLY K 128 45.02 -9.49 21.81
N ARG K 129 45.85 -10.53 21.95
CA ARG K 129 46.45 -10.98 23.23
C ARG K 129 47.35 -9.82 23.70
N GLU K 130 47.23 -9.37 24.93
CA GLU K 130 48.20 -8.34 25.37
C GLU K 130 49.53 -9.00 25.72
N GLU K 131 50.65 -8.42 25.25
CA GLU K 131 51.99 -8.75 25.79
C GLU K 131 52.48 -7.62 26.76
N ARG K 132 52.51 -7.92 28.06
CA ARG K 132 52.85 -6.96 29.12
C ARG K 132 54.30 -7.16 29.55
N GLN K 133 55.03 -6.06 29.70
CA GLN K 133 56.47 -6.08 30.08
C GLN K 133 56.66 -4.97 31.14
N SER K 134 57.28 -5.30 32.28
CA SER K 134 57.47 -4.30 33.33
C SER K 134 58.75 -3.44 33.20
N VAL K 135 59.70 -3.80 32.33
CA VAL K 135 60.91 -3.00 32.14
C VAL K 135 60.54 -1.66 31.50
N PHE K 136 61.07 -0.57 32.02
CA PHE K 136 60.53 0.75 31.72
C PHE K 136 61.63 1.80 31.87
N PRO K 137 62.40 2.06 30.78
CA PRO K 137 63.61 2.91 30.88
C PRO K 137 63.36 4.41 30.70
N PHE K 138 62.09 4.79 30.50
CA PHE K 138 61.68 6.17 30.35
C PHE K 138 61.48 6.86 31.68
N GLU K 139 61.72 8.19 31.66
CA GLU K 139 61.59 9.10 32.82
C GLU K 139 60.93 10.42 32.44
N SER K 140 59.91 10.82 33.20
CA SER K 140 59.41 12.21 33.17
C SER K 140 60.51 13.25 32.96
N GLY K 141 60.33 14.12 31.98
CA GLY K 141 61.30 15.21 31.74
C GLY K 141 62.61 14.84 31.05
N LYS K 142 62.95 13.55 30.92
CA LYS K 142 64.27 13.13 30.43
C LYS K 142 64.30 12.83 28.92
N PRO K 143 65.43 13.13 28.24
CA PRO K 143 65.57 12.64 26.84
C PRO K 143 65.47 11.11 26.70
N PHE K 144 65.16 10.61 25.50
CA PHE K 144 65.20 9.16 25.24
C PHE K 144 65.46 8.91 23.80
N LYS K 145 65.78 7.65 23.50
CA LYS K 145 65.90 7.18 22.13
C LYS K 145 65.21 5.82 22.01
N ILE K 146 64.26 5.71 21.08
CA ILE K 146 63.60 4.44 20.75
C ILE K 146 64.17 3.85 19.42
N GLN K 147 64.85 2.71 19.51
CA GLN K 147 65.26 1.96 18.32
C GLN K 147 64.41 0.72 18.11
N VAL K 148 63.85 0.59 16.90
CA VAL K 148 63.06 -0.59 16.51
C VAL K 148 63.75 -1.25 15.34
N LEU K 149 64.09 -2.53 15.51
CA LEU K 149 64.78 -3.35 14.51
C LEU K 149 63.84 -4.43 13.96
N VAL K 150 63.60 -4.42 12.65
CA VAL K 150 62.73 -5.38 12.00
C VAL K 150 63.54 -6.63 11.63
N GLU K 151 63.12 -7.79 12.13
CA GLU K 151 63.62 -9.11 11.67
C GLU K 151 62.48 -9.79 10.88
N PRO K 152 62.70 -11.02 10.37
CA PRO K 152 61.59 -11.76 9.75
C PRO K 152 60.60 -12.37 10.76
N ASP K 153 61.10 -12.82 11.90
CA ASP K 153 60.25 -13.44 12.96
C ASP K 153 59.47 -12.41 13.80
N HIS K 154 60.11 -11.25 14.07
CA HIS K 154 59.63 -10.32 15.11
C HIS K 154 60.23 -8.92 14.97
N PHE K 155 59.58 -7.92 15.57
CA PHE K 155 60.16 -6.60 15.78
C PHE K 155 61.03 -6.73 17.00
N LYS K 156 62.11 -5.96 17.08
CA LYS K 156 62.99 -5.94 18.26
C LYS K 156 63.19 -4.51 18.70
N VAL K 157 62.93 -4.22 19.99
CA VAL K 157 62.88 -2.83 20.48
C VAL K 157 63.98 -2.58 21.47
N ALA K 158 64.68 -1.46 21.25
CA ALA K 158 65.67 -0.94 22.19
C ALA K 158 65.29 0.49 22.57
N VAL K 159 65.56 0.87 23.82
CA VAL K 159 65.49 2.24 24.29
C VAL K 159 66.86 2.63 24.85
N ASN K 160 67.34 3.80 24.45
CA ASN K 160 68.58 4.39 24.96
C ASN K 160 69.72 3.43 24.77
N ASP K 161 69.77 2.78 23.61
CA ASP K 161 70.88 1.86 23.25
C ASP K 161 70.94 0.57 24.08
N ALA K 162 69.89 0.25 24.83
CA ALA K 162 69.81 -1.00 25.61
C ALA K 162 68.58 -1.78 25.17
N HIS K 163 68.79 -3.01 24.69
CA HIS K 163 67.68 -3.88 24.25
C HIS K 163 66.59 -3.96 25.33
N LEU K 164 65.33 -4.04 24.91
CA LEU K 164 64.15 -4.04 25.80
C LEU K 164 63.23 -5.24 25.63
N LEU K 165 62.77 -5.45 24.40
CA LEU K 165 61.78 -6.51 24.13
C LEU K 165 61.73 -6.91 22.67
N GLN K 166 61.09 -8.04 22.43
CA GLN K 166 60.78 -8.46 21.05
C GLN K 166 59.31 -8.87 20.97
N TYR K 167 58.66 -8.49 19.85
CA TYR K 167 57.25 -8.73 19.58
C TYR K 167 57.09 -9.56 18.31
N ASN K 168 56.55 -10.76 18.41
CA ASN K 168 56.43 -11.65 17.23
C ASN K 168 55.38 -11.13 16.29
N HIS K 169 55.70 -11.12 14.99
CA HIS K 169 54.83 -10.55 13.96
C HIS K 169 53.58 -11.36 13.97
N ARG K 170 52.46 -10.69 14.21
CA ARG K 170 51.16 -11.30 14.02
C ARG K 170 50.57 -10.94 12.66
N VAL K 171 50.96 -9.78 12.14
CA VAL K 171 50.68 -9.33 10.79
C VAL K 171 51.95 -9.59 9.99
N LYS K 172 51.88 -10.58 9.07
CA LYS K 172 53.07 -11.09 8.33
C LYS K 172 53.32 -10.36 6.97
N LYS K 173 52.30 -9.75 6.37
CA LYS K 173 52.46 -8.94 5.15
C LYS K 173 53.19 -7.61 5.47
N LEU K 174 54.49 -7.75 5.73
CA LEU K 174 55.33 -6.66 6.23
C LEU K 174 55.44 -5.49 5.25
N ASN K 175 55.44 -5.77 3.95
CA ASN K 175 55.47 -4.69 2.95
C ASN K 175 54.25 -3.74 3.00
N GLU K 176 53.11 -4.18 3.58
CA GLU K 176 51.94 -3.30 3.76
C GLU K 176 51.98 -2.36 4.98
N ILE K 177 52.86 -2.64 5.96
CA ILE K 177 52.97 -1.80 7.16
C ILE K 177 53.59 -0.45 6.71
N SER K 178 52.72 0.48 6.27
CA SER K 178 53.17 1.65 5.49
C SER K 178 53.46 2.90 6.32
N LYS K 179 52.90 2.95 7.52
CA LYS K 179 52.95 4.12 8.41
C LYS K 179 53.51 3.72 9.79
N LEU K 180 54.13 4.70 10.47
CA LEU K 180 54.38 4.63 11.93
C LEU K 180 53.83 5.90 12.61
N GLY K 181 52.77 5.76 13.40
CA GLY K 181 52.17 6.92 14.10
C GLY K 181 52.70 7.11 15.53
N ILE K 182 53.57 8.08 15.75
CA ILE K 182 54.23 8.28 17.06
C ILE K 182 53.45 9.30 17.87
N SER K 183 52.87 8.85 18.97
CA SER K 183 52.07 9.73 19.82
C SER K 183 52.32 9.53 21.33
N GLY K 184 51.66 10.38 22.13
CA GLY K 184 51.71 10.36 23.60
C GLY K 184 52.44 11.57 24.14
N ASP K 185 52.69 11.56 25.44
CA ASP K 185 53.26 12.73 26.14
C ASP K 185 54.79 12.86 25.89
N ILE K 186 55.17 13.25 24.67
CA ILE K 186 56.57 13.46 24.32
C ILE K 186 56.79 14.72 23.48
N ASP K 187 58.07 15.08 23.35
CA ASP K 187 58.52 16.14 22.45
C ASP K 187 59.32 15.38 21.45
N LEU K 188 58.83 15.30 20.23
CA LEU K 188 59.53 14.56 19.19
C LEU K 188 60.66 15.42 18.62
N THR K 189 61.87 14.84 18.54
CA THR K 189 63.09 15.56 18.13
C THR K 189 63.75 14.99 16.85
N SER K 190 63.45 13.76 16.44
CA SER K 190 63.92 13.25 15.15
C SER K 190 63.45 11.83 14.94
N ALA K 191 62.64 11.63 13.90
CA ALA K 191 62.25 10.29 13.43
C ALA K 191 62.95 10.06 12.11
N SER K 192 63.46 8.86 11.91
CA SER K 192 64.22 8.53 10.70
C SER K 192 64.34 7.01 10.57
N TYR K 193 64.81 6.55 9.43
CA TYR K 193 65.09 5.12 9.24
C TYR K 193 66.29 4.94 8.31
N THR K 194 67.05 3.88 8.54
CA THR K 194 68.16 3.49 7.70
C THR K 194 68.18 1.96 7.73
N MET K 195 69.21 1.36 7.13
CA MET K 195 69.27 -0.07 6.92
C MET K 195 70.65 -0.52 7.32
N ILE K 196 70.75 -1.28 8.41
CA ILE K 196 72.02 -1.90 8.80
C ILE K 196 72.07 -3.32 8.22
N PRO L 59 43.02 22.73 2.42
CA PRO L 59 42.80 21.76 3.49
C PRO L 59 43.86 21.72 4.62
N LEU L 60 43.65 20.78 5.55
CA LEU L 60 44.45 20.61 6.78
C LEU L 60 44.75 19.15 7.01
N ILE L 61 45.60 18.86 7.99
CA ILE L 61 46.18 17.52 8.15
C ILE L 61 45.25 16.65 9.00
N VAL L 62 45.20 15.35 8.71
CA VAL L 62 44.39 14.41 9.48
C VAL L 62 45.27 13.20 9.84
N PRO L 63 45.37 12.78 11.11
CA PRO L 63 44.56 13.27 12.25
C PRO L 63 44.81 14.72 12.61
N TYR L 64 43.77 15.37 13.12
CA TYR L 64 43.75 16.79 13.36
C TYR L 64 43.38 16.98 14.79
N ASN L 65 43.71 18.16 15.34
CA ASN L 65 43.24 18.56 16.67
C ASN L 65 42.63 19.99 16.68
N LEU L 66 41.40 20.11 17.18
CA LEU L 66 40.79 21.42 17.38
C LEU L 66 40.89 21.76 18.86
N PRO L 67 41.74 22.75 19.22
CA PRO L 67 41.80 23.11 20.63
C PRO L 67 40.50 23.82 21.10
N LEU L 68 40.05 23.51 22.31
CA LEU L 68 38.83 24.08 22.85
C LEU L 68 39.13 24.79 24.18
N PRO L 69 39.76 25.99 24.11
CA PRO L 69 40.27 26.59 25.34
C PRO L 69 39.12 27.01 26.24
N GLY L 70 39.25 26.76 27.54
CA GLY L 70 38.20 27.08 28.50
C GLY L 70 37.06 26.08 28.51
N GLY L 71 37.27 24.92 27.87
CA GLY L 71 36.36 23.79 27.97
C GLY L 71 35.20 23.80 26.99
N VAL L 72 34.25 22.91 27.26
CA VAL L 72 32.97 22.89 26.58
C VAL L 72 31.88 23.19 27.60
N VAL L 73 30.89 23.92 27.13
CA VAL L 73 29.87 24.55 27.97
C VAL L 73 28.56 24.42 27.20
N PRO L 74 27.41 24.32 27.92
CA PRO L 74 26.14 24.31 27.19
C PRO L 74 25.99 25.45 26.18
N ARG L 75 25.08 25.25 25.22
CA ARG L 75 24.82 26.19 24.11
C ARG L 75 26.01 26.43 23.17
N MET L 76 27.08 25.65 23.30
CA MET L 76 28.21 25.64 22.34
C MET L 76 27.96 24.71 21.13
N LEU L 77 28.39 25.14 19.94
CA LEU L 77 28.11 24.46 18.68
C LEU L 77 29.31 24.37 17.73
N ILE L 78 29.84 23.16 17.63
CA ILE L 78 31.03 22.87 16.82
C ILE L 78 30.56 22.49 15.42
N THR L 79 31.36 22.83 14.40
CA THR L 79 30.98 22.60 13.03
C THR L 79 32.20 22.13 12.23
N ILE L 80 32.15 20.87 11.80
CA ILE L 80 33.18 20.27 10.96
C ILE L 80 32.63 20.13 9.56
N LEU L 81 33.46 20.46 8.58
CA LEU L 81 33.08 20.43 7.17
C LEU L 81 34.19 19.73 6.44
N GLY L 82 33.81 19.01 5.39
CA GLY L 82 34.75 18.16 4.68
C GLY L 82 34.09 17.20 3.74
N THR L 83 34.88 16.22 3.31
CA THR L 83 34.51 15.34 2.22
C THR L 83 35.03 13.93 2.54
N VAL L 84 34.23 12.92 2.27
CA VAL L 84 34.62 11.55 2.56
C VAL L 84 35.57 11.08 1.45
N LYS L 85 36.61 10.35 1.85
CA LYS L 85 37.57 9.77 0.92
C LYS L 85 36.89 8.59 0.22
N PRO L 86 37.31 8.27 -1.00
CA PRO L 86 36.78 7.05 -1.63
C PRO L 86 37.25 5.81 -0.88
N ASN L 87 36.44 4.76 -0.90
CA ASN L 87 36.76 3.49 -0.20
C ASN L 87 36.97 3.68 1.31
N ALA L 88 36.22 4.62 1.91
CA ALA L 88 36.32 4.96 3.34
C ALA L 88 35.98 3.79 4.22
N ASN L 89 36.67 3.68 5.35
CA ASN L 89 36.43 2.60 6.33
C ASN L 89 35.88 3.16 7.68
N ARG L 90 36.45 4.28 8.13
CA ARG L 90 36.07 4.87 9.39
C ARG L 90 36.17 6.41 9.40
N ILE L 91 35.39 7.01 10.29
CA ILE L 91 35.54 8.40 10.70
C ILE L 91 35.48 8.43 12.22
N ALA L 92 36.22 9.35 12.83
CA ALA L 92 36.23 9.52 14.31
C ALA L 92 36.28 10.95 14.77
N LEU L 93 35.43 11.26 15.74
CA LEU L 93 35.54 12.46 16.55
C LEU L 93 35.71 12.00 17.97
N ASP L 94 36.77 12.51 18.61
CA ASP L 94 37.12 12.23 19.98
C ASP L 94 37.19 13.55 20.83
N PHE L 95 36.23 13.72 21.74
CA PHE L 95 36.24 14.85 22.68
C PHE L 95 37.09 14.35 23.81
N GLN L 96 38.27 14.96 23.98
CA GLN L 96 39.29 14.50 24.93
C GLN L 96 39.29 15.31 26.23
N ARG L 97 39.59 14.65 27.34
CA ARG L 97 39.75 15.30 28.65
C ARG L 97 40.93 14.68 29.43
N GLY L 98 42.12 15.23 29.25
CA GLY L 98 43.31 14.69 29.87
C GLY L 98 43.53 13.28 29.32
N ASN L 99 43.40 12.28 30.18
CA ASN L 99 43.68 10.86 29.81
C ASN L 99 42.44 10.07 29.40
N ASP L 100 41.34 10.76 29.12
CA ASP L 100 40.08 10.13 28.86
C ASP L 100 39.51 10.63 27.54
N VAL L 101 38.66 9.84 26.88
CA VAL L 101 37.80 10.36 25.77
C VAL L 101 36.37 10.46 26.24
N ALA L 102 35.88 11.69 26.37
CA ALA L 102 34.56 11.88 27.00
C ALA L 102 33.42 11.45 26.07
N PHE L 103 33.53 11.86 24.81
CA PHE L 103 32.58 11.47 23.77
C PHE L 103 33.34 11.10 22.51
N HIS L 104 33.25 9.80 22.15
CA HIS L 104 33.79 9.18 20.91
C HIS L 104 32.56 8.97 19.98
N PHE L 105 32.64 9.51 18.77
CA PHE L 105 31.62 9.38 17.70
C PHE L 105 32.32 8.70 16.52
N ASN L 106 31.91 7.47 16.21
CA ASN L 106 32.69 6.60 15.30
C ASN L 106 31.81 5.95 14.21
N PRO L 107 31.60 6.65 13.08
CA PRO L 107 30.97 6.00 11.93
C PRO L 107 31.89 5.01 11.32
N ARG L 108 31.39 3.81 11.14
CA ARG L 108 32.10 2.69 10.55
C ARG L 108 31.37 2.26 9.28
N PHE L 109 32.06 2.22 8.14
CA PHE L 109 31.46 1.96 6.81
C PHE L 109 31.29 0.45 6.52
N ASN L 110 32.00 -0.38 7.28
CA ASN L 110 31.87 -1.79 7.13
C ASN L 110 32.21 -2.66 8.37
N GLU L 111 31.21 -2.95 9.17
CA GLU L 111 31.31 -3.88 10.27
C GLU L 111 30.42 -5.01 9.85
N ASN L 112 31.02 -6.07 9.35
CA ASN L 112 30.30 -7.21 8.84
C ASN L 112 29.25 -6.81 7.80
N ASN L 113 29.63 -5.96 6.85
CA ASN L 113 28.74 -5.45 5.78
C ASN L 113 27.47 -4.72 6.27
N ARG L 114 27.51 -4.09 7.43
CA ARG L 114 26.51 -3.12 7.85
C ARG L 114 27.30 -1.86 8.10
N ARG L 115 26.64 -0.71 7.92
CA ARG L 115 27.18 0.58 8.31
C ARG L 115 26.60 0.84 9.68
N VAL L 116 27.38 1.47 10.57
CA VAL L 116 27.01 1.62 11.95
C VAL L 116 27.83 2.77 12.54
N ILE L 117 27.18 3.59 13.35
CA ILE L 117 27.87 4.60 14.15
C ILE L 117 27.87 4.11 15.57
N VAL L 118 29.09 4.05 16.12
CA VAL L 118 29.34 3.62 17.50
C VAL L 118 29.72 4.88 18.27
N CYS L 119 29.09 5.02 19.41
CA CYS L 119 29.35 6.11 20.34
C CYS L 119 29.77 5.50 21.69
N ASN L 120 30.76 6.11 22.35
CA ASN L 120 31.25 5.61 23.67
C ASN L 120 32.04 6.68 24.44
N THR L 121 32.44 6.30 25.65
CA THR L 121 33.35 7.06 26.49
C THR L 121 34.54 6.14 26.91
N LYS L 122 35.77 6.64 26.76
CA LYS L 122 36.98 5.95 27.28
C LYS L 122 37.58 6.61 28.58
N LEU L 123 37.58 5.84 29.68
CA LEU L 123 38.20 6.24 30.96
C LEU L 123 39.58 5.51 31.10
N ASP L 124 40.67 6.26 30.93
CA ASP L 124 42.04 5.71 30.76
C ASP L 124 42.13 4.81 29.51
N ASN L 125 42.18 3.50 29.72
CA ASN L 125 42.42 2.51 28.69
C ASN L 125 41.17 1.67 28.48
N ASN L 126 40.10 1.98 29.21
CA ASN L 126 38.86 1.22 29.25
C ASN L 126 37.67 1.91 28.56
N TRP L 127 37.12 1.23 27.54
CA TRP L 127 35.89 1.64 26.89
C TRP L 127 34.65 1.20 27.71
N GLY L 128 33.64 2.06 27.79
CA GLY L 128 32.42 1.76 28.50
C GLY L 128 31.38 1.17 27.54
N ARG L 129 30.11 1.45 27.88
CA ARG L 129 28.97 0.85 27.23
C ARG L 129 28.86 1.43 25.82
N GLU L 130 28.91 0.58 24.79
CA GLU L 130 28.74 1.01 23.39
C GLU L 130 27.29 1.40 23.16
N GLU L 131 27.13 2.54 22.48
CA GLU L 131 25.84 3.01 22.00
C GLU L 131 25.94 3.01 20.49
N ARG L 132 25.25 2.04 19.88
CA ARG L 132 25.27 1.82 18.43
C ARG L 132 24.01 2.29 17.78
N GLN L 133 24.12 2.90 16.61
CA GLN L 133 22.92 3.04 15.79
C GLN L 133 23.18 2.95 14.27
N SER L 134 22.10 2.75 13.52
CA SER L 134 22.21 2.42 12.09
C SER L 134 22.02 3.59 11.14
N VAL L 135 21.37 4.66 11.57
CA VAL L 135 21.17 5.82 10.67
C VAL L 135 22.59 6.27 10.30
N PHE L 136 22.91 6.29 9.01
CA PHE L 136 24.28 6.49 8.57
C PHE L 136 24.30 7.41 7.38
N PRO L 137 24.34 8.74 7.59
CA PRO L 137 24.24 9.73 6.48
C PRO L 137 25.42 9.90 5.56
N PHE L 138 26.57 9.31 5.86
CA PHE L 138 27.79 9.54 5.08
C PHE L 138 27.94 8.63 3.84
N GLU L 139 28.68 9.13 2.84
CA GLU L 139 28.97 8.42 1.60
C GLU L 139 30.38 8.67 1.15
N SER L 140 31.05 7.59 0.77
CA SER L 140 32.19 7.62 -0.14
C SER L 140 32.10 8.71 -1.22
N GLY L 141 32.99 9.68 -1.10
CA GLY L 141 33.20 10.67 -2.13
C GLY L 141 32.54 12.00 -1.86
N LYS L 142 31.55 12.05 -0.96
CA LYS L 142 30.67 13.21 -0.90
C LYS L 142 31.04 14.21 0.20
N PRO L 143 30.63 15.48 0.03
CA PRO L 143 30.68 16.41 1.15
C PRO L 143 29.82 15.99 2.36
N PHE L 144 30.25 16.37 3.56
CA PHE L 144 29.41 16.31 4.75
C PHE L 144 29.51 17.58 5.59
N LYS L 145 28.55 17.72 6.48
CA LYS L 145 28.62 18.63 7.61
C LYS L 145 28.26 17.84 8.87
N ILE L 146 29.12 17.90 9.88
CA ILE L 146 28.79 17.42 11.21
C ILE L 146 28.68 18.61 12.13
N GLN L 147 27.66 18.62 12.98
CA GLN L 147 27.48 19.67 13.98
C GLN L 147 27.20 19.03 15.32
N VAL L 148 27.92 19.46 16.36
CA VAL L 148 27.66 19.00 17.72
C VAL L 148 27.22 20.22 18.52
N LEU L 149 26.04 20.14 19.13
CA LEU L 149 25.56 21.14 20.04
C LEU L 149 25.65 20.48 21.40
N VAL L 150 26.31 21.17 22.32
CA VAL L 150 26.45 20.70 23.67
C VAL L 150 25.21 21.16 24.42
N GLU L 151 24.69 20.35 25.34
CA GLU L 151 23.60 20.81 26.23
C GLU L 151 23.88 20.38 27.68
N PRO L 152 23.09 20.90 28.65
CA PRO L 152 23.28 20.44 30.02
C PRO L 152 23.46 18.94 30.13
N ASP L 153 22.55 18.19 29.52
CA ASP L 153 22.41 16.74 29.73
C ASP L 153 23.23 15.83 28.80
N HIS L 154 23.65 16.35 27.65
CA HIS L 154 24.08 15.51 26.56
C HIS L 154 24.71 16.29 25.41
N PHE L 155 25.41 15.59 24.52
CA PHE L 155 25.70 16.15 23.20
C PHE L 155 24.57 15.73 22.28
N LYS L 156 24.23 16.60 21.32
CA LYS L 156 23.29 16.31 20.23
C LYS L 156 24.14 16.40 19.00
N VAL L 157 24.05 15.42 18.10
CA VAL L 157 24.75 15.47 16.79
C VAL L 157 23.80 15.55 15.59
N ALA L 158 24.18 16.32 14.58
CA ALA L 158 23.44 16.38 13.32
C ALA L 158 24.40 16.22 12.16
N VAL L 159 23.96 15.57 11.09
CA VAL L 159 24.77 15.41 9.89
C VAL L 159 23.94 15.97 8.73
N ASN L 160 24.65 16.63 7.81
CA ASN L 160 24.08 17.50 6.78
C ASN L 160 22.81 18.17 7.22
N ASP L 161 22.92 19.07 8.19
CA ASP L 161 21.79 19.91 8.61
C ASP L 161 20.55 19.09 9.04
N ALA L 162 20.74 17.91 9.65
CA ALA L 162 19.61 17.05 10.11
C ALA L 162 20.00 16.29 11.36
N HIS L 163 19.15 16.34 12.40
CA HIS L 163 19.45 15.64 13.64
C HIS L 163 19.72 14.15 13.38
N LEU L 164 20.70 13.60 14.08
CA LEU L 164 21.14 12.18 13.94
C LEU L 164 20.98 11.44 15.29
N LEU L 165 21.71 11.87 16.32
CA LEU L 165 21.61 11.23 17.63
C LEU L 165 21.93 12.16 18.81
N GLN L 166 21.59 11.70 20.01
CA GLN L 166 22.13 12.31 21.23
C GLN L 166 22.87 11.32 22.15
N TYR L 167 23.82 11.88 22.89
CA TYR L 167 24.72 11.14 23.73
C TYR L 167 24.77 11.75 25.14
N ASN L 168 24.13 11.09 26.11
CA ASN L 168 24.13 11.56 27.47
C ASN L 168 25.56 11.61 28.01
N HIS L 169 25.83 12.67 28.75
CA HIS L 169 27.17 12.91 29.28
C HIS L 169 27.54 11.86 30.30
N ARG L 170 28.73 11.30 30.16
CA ARG L 170 29.28 10.38 31.18
C ARG L 170 30.35 11.07 32.04
N VAL L 171 31.21 11.80 31.33
CA VAL L 171 32.06 12.78 31.92
C VAL L 171 31.18 14.03 32.21
N LYS L 172 31.22 14.49 33.48
CA LYS L 172 30.42 15.62 33.99
C LYS L 172 31.20 16.94 33.97
N LYS L 173 32.48 16.91 34.32
CA LYS L 173 33.32 18.12 34.30
C LYS L 173 33.60 18.57 32.87
N LEU L 174 32.58 19.20 32.29
CA LEU L 174 32.58 19.60 30.89
C LEU L 174 33.63 20.65 30.57
N ASN L 175 33.82 21.58 31.51
CA ASN L 175 34.91 22.58 31.42
C ASN L 175 36.32 22.00 31.25
N GLU L 176 36.54 20.77 31.75
CA GLU L 176 37.82 20.08 31.61
C GLU L 176 37.98 19.36 30.25
N ILE L 177 36.90 19.24 29.46
CA ILE L 177 36.99 18.72 28.09
C ILE L 177 37.63 19.79 27.21
N SER L 178 38.88 19.59 26.83
CA SER L 178 39.71 20.68 26.33
C SER L 178 40.07 20.61 24.86
N LYS L 179 39.76 19.51 24.19
CA LYS L 179 40.25 19.23 22.82
C LYS L 179 39.32 18.27 22.06
N LEU L 180 39.07 18.59 20.77
CA LEU L 180 38.34 17.71 19.85
C LEU L 180 39.31 17.20 18.82
N GLY L 181 39.57 15.89 18.88
CA GLY L 181 40.33 15.21 17.84
C GLY L 181 39.42 14.71 16.71
N ILE L 182 39.81 15.04 15.49
CA ILE L 182 39.06 14.73 14.28
C ILE L 182 39.92 13.86 13.33
N SER L 183 39.57 12.58 13.19
CA SER L 183 40.39 11.60 12.46
C SER L 183 39.58 10.72 11.50
N GLY L 184 40.29 9.86 10.76
CA GLY L 184 39.71 8.85 9.88
C GLY L 184 39.88 9.13 8.40
N ASP L 185 38.95 8.65 7.58
CA ASP L 185 39.11 8.72 6.13
C ASP L 185 38.33 9.91 5.59
N ILE L 186 38.84 11.10 5.87
CA ILE L 186 38.28 12.36 5.36
C ILE L 186 39.32 13.39 4.82
N ASP L 187 38.85 14.29 3.96
CA ASP L 187 39.52 15.54 3.61
C ASP L 187 38.77 16.58 4.44
N LEU L 188 39.51 17.40 5.16
CA LEU L 188 38.93 18.24 6.19
C LEU L 188 38.98 19.71 5.72
N THR L 189 37.81 20.27 5.37
CA THR L 189 37.68 21.64 4.86
C THR L 189 37.96 22.60 5.99
N SER L 190 37.05 22.65 6.97
CA SER L 190 37.12 23.62 8.07
C SER L 190 36.69 22.99 9.40
N ALA L 191 36.93 23.73 10.48
CA ALA L 191 36.57 23.33 11.85
C ALA L 191 36.36 24.59 12.70
N SER L 192 35.32 24.62 13.52
CA SER L 192 34.97 25.86 14.23
C SER L 192 33.95 25.68 15.35
N TYR L 193 34.35 26.04 16.56
CA TYR L 193 33.43 26.17 17.69
C TYR L 193 32.77 27.52 17.55
N THR L 194 31.74 27.77 18.33
CA THR L 194 30.99 29.04 18.32
C THR L 194 29.78 28.93 19.24
N MET L 195 29.39 30.03 19.87
CA MET L 195 28.27 30.05 20.85
C MET L 195 26.96 30.52 20.21
N ILE L 196 25.82 29.99 20.72
CA ILE L 196 24.45 30.27 20.22
C ILE L 196 23.34 30.20 21.31
C2 BGC M . -32.39 4.87 -19.21
C3 BGC M . -32.64 6.28 -18.65
C4 BGC M . -33.64 7.07 -19.54
C5 BGC M . -34.87 6.27 -19.93
C6 BGC M . -35.86 6.98 -20.88
C1 BGC M . -33.80 4.25 -19.42
O1 BGC M . -33.75 2.88 -19.71
O2 BGC M . -31.62 4.10 -18.29
O3 BGC M . -31.40 6.95 -18.46
O4 BGC M . -34.06 8.18 -18.82
O5 BGC M . -34.38 5.03 -20.48
O6 BGC M . -35.14 7.60 -21.95
C1 GAL M . -33.96 9.40 -19.55
C2 GAL M . -34.58 10.51 -18.75
C3 GAL M . -34.49 11.83 -19.51
C4 GAL M . -33.03 12.12 -19.80
C5 GAL M . -32.51 10.93 -20.59
C6 GAL M . -31.09 11.18 -21.05
O2 GAL M . -35.94 10.23 -18.51
O3 GAL M . -35.05 12.82 -18.70
O4 GAL M . -32.27 12.36 -18.59
O5 GAL M . -32.59 9.71 -19.82
O6 GAL M . -30.56 10.04 -21.69
C2 BGC N . -42.30 8.04 -28.81
C3 BGC N . -42.34 9.41 -28.19
C4 BGC N . -41.47 9.41 -26.94
C5 BGC N . -40.07 8.84 -27.22
C6 BGC N . -39.07 8.84 -26.08
C1 BGC N . -40.84 7.60 -29.01
O1 BGC N . -40.87 6.29 -29.54
O2 BGC N . -42.97 8.02 -30.05
O3 BGC N . -43.73 9.82 -27.97
O4 BGC N . -41.26 10.77 -26.59
O5 BGC N . -40.23 7.53 -27.72
O6 BGC N . -39.62 8.16 -24.93
C1 GAL N . -41.45 11.08 -25.23
C2 GAL N . -40.99 12.51 -25.04
C3 GAL N . -41.31 12.98 -23.64
C4 GAL N . -42.74 12.68 -23.26
C5 GAL N . -43.10 11.21 -23.52
C6 GAL N . -44.57 10.89 -23.38
O2 GAL N . -39.59 12.62 -25.32
O3 GAL N . -41.09 14.40 -23.61
O4 GAL N . -43.57 13.44 -24.12
O5 GAL N . -42.82 10.89 -24.87
O6 GAL N . -44.78 9.51 -23.58
C2 BGC O . -30.57 3.36 -22.62
C3 BGC O . -30.40 2.08 -23.38
C4 BGC O . -31.79 1.60 -23.85
C5 BGC O . -32.42 2.73 -24.68
C6 BGC O . -33.80 2.48 -25.24
C1 BGC O . -31.18 4.37 -23.56
O1 BGC O . -31.34 5.64 -22.94
O2 BGC O . -29.31 3.77 -22.19
O3 BGC O . -29.76 1.18 -22.51
O4 BGC O . -31.63 0.43 -24.64
O5 BGC O . -32.50 3.88 -23.86
O6 BGC O . -34.57 2.02 -24.13
C1 GAL O . -32.59 -0.57 -24.49
C2 GAL O . -32.33 -1.50 -25.61
C3 GAL O . -33.17 -2.75 -25.46
C4 GAL O . -33.00 -3.34 -24.06
C5 GAL O . -33.24 -2.24 -23.04
C6 GAL O . -33.01 -2.75 -21.64
O2 GAL O . -32.54 -0.84 -26.91
O3 GAL O . -32.70 -3.62 -26.50
O4 GAL O . -31.65 -3.89 -23.99
O5 GAL O . -32.31 -1.17 -23.25
O6 GAL O . -32.86 -1.68 -20.73
C2 BGC P . -43.49 4.23 -27.69
C3 BGC P . -43.27 2.82 -28.21
C4 BGC P . -41.83 2.37 -27.97
C5 BGC P . -41.30 2.70 -26.55
C6 BGC P . -39.81 2.42 -26.30
C1 BGC P . -42.99 4.24 -26.24
O1 BGC P . -43.31 5.42 -25.56
O2 BGC P . -44.89 4.41 -27.74
O3 BGC P . -43.70 2.72 -29.58
O4 BGC P . -41.79 0.97 -28.08
O5 BGC P . -41.56 4.08 -26.31
O6 BGC P . -39.01 2.88 -27.39
C1 GAL P . -40.76 0.54 -28.95
C2 GAL P . -40.78 -0.98 -28.83
C3 GAL P . -39.75 -1.56 -29.77
C4 GAL P . -39.97 -1.07 -31.18
C5 GAL P . -39.95 0.48 -31.14
C6 GAL P . -40.12 1.09 -32.54
O2 GAL P . -40.50 -1.33 -27.43
O3 GAL P . -39.84 -2.96 -29.65
O4 GAL P . -41.22 -1.51 -31.70
O5 GAL P . -40.96 1.02 -30.27
O6 GAL P . -40.20 2.49 -32.38
C2 BGC Q . -4.64 -1.53 -5.42
C3 BGC Q . -3.77 -1.79 -6.62
C4 BGC Q . -2.37 -1.40 -6.26
C5 BGC Q . -1.91 -2.05 -4.93
C6 BGC Q . -0.53 -1.78 -4.32
C1 BGC Q . -4.06 -2.34 -4.27
O1 BGC Q . -4.76 -2.29 -3.05
O2 BGC Q . -5.95 -1.98 -5.76
O3 BGC Q . -4.28 -1.14 -7.80
O4 BGC Q . -1.64 -1.94 -7.30
O5 BGC Q . -2.85 -1.67 -3.95
O6 BGC Q . -0.06 -0.50 -4.75
C1 GAL Q . -0.55 -1.16 -7.77
C2 GAL Q . 0.23 -1.96 -8.79
C3 GAL Q . 1.26 -1.09 -9.48
C4 GAL Q . 0.68 0.16 -10.08
C5 GAL Q . -0.04 0.84 -8.96
C6 GAL Q . -0.64 2.12 -9.48
O2 GAL Q . 0.97 -3.00 -8.13
O3 GAL Q . 1.78 -1.81 -10.58
O4 GAL Q . -0.12 -0.14 -11.27
O5 GAL Q . -1.03 0.00 -8.36
O6 GAL Q . -1.66 2.64 -8.59
C2 BGC R . 7.31 -0.08 1.99
C3 BGC R . 8.07 -0.21 0.68
C4 BGC R . 7.08 -0.66 -0.38
C5 BGC R . 5.85 0.24 -0.43
C6 BGC R . 4.75 -0.06 -1.45
C1 BGC R . 6.10 0.85 1.76
O1 BGC R . 5.32 0.87 2.93
O2 BGC R . 8.20 0.42 2.99
O3 BGC R . 9.17 -1.13 0.76
O4 BGC R . 7.82 -0.51 -1.58
O5 BGC R . 5.23 0.22 0.83
O6 BGC R . 4.54 -1.47 -1.61
C1 GAL R . 7.60 -1.51 -2.57
C2 GAL R . 8.24 -1.02 -3.87
C3 GAL R . 8.27 -2.14 -4.87
C4 GAL R . 8.95 -3.39 -4.28
C5 GAL R . 8.24 -3.73 -2.98
C6 GAL R . 8.85 -4.92 -2.27
O2 GAL R . 7.59 0.16 -4.39
O3 GAL R . 8.95 -1.65 -6.01
O4 GAL R . 10.30 -3.11 -4.03
O5 GAL R . 8.26 -2.65 -2.06
O6 GAL R . 8.08 -5.27 -1.12
C2 BGC S . -5.67 1.78 -3.20
C3 BGC S . -6.29 1.97 -1.83
C4 BGC S . -5.38 1.36 -0.76
C5 BGC S . -3.96 1.89 -0.90
C6 BGC S . -2.95 1.45 0.15
C1 BGC S . -4.21 2.22 -3.18
O1 BGC S . -3.57 1.92 -4.43
O2 BGC S . -6.29 2.58 -4.18
O3 BGC S . -7.61 1.47 -1.78
O4 BGC S . -5.90 1.80 0.46
O5 BGC S . -3.53 1.47 -2.19
O6 BGC S . -3.25 0.10 0.53
C1 GAL S . -6.13 0.82 1.45
C2 GAL S . -6.60 1.61 2.65
C3 GAL S . -6.90 0.62 3.75
C4 GAL S . -7.94 -0.43 3.34
C5 GAL S . -7.47 -1.06 2.05
C6 GAL S . -8.50 -1.97 1.47
O2 GAL S . -5.61 2.51 3.14
O3 GAL S . -7.34 1.39 4.83
O4 GAL S . -9.26 0.10 3.24
O5 GAL S . -7.15 -0.05 1.04
O6 GAL S . -7.89 -2.65 0.38
C2 BGC T . 5.22 -2.57 4.52
C3 BGC T . 4.38 -2.35 5.76
C4 BGC T . 3.10 -1.64 5.30
C5 BGC T . 2.42 -2.34 4.10
C6 BGC T . 1.09 -1.77 3.59
C1 BGC T . 4.41 -3.27 3.44
O1 BGC T . 5.19 -3.57 2.28
O2 BGC T . 6.34 -3.32 4.92
O3 BGC T . 5.21 -1.75 6.81
O4 BGC T . 2.15 -1.78 6.35
O5 BGC T . 3.37 -2.35 3.05
O6 BGC T . 1.24 -0.38 3.34
C1 GAL T . 1.33 -0.70 6.71
C2 GAL T . 0.35 -1.19 7.77
C3 GAL T . -0.42 -0.03 8.32
C4 GAL T . 0.56 1.01 8.87
C5 GAL T . 1.50 1.42 7.73
C6 GAL T . 2.56 2.45 8.06
O2 GAL T . -0.52 -2.17 7.20
O3 GAL T . -1.43 -0.43 9.27
O4 GAL T . 1.22 0.49 10.01
O5 GAL T . 2.16 0.23 7.33
O6 GAL T . 3.57 2.56 7.01
C2 BGC U . 43.11 -8.22 28.93
C3 BGC U . 42.46 -9.46 29.48
C4 BGC U . 40.94 -9.31 29.34
C5 BGC U . 40.55 -8.93 27.91
C6 BGC U . 39.04 -8.70 27.63
C1 BGC U . 42.65 -8.04 27.49
O1 BGC U . 43.18 -6.87 26.87
O2 BGC U . 44.51 -8.36 29.06
O3 BGC U . 42.92 -9.63 30.81
O4 BGC U . 40.33 -10.57 29.62
O5 BGC U . 41.29 -7.77 27.58
O6 BGC U . 38.51 -7.77 28.60
C1 GAL U . 39.20 -10.49 30.47
C2 GAL U . 38.68 -11.91 30.55
C3 GAL U . 37.54 -11.91 31.56
C4 GAL U . 37.99 -11.34 32.91
C5 GAL U . 38.53 -9.94 32.67
C6 GAL U . 39.10 -9.21 33.90
O2 GAL U . 38.19 -12.35 29.27
O3 GAL U . 37.13 -13.25 31.66
O4 GAL U . 39.00 -12.17 33.52
O5 GAL U . 39.58 -9.99 31.74
O6 GAL U . 39.61 -7.96 33.42
C2 BGC V . 30.82 -4.70 23.22
C3 BGC V . 30.18 -5.80 24.05
C4 BGC V . 31.25 -6.70 24.64
C5 BGC V . 32.27 -5.85 25.40
C6 BGC V . 33.44 -6.65 25.99
C1 BGC V . 31.77 -3.95 24.13
O1 BGC V . 32.36 -2.90 23.40
O2 BGC V . 29.84 -3.78 22.69
O3 BGC V . 29.21 -6.55 23.31
O4 BGC V . 30.63 -7.64 25.56
O5 BGC V . 32.80 -4.82 24.55
O6 BGC V . 34.01 -7.50 24.98
C1 GAL V . 31.13 -8.96 25.49
C2 GAL V . 30.59 -9.75 26.68
C3 GAL V . 30.95 -11.22 26.56
C4 GAL V . 30.64 -11.75 25.16
C5 GAL V . 31.24 -10.82 24.08
C6 GAL V . 30.83 -11.19 22.68
O2 GAL V . 31.16 -9.24 27.88
O3 GAL V . 30.20 -11.86 27.58
O4 GAL V . 29.23 -11.89 24.97
O5 GAL V . 30.74 -9.52 24.23
O6 GAL V . 31.66 -10.53 21.71
C2 BGC W . 43.10 -4.01 29.50
C3 BGC W . 43.65 -2.74 28.86
C4 BGC W . 43.02 -2.57 27.47
C5 BGC W . 41.51 -2.59 27.64
C6 BGC W . 40.69 -2.33 26.39
C1 BGC W . 41.56 -3.94 29.54
O1 BGC W . 40.93 -5.13 30.01
O2 BGC W . 43.72 -4.14 30.77
O3 BGC W . 45.06 -2.79 28.84
O4 BGC W . 43.39 -1.28 26.99
O5 BGC W . 41.11 -3.83 28.21
O6 BGC W . 41.06 -3.25 25.36
C1 GAL W . 43.75 -1.20 25.63
C2 GAL W . 43.87 0.26 25.29
C3 GAL W . 44.38 0.44 23.89
C4 GAL W . 45.64 -0.34 23.69
C5 GAL W . 45.36 -1.80 24.08
C6 GAL W . 46.58 -2.74 23.91
O2 GAL W . 42.62 0.93 25.45
O3 GAL W . 44.59 1.83 23.73
O4 GAL W . 46.64 0.24 24.53
O5 GAL W . 44.97 -1.88 25.44
O6 GAL W . 46.31 -4.00 24.53
C2 BGC X . 33.25 -4.24 20.04
C3 BGC X . 33.97 -3.19 19.24
C4 BGC X . 35.11 -2.60 20.09
C5 BGC X . 36.02 -3.73 20.64
C6 BGC X . 37.09 -3.32 21.66
C1 BGC X . 34.27 -5.28 20.46
O1 BGC X . 33.66 -6.28 21.26
O2 BGC X . 32.18 -4.80 19.30
O3 BGC X . 33.03 -2.18 18.85
O4 BGC X . 35.86 -1.73 19.24
O5 BGC X . 35.21 -4.68 21.32
O6 BGC X . 36.54 -2.58 22.77
C1 GAL X . 36.27 -0.52 19.82
C2 GAL X . 37.21 0.16 18.86
C3 GAL X . 37.58 1.51 19.41
C4 GAL X . 36.32 2.39 19.70
C5 GAL X . 35.37 1.62 20.58
C6 GAL X . 34.02 2.23 20.75
O2 GAL X . 38.36 -0.65 18.84
O3 GAL X . 38.57 2.10 18.54
O4 GAL X . 35.62 2.75 18.54
O5 GAL X . 35.14 0.31 20.10
O6 GAL X . 33.31 1.43 21.69
S SO4 Y . -38.11 14.30 -20.86
O1 SO4 Y . -37.22 15.15 -20.10
O2 SO4 Y . -37.40 13.85 -22.00
O3 SO4 Y . -39.31 15.04 -21.30
O4 SO4 Y . -38.61 13.17 -20.06
S SO4 Z . -20.66 -2.38 -10.10
O1 SO4 Z . -19.41 -1.66 -9.81
O2 SO4 Z . -21.29 -1.73 -11.26
O3 SO4 Z . -20.37 -3.79 -10.45
O4 SO4 Z . -21.48 -2.41 -8.87
S SO4 AA . -27.44 20.48 -36.78
O1 SO4 AA . -27.25 21.68 -35.92
O2 SO4 AA . -27.07 20.86 -38.16
O3 SO4 AA . -28.86 20.10 -36.67
O4 SO4 AA . -26.50 19.38 -36.49
S SO4 BA . -16.15 6.32 -14.81
O1 SO4 BA . -14.82 5.98 -14.29
O2 SO4 BA . -16.02 7.06 -16.08
O3 SO4 BA . -16.85 5.05 -15.06
O4 SO4 BA . -16.84 7.12 -13.80
S SO4 CA . -48.18 5.48 -5.86
O1 SO4 CA . -46.79 5.58 -6.32
O2 SO4 CA . -48.75 6.83 -5.76
O3 SO4 CA . -48.91 4.59 -6.81
O4 SO4 CA . -48.20 4.86 -4.49
S SO4 DA . -59.00 8.82 -32.13
O1 SO4 DA . -57.66 8.25 -32.38
O2 SO4 DA . -58.78 10.24 -31.81
O3 SO4 DA . -59.79 8.62 -33.37
O4 SO4 DA . -59.71 8.14 -31.01
S SO4 EA . -47.56 -10.26 -13.14
O1 SO4 EA . -46.79 -9.71 -12.11
O2 SO4 EA . -47.80 -9.41 -14.23
O3 SO4 EA . -48.81 -10.40 -12.54
O4 SO4 EA . -47.10 -11.51 -13.59
S SO4 FA . -36.15 -3.82 -28.42
O1 SO4 FA . -35.67 -2.58 -29.04
O2 SO4 FA . -37.02 -4.38 -29.47
O3 SO4 FA . -36.83 -3.69 -27.12
O4 SO4 FA . -35.03 -4.71 -28.13
S SO4 GA . -53.12 7.08 -41.38
O1 SO4 GA . -52.35 8.24 -41.89
O2 SO4 GA . -53.28 6.12 -42.49
O3 SO4 GA . -54.45 7.50 -40.83
O4 SO4 GA . -52.36 6.38 -40.33
S SO4 HA . -24.92 4.87 -42.64
O1 SO4 HA . -23.77 5.66 -43.12
O2 SO4 HA . -26.09 5.74 -42.72
O3 SO4 HA . -25.11 3.70 -43.53
O4 SO4 HA . -24.61 4.45 -41.25
S SO4 IA . 5.79 -1.90 -8.83
O1 SO4 IA . 7.13 -2.31 -9.01
O2 SO4 IA . 5.15 -1.86 -10.15
O3 SO4 IA . 5.05 -2.81 -7.88
O4 SO4 IA . 5.89 -0.63 -8.19
S SO4 JA . 1.48 -21.29 -7.24
O1 SO4 JA . 2.55 -21.40 -8.29
O2 SO4 JA . 0.56 -20.18 -7.58
O3 SO4 JA . 0.77 -22.56 -7.11
O4 SO4 JA . 2.04 -21.10 -5.89
S SO4 KA . -4.72 0.59 7.58
O1 SO4 KA . -4.04 0.87 8.85
O2 SO4 KA . -4.06 1.50 6.64
O3 SO4 KA . -6.18 0.82 7.66
O4 SO4 KA . -4.58 -0.78 7.07
S SO4 LA . 19.54 -7.86 10.66
O1 SO4 LA . 20.66 -7.01 11.10
O2 SO4 LA . 18.83 -7.25 9.51
O3 SO4 LA . 20.04 -9.17 10.20
O4 SO4 LA . 18.59 -8.00 11.79
S SO4 MA . -1.48 20.07 4.35
O1 SO4 MA . -0.09 19.60 4.20
O2 SO4 MA . -1.62 21.30 3.52
O3 SO4 MA . -2.41 19.03 3.86
O4 SO4 MA . -1.71 20.36 5.79
S SO4 NA . 7.56 13.43 2.40
O1 SO4 NA . 8.47 14.34 1.68
O2 SO4 NA . 6.19 13.97 2.23
O3 SO4 NA . 7.70 12.03 1.90
O4 SO4 NA . 7.92 13.41 3.84
S SO4 OA . 18.21 2.27 14.67
O1 SO4 OA . 19.38 3.00 14.12
O2 SO4 OA . 17.37 1.72 13.57
O3 SO4 OA . 17.37 3.16 15.51
O4 SO4 OA . 18.71 1.19 15.55
S SO4 PA . 33.46 -13.10 29.93
O1 SO4 PA . 34.12 -13.56 28.71
O2 SO4 PA . 33.31 -11.64 29.82
O3 SO4 PA . 32.14 -13.62 30.17
O4 SO4 PA . 34.33 -13.50 31.05
S SO4 QA . 25.70 0.56 42.66
O1 SO4 QA . 27.08 1.06 42.83
O2 SO4 QA . 25.57 0.14 41.25
O3 SO4 QA . 24.77 1.68 42.89
O4 SO4 QA . 25.39 -0.58 43.57
S SO4 RA . 42.73 -24.01 15.70
O1 SO4 RA . 43.91 -24.54 14.94
O2 SO4 RA . 41.93 -23.22 14.73
O3 SO4 RA . 41.95 -25.12 16.34
O4 SO4 RA . 43.20 -23.08 16.77
S SO4 SA . 41.71 2.60 20.87
O1 SO4 SA . 42.90 2.07 20.21
O2 SO4 SA . 40.79 3.17 19.87
O3 SO4 SA . 41.08 1.53 21.68
O4 SO4 SA . 42.05 3.74 21.73
S SO4 TA . 48.54 -10.90 7.37
O1 SO4 TA . 49.37 -9.77 6.91
O2 SO4 TA . 48.42 -11.88 6.25
O3 SO4 TA . 47.18 -10.44 7.77
O4 SO4 TA . 49.21 -11.60 8.51
S SO4 UA . 48.65 -14.54 18.56
O1 SO4 UA . 48.55 -14.20 17.10
O2 SO4 UA . 50.06 -14.35 18.94
O3 SO4 UA . 48.24 -15.95 18.80
O4 SO4 UA . 47.80 -13.60 19.34
S SO4 VA . 33.73 13.24 35.85
O1 SO4 VA . 34.78 12.22 35.65
O2 SO4 VA . 34.03 14.42 34.99
O3 SO4 VA . 32.42 12.70 35.46
O4 SO4 VA . 33.65 13.68 37.28
#